data_8E56
#
_entry.id   8E56
#
_cell.length_a   1.00
_cell.length_b   1.00
_cell.length_c   1.00
_cell.angle_alpha   90.00
_cell.angle_beta   90.00
_cell.angle_gamma   90.00
#
_symmetry.space_group_name_H-M   'P 1'
#
loop_
_entity.id
_entity.type
_entity.pdbx_description
1 polymer 'Voltage-dependent L-type calcium channel subunit alpha-1S'
2 polymer 'Voltage-dependent calcium channel gamma-1 subunit'
3 polymer 'Voltage-dependent calcium channel subunit alpha-2/delta-1'
4 branched 2-acetamido-2-deoxy-beta-D-glucopyranose-(1-4)-2-acetamido-2-deoxy-beta-D-glucopyranose
5 branched 2-acetamido-2-deoxy-beta-D-glucopyranose-(1-4)-2-acetamido-2-deoxy-beta-D-glucopyranose-(1-4)-2-acetamido-2-deoxy-beta-D-glucopyranose
6 branched beta-D-mannopyranose-(1-4)-2-acetamido-2-deoxy-beta-D-glucopyranose-(1-4)-2-acetamido-2-deoxy-beta-D-glucopyranose
7 non-polymer 'CALCIUM ION'
8 non-polymer (2-butyl-1-benzofuran-3-yl){4-[2-(diethylamino)ethoxy]-3,5-diiodophenyl}methanone
9 non-polymer 1,2-Distearoyl-sn-glycerophosphoethanolamine
10 non-polymer 2-acetamido-2-deoxy-beta-D-glucopyranose
#
loop_
_entity_poly.entity_id
_entity_poly.type
_entity_poly.pdbx_seq_one_letter_code
_entity_poly.pdbx_strand_id
1 'polypeptide(L)'
;MEPSSPQDEGLRKKQPKKPLPEVLPRPPRALFCLTLQNPLRKACISIVEWKPFETIILLTIFANCVALAVYLPMPEDDNN
SLNLGLEKLEYFFLTVFSIEAAMKIIAYGFLFHQDAYLRSGWNVLDFIIVFLGVFTAILEQVNVIQSNTAPMSSKGAGLD
VKALRAFRVLRPLRLVSGVPSLQVVLNSIFKAMLPLFHIALLVLFMVIIYAIIGLELFKGKMHKTCYYIGTDIVATVENE
KPSPCARTGSGRPCTINGSECRGGWPGPNHGITHFDNFGFSMLTVYQCITMEGWTDVLYWVNDAIGNEWPWIYFVTLILL
GSFFILNLVLGVLSGEFTKEREKAKSRGTFQKLREKQQLEEDLRGYMSWITQGEVMDVEDLREGKLSLEEGGSDTESLYE
IEGLNKIIQFIRHWRQWNRVFRWKCHDLVKSRVFYWLVILIVALNTLSIASEHHNQPLWLTHLQDIANRVLLSLFTIEML
LKMYGLGLRQYFMSIFNRFDCFVVCSGILELLLVESGAMTPLGISVLRCIRLLRLFKITKYWTSLSNLVASLLNSIRSIA
SLLLLLFLFIIIFALLGMQLFGGRYDFEDTEVRRSNFDNFPQALISVFQVLTGEDWNSVMYNGIMAYGGPSYPGVLVCIY
FIILFVCGNYILLNVFLAIAVDNLAEAESLTSAQKAKAEERKRRKMSRGLPDKTEEEKSVMAKKLEQKPKGEGIPTTAKL
KVDEFESNVNEVKDPYPSADFPGDDEEDEPEIPVSPRPRPLAELQLKEKAVPIPEASSFFIFSPTNKVRVLCHRIVNATW
FTNFILLFILLSSAALAAEDPIRAESVRNQILGYFDIAFTSVFTVEIVLKMTTYGAFLHKGSFCRNYFNILDLLVVAVSL
ISMGLESSTISVVKILRVLRVLRPLRAINRAKGLKHVVQCVFVAIRTIGNIVLVTTLLQFMFACIGVQLFKGKFFSCNDL
SKMTEEECRGYYYVYKDGDPTQMELRPRQWIHNDFHFDNVLSAMMSLFTVSTFEGWPQLLYRAIDSNEEDMGPVYNNRVE
MAIFFIIYIILIAFFMMNIFVGFVIVTFQEQGETEYKNCELDKNQRQCVQYALKARPLRCYIPKNPYQYQVWYVVTSSYF
EYLMFALIMLNTICLGMQHYHQSEEMNHISDILNVAFTIIFTLEMILKLLAFKARGYFGDPWNVFDFLIVIGSIIDVILS
EIDTFLASSGGLYCLGGGCGNVDPDESARISSAFFRLFRVMRLIKLLSRAEGVRTLLWTFIKSFQALPYVALLIVMLFFI
YAVIGMQMFGKIALVDGTQINRNNNFQTFPQAVLLLFRCATGEAWQEILLACSYGKLCDPESDYAPGEEYTCGTNFAYYY
FISFYMLCAFLIINLFVAVIMDNFDYLTRDWSILGPHHLDEFKAIWAEYDPEAKGRIKHLDVVTLLRRIQPPLGFGKFCP
HRVACKRLVGMNMPLNSDGTVTFNATLFALVRTALKIKTEGNFEQANEELRAIIKKIWKRTSMKLLDQVIPPIGDDEVTV
GKFYATFLIQEHFRKFMKRQEEYYGYRPKKDTVQIQAGLRTIEEEAAPEIRRTISGDLTAEEELERAMVEAAMEERIFRR
TGGLFGQVDTFLERTNSLPPVMANQRPLQFAEIEMEELESPVFLEDFPQDARTNPLARANTNNANANVAYGNSNHSNNQM
FSSVHCEREFPGEAETPAAGRGALSHSHRALGPHSKPCAGKLNGQLVQPGMPINQAPPAPCQQPSTDPPERGQRRTSLTG
SLQDEAPQRRSSEGSTPRRPAPATALLIQEALVRGGLDTLAADAGFVTATSQALADACQMEPEEVEVAATELLKARESVQ
GMASVPGSLSRRSSLGSLDQVQGSQETLIPPRP
;
A
2 'polypeptide(L)'
;MSPTEAPKVRVTLFCILVGIVLAMTAVVSDHWAVLSPHMENHNTTCEAAHFGLWRICTKRIALGEDRSCGPITLPGEKNC
SYFRHFNPGESSEIFEFTTQKEYSISAAAISVFSLGFLIMGTICALMAFRKKRDYLLRPASMFYVFAGLCLFVSLEVMRQ
SVKRMIDSEDTVWIEYYYSWSFACACAAFVLLFLGGISLLLFSLPRMPQNPWESCMDAEPEH
;
E
3 'polypeptide(L)'
;MAAGRPLAWTLTLWQAWLILIGPSSEEPFPSAVTIKSWVDKMQEDLVTLAKTASGVHQLVDIYEKYQDLYTVEPNNARQL
VEIAARDIEKLLSNRSKALVRLALEAEKVQAAHQWREDFASNEVVYYNAKDDLDPEKNDSEPGSQRIKPVFIDDANFRRQ
VSYQHAAVHIPTDIYEGSTIVLNELNWTSALDDVFKKNREEDPSLLWQVFGSATGLARYYPASPWVDNSRTPNKIDLYDV
RRRPWYIQGAASPKDMLILVDVSGSVSGLTLKLIRTSVSEMLETLSDDDFVNVASFNSNAQDVSCFQHLVQANVRNKKVL
KDAVNNITAKGITDYKKGFSFAFEQLLNYNVSRANCNKIIMLFTDGGEERAQEIFAKYNKDKKVRVFTFSVGQHNYDRGP
IQWMACENKGYYYEIPSIGAIRINTQEYLDVLGRPMVLAGDKAKQVQWTNVYLDALELGLVITGTLPVFNITGQFENKTN
LKNQLILGVMGVDVSLEDIKRLTPRFTLCPNGYYFAIDPNGYVLLHPNLQPKPIGVGIPTINLRKRRPNVQNPKSQEPVT
LDFLDAELENDIKVEIRNKMIDGESGEKTFRTLVKSQDERYIDKGNRTYTWTPVNGTDYSSLALVLPTYSFYYIKAKIEE
TITQARYSETLKPDNFEESGYTFLAPRDYCSDLKPSDNNTEFLLNFNEFIDRKTPNNPSCNTDLINRVLLDAGFTNELVQ
NYWSKQKNIKGVKARFVVTDGGITRVYPKEAGENWQENPETYEDSFYKRSLDNDNYVFTAPYFNKSGPGAYESGIMVSKA
VEIYIQGKLLKPAVVGIKIDVNSWIENFTKTSIRDPCAGPVCDCKRNSDVMDCVILDDGGFLLMANHDDYTNQIGRFFGE
IDPSLMRHLVNISVYAFNKSYDYQSVCEPGAAPKQGAGHRSAYVPSIADILQIGWWATAAAWSILQQFLLSLTFPRLLEA
ADMEDDDFTASMSKQSCITEQTQYFFDNDSKSFSGVLDCGNCSRIFHVEKLMNTNLIFIMVESKGTCPCDTRLLIQAEQT
SDGPDPCDMVKQPRYRKGPDVCFDNNVLEDYTDCGGVSGLNPSLWSIIGIQFVLLWLVSGSRHCLL
;
F
#
# COMPACT_ATOMS: atom_id res chain seq x y z
N GLN A 37 47.13 49.24 -17.35
CA GLN A 37 47.55 49.37 -18.73
C GLN A 37 47.09 50.69 -19.33
N ASN A 38 45.76 50.83 -19.46
CA ASN A 38 45.21 52.05 -20.01
C ASN A 38 45.39 53.21 -19.03
N PRO A 39 45.41 54.46 -19.53
CA PRO A 39 45.61 55.60 -18.63
C PRO A 39 44.46 55.77 -17.63
N LEU A 40 44.58 56.75 -16.74
CA LEU A 40 43.61 56.93 -15.67
C LEU A 40 42.37 57.66 -16.18
N ARG A 41 41.77 57.16 -17.26
CA ARG A 41 40.51 57.69 -17.77
C ARG A 41 39.30 57.05 -17.11
N LYS A 42 39.44 55.81 -16.62
CA LYS A 42 38.35 55.11 -15.96
C LYS A 42 38.74 54.47 -14.64
N ALA A 43 40.02 54.20 -14.40
CA ALA A 43 40.47 53.50 -13.20
C ALA A 43 40.71 54.47 -12.04
N CYS A 44 39.72 55.30 -11.75
CA CYS A 44 39.77 56.20 -10.60
C CYS A 44 39.11 55.61 -9.36
N ILE A 45 38.63 54.38 -9.44
CA ILE A 45 37.99 53.69 -8.33
C ILE A 45 38.85 52.55 -7.80
N SER A 46 40.12 52.48 -8.19
CA SER A 46 41.00 51.44 -7.68
C SER A 46 41.42 51.70 -6.25
N ILE A 47 41.30 52.94 -5.77
CA ILE A 47 41.68 53.25 -4.40
C ILE A 47 40.71 52.63 -3.41
N VAL A 48 39.41 52.69 -3.71
CA VAL A 48 38.39 52.20 -2.78
C VAL A 48 38.45 50.68 -2.65
N GLU A 49 39.12 49.99 -3.57
CA GLU A 49 39.27 48.54 -3.44
C GLU A 49 40.07 48.18 -2.19
N TRP A 50 41.14 48.93 -1.92
CA TRP A 50 41.97 48.65 -0.74
C TRP A 50 41.25 48.96 0.56
N LYS A 51 40.24 49.84 0.53
CA LYS A 51 39.35 50.04 1.66
C LYS A 51 38.73 48.71 2.07
N PRO A 52 38.27 48.57 3.32
CA PRO A 52 37.60 47.32 3.70
C PRO A 52 36.30 47.10 2.95
N PHE A 53 36.42 47.08 1.62
CA PHE A 53 35.31 46.77 0.73
C PHE A 53 34.99 45.28 0.74
N GLU A 54 35.93 44.45 1.16
CA GLU A 54 35.70 43.00 1.20
C GLU A 54 34.82 42.59 2.36
N THR A 55 34.92 43.27 3.51
CA THR A 55 34.11 42.90 4.67
C THR A 55 32.62 43.14 4.41
N ILE A 56 32.29 44.28 3.81
CA ILE A 56 30.88 44.55 3.53
C ILE A 56 30.34 43.59 2.49
N ILE A 57 31.17 43.19 1.52
CA ILE A 57 30.74 42.22 0.53
C ILE A 57 30.54 40.84 1.18
N LEU A 58 31.41 40.48 2.12
CA LEU A 58 31.23 39.23 2.85
C LEU A 58 29.93 39.24 3.64
N LEU A 59 29.63 40.36 4.30
CA LEU A 59 28.37 40.48 5.03
C LEU A 59 27.18 40.42 4.08
N THR A 60 27.32 41.03 2.89
CA THR A 60 26.26 40.96 1.89
C THR A 60 26.00 39.53 1.44
N ILE A 61 27.06 38.77 1.20
CA ILE A 61 26.88 37.37 0.78
C ILE A 61 26.29 36.55 1.92
N PHE A 62 26.68 36.85 3.17
CA PHE A 62 26.07 36.17 4.31
C PHE A 62 24.58 36.46 4.38
N ALA A 63 24.19 37.70 4.17
CA ALA A 63 22.76 38.05 4.15
C ALA A 63 22.04 37.35 3.01
N ASN A 64 22.69 37.25 1.85
CA ASN A 64 22.09 36.55 0.72
C ASN A 64 21.90 35.07 1.03
N CYS A 65 22.88 34.45 1.69
CA CYS A 65 22.74 33.05 2.09
C CYS A 65 21.60 32.88 3.10
N VAL A 66 21.47 33.83 4.03
CA VAL A 66 20.36 33.78 4.97
C VAL A 66 19.03 33.89 4.25
N ALA A 67 18.93 34.79 3.27
CA ALA A 67 17.70 34.95 2.51
C ALA A 67 17.39 33.68 1.71
N LEU A 68 18.41 33.02 1.18
CA LEU A 68 18.21 31.75 0.50
C LEU A 68 17.72 30.68 1.45
N ALA A 69 18.25 30.66 2.68
CA ALA A 69 17.87 29.64 3.65
C ALA A 69 16.42 29.79 4.09
N VAL A 70 15.95 31.02 4.29
CA VAL A 70 14.60 31.24 4.79
C VAL A 70 13.53 31.09 3.73
N TYR A 71 13.91 30.93 2.47
CA TYR A 71 12.93 30.72 1.41
C TYR A 71 12.20 29.40 1.63
N LEU A 72 10.88 29.43 1.44
CA LEU A 72 10.05 28.24 1.65
C LEU A 72 9.54 27.73 0.31
N PRO A 73 10.01 26.57 -0.17
CA PRO A 73 9.51 26.05 -1.44
C PRO A 73 8.07 25.52 -1.29
N MET A 74 7.19 25.99 -2.17
CA MET A 74 5.79 25.64 -2.13
C MET A 74 5.41 24.79 -3.34
N PRO A 75 4.51 23.82 -3.16
CA PRO A 75 4.11 22.98 -4.29
C PRO A 75 3.15 23.68 -5.25
N GLU A 76 3.23 23.26 -6.51
CA GLU A 76 2.23 23.61 -7.53
C GLU A 76 2.02 25.11 -7.65
N ASP A 77 3.12 25.85 -7.75
CA ASP A 77 3.10 27.29 -8.02
C ASP A 77 2.33 28.05 -6.94
N ASP A 78 2.68 27.81 -5.69
CA ASP A 78 2.12 28.54 -4.56
C ASP A 78 3.19 29.44 -3.96
N ASN A 79 2.74 30.40 -3.14
CA ASN A 79 3.63 31.36 -2.54
C ASN A 79 3.02 31.91 -1.26
N ASN A 80 3.85 32.54 -0.44
CA ASN A 80 3.41 33.29 0.72
C ASN A 80 4.04 34.68 0.67
N SER A 81 3.74 35.50 1.68
CA SER A 81 4.21 36.88 1.69
C SER A 81 5.72 36.97 1.77
N LEU A 82 6.35 36.11 2.59
CA LEU A 82 7.79 36.16 2.75
C LEU A 82 8.52 35.81 1.46
N ASN A 83 8.02 34.79 0.74
CA ASN A 83 8.65 34.42 -0.52
C ASN A 83 8.57 35.53 -1.54
N LEU A 84 7.42 36.21 -1.61
CA LEU A 84 7.30 37.37 -2.50
C LEU A 84 8.23 38.49 -2.08
N GLY A 85 8.40 38.69 -0.76
CA GLY A 85 9.31 39.70 -0.29
C GLY A 85 10.77 39.39 -0.55
N LEU A 86 11.13 38.10 -0.66
CA LEU A 86 12.50 37.73 -0.98
C LEU A 86 12.78 37.78 -2.47
N GLU A 87 11.77 37.68 -3.32
CA GLU A 87 11.97 37.85 -4.76
C GLU A 87 12.34 39.28 -5.10
N LYS A 88 11.96 40.24 -4.27
CA LYS A 88 12.36 41.63 -4.46
C LYS A 88 13.70 41.95 -3.83
N LEU A 89 14.03 41.31 -2.70
CA LEU A 89 15.31 41.55 -2.05
C LEU A 89 16.47 41.05 -2.89
N GLU A 90 16.26 39.98 -3.67
CA GLU A 90 17.33 39.47 -4.51
C GLU A 90 17.73 40.43 -5.62
N TYR A 91 16.89 41.43 -5.91
CA TYR A 91 17.31 42.51 -6.80
C TYR A 91 18.38 43.38 -6.16
N PHE A 92 18.30 43.58 -4.83
CA PHE A 92 19.30 44.36 -4.14
C PHE A 92 20.67 43.69 -4.19
N PHE A 93 20.70 42.38 -4.00
CA PHE A 93 21.97 41.66 -4.11
C PHE A 93 22.50 41.67 -5.53
N LEU A 94 21.62 41.49 -6.52
CA LEU A 94 22.05 41.42 -7.90
C LEU A 94 22.71 42.72 -8.36
N THR A 95 22.11 43.87 -8.00
CA THR A 95 22.68 45.14 -8.44
C THR A 95 24.01 45.40 -7.75
N VAL A 96 24.15 45.01 -6.48
CA VAL A 96 25.42 45.18 -5.78
C VAL A 96 26.50 44.34 -6.43
N PHE A 97 26.18 43.08 -6.74
CA PHE A 97 27.17 42.22 -7.39
C PHE A 97 27.54 42.75 -8.76
N SER A 98 26.55 43.24 -9.51
CA SER A 98 26.83 43.77 -10.85
C SER A 98 27.70 45.02 -10.79
N ILE A 99 27.44 45.92 -9.83
CA ILE A 99 28.28 47.11 -9.74
C ILE A 99 29.69 46.76 -9.26
N GLU A 100 29.82 45.76 -8.37
CA GLU A 100 31.16 45.32 -7.99
C GLU A 100 31.90 44.76 -9.20
N ALA A 101 31.22 43.95 -10.02
CA ALA A 101 31.83 43.41 -11.22
C ALA A 101 32.23 44.53 -12.19
N ALA A 102 31.38 45.54 -12.33
CA ALA A 102 31.70 46.67 -13.21
C ALA A 102 32.90 47.45 -12.70
N MET A 103 32.98 47.69 -11.39
CA MET A 103 34.13 48.41 -10.84
C MET A 103 35.42 47.62 -11.02
N LYS A 104 35.38 46.31 -10.78
CA LYS A 104 36.60 45.52 -10.91
C LYS A 104 36.98 45.28 -12.37
N ILE A 105 36.01 45.29 -13.29
CA ILE A 105 36.32 44.98 -14.68
C ILE A 105 36.92 46.17 -15.40
N ILE A 106 36.66 47.40 -14.93
CA ILE A 106 37.23 48.57 -15.57
C ILE A 106 38.54 49.00 -14.91
N ALA A 107 38.71 48.72 -13.61
CA ALA A 107 39.97 49.03 -12.96
C ALA A 107 41.11 48.18 -13.52
N TYR A 108 40.84 46.92 -13.80
CA TYR A 108 41.85 46.02 -14.34
C TYR A 108 41.59 45.74 -15.83
N SER A 120 42.63 35.69 -14.58
CA SER A 120 41.76 36.23 -13.54
C SER A 120 41.91 35.44 -12.24
N GLY A 121 41.58 34.15 -12.30
CA GLY A 121 41.67 33.29 -11.14
C GLY A 121 40.32 32.94 -10.56
N TRP A 122 40.10 33.30 -9.29
CA TRP A 122 38.81 33.05 -8.65
C TRP A 122 37.72 33.99 -9.11
N ASN A 123 38.07 35.06 -9.83
CA ASN A 123 37.08 36.06 -10.22
C ASN A 123 36.18 35.59 -11.36
N VAL A 124 36.56 34.52 -12.06
CA VAL A 124 35.71 34.01 -13.14
C VAL A 124 34.41 33.45 -12.57
N LEU A 125 34.48 32.78 -11.42
CA LEU A 125 33.28 32.24 -10.80
C LEU A 125 32.32 33.36 -10.40
N ASP A 126 32.85 34.47 -9.88
CA ASP A 126 32.01 35.60 -9.53
C ASP A 126 31.31 36.17 -10.74
N PHE A 127 32.04 36.31 -11.85
CA PHE A 127 31.44 36.81 -13.08
C PHE A 127 30.35 35.86 -13.59
N ILE A 128 30.60 34.56 -13.54
CA ILE A 128 29.58 33.60 -13.99
C ILE A 128 28.34 33.69 -13.10
N ILE A 129 28.53 33.81 -11.79
CA ILE A 129 27.40 33.90 -10.88
C ILE A 129 26.58 35.15 -11.16
N VAL A 130 27.25 36.29 -11.29
CA VAL A 130 26.53 37.55 -11.52
C VAL A 130 25.85 37.54 -12.89
N PHE A 131 26.50 36.98 -13.90
CA PHE A 131 25.90 36.94 -15.22
C PHE A 131 24.68 36.04 -15.25
N LEU A 132 24.77 34.87 -14.62
CA LEU A 132 23.61 33.98 -14.55
C LEU A 132 22.47 34.64 -13.77
N GLY A 133 22.78 35.33 -12.67
CA GLY A 133 21.74 35.99 -11.92
C GLY A 133 21.03 37.08 -12.72
N VAL A 134 21.80 37.92 -13.39
CA VAL A 134 21.22 38.99 -14.19
C VAL A 134 20.42 38.41 -15.36
N PHE A 135 20.96 37.38 -16.01
CA PHE A 135 20.26 36.76 -17.13
C PHE A 135 18.94 36.15 -16.69
N THR A 136 18.94 35.45 -15.55
CA THR A 136 17.70 34.89 -15.03
C THR A 136 16.70 35.98 -14.68
N ALA A 137 17.18 37.06 -14.05
CA ALA A 137 16.28 38.14 -13.65
C ALA A 137 15.64 38.80 -14.86
N ILE A 138 16.40 39.02 -15.93
CA ILE A 138 15.83 39.67 -17.10
C ILE A 138 14.98 38.71 -17.92
N LEU A 139 15.29 37.40 -17.89
CA LEU A 139 14.51 36.44 -18.65
C LEU A 139 13.18 36.13 -17.98
N GLU A 140 13.14 36.09 -16.65
CA GLU A 140 11.91 35.69 -15.97
C GLU A 140 10.82 36.75 -16.03
N GLN A 141 11.15 37.98 -16.40
CA GLN A 141 10.18 39.07 -16.44
C GLN A 141 9.74 39.43 -17.86
N VAL A 142 10.14 38.67 -18.87
CA VAL A 142 9.68 38.91 -20.23
C VAL A 142 8.64 37.89 -20.69
N ASN A 143 8.47 36.78 -19.97
CA ASN A 143 7.49 35.78 -20.34
C ASN A 143 6.05 36.25 -20.13
N VAL A 144 5.85 37.32 -19.35
CA VAL A 144 4.51 37.83 -19.10
C VAL A 144 4.08 38.79 -20.19
N VAL A 161 12.18 28.41 -18.07
CA VAL A 161 11.39 28.02 -16.89
C VAL A 161 12.12 28.42 -15.62
N LYS A 162 11.66 27.89 -14.49
CA LYS A 162 12.23 28.20 -13.18
C LYS A 162 13.46 27.37 -12.86
N ALA A 163 14.05 26.68 -13.84
CA ALA A 163 15.23 25.87 -13.58
C ALA A 163 16.48 26.71 -13.39
N LEU A 164 16.48 27.97 -13.86
CA LEU A 164 17.67 28.80 -13.72
C LEU A 164 17.90 29.22 -12.27
N ARG A 165 16.83 29.28 -11.47
CA ARG A 165 16.97 29.61 -10.06
C ARG A 165 17.85 28.62 -9.31
N ALA A 166 17.97 27.38 -9.82
CA ALA A 166 18.85 26.40 -9.21
C ALA A 166 20.31 26.83 -9.28
N PHE A 167 20.64 27.79 -10.14
CA PHE A 167 22.00 28.33 -10.20
C PHE A 167 22.27 29.34 -9.09
N ARG A 168 21.24 29.77 -8.36
CA ARG A 168 21.45 30.71 -7.26
C ARG A 168 22.10 30.07 -6.05
N VAL A 169 22.21 28.74 -6.01
CA VAL A 169 22.84 28.07 -4.88
C VAL A 169 24.36 28.07 -4.95
N LEU A 170 24.93 28.59 -6.05
CA LEU A 170 26.38 28.73 -6.15
C LEU A 170 26.90 29.97 -5.45
N ARG A 171 26.01 30.90 -5.09
CA ARG A 171 26.44 32.12 -4.40
C ARG A 171 27.19 31.88 -3.10
N PRO A 172 26.83 30.89 -2.26
CA PRO A 172 27.66 30.64 -1.07
C PRO A 172 29.12 30.34 -1.38
N LEU A 173 29.43 29.82 -2.57
CA LEU A 173 30.82 29.57 -2.92
C LEU A 173 31.63 30.86 -2.90
N ARG A 174 30.97 32.02 -3.02
CA ARG A 174 31.68 33.28 -2.97
C ARG A 174 32.36 33.51 -1.62
N LEU A 175 31.85 32.89 -0.54
CA LEU A 175 32.58 32.95 0.73
C LEU A 175 33.99 32.41 0.59
N VAL A 176 34.16 31.36 -0.21
CA VAL A 176 35.50 30.82 -0.44
C VAL A 176 36.38 31.89 -1.10
N SER A 177 35.79 32.68 -2.00
CA SER A 177 36.54 33.76 -2.62
C SER A 177 36.93 34.86 -1.63
N GLY A 178 36.25 34.93 -0.48
CA GLY A 178 36.51 35.99 0.48
C GLY A 178 37.48 35.66 1.59
N VAL A 179 37.83 34.38 1.76
CA VAL A 179 38.75 33.95 2.80
C VAL A 179 39.90 33.19 2.15
N PRO A 180 41.14 33.70 2.21
CA PRO A 180 42.26 32.97 1.58
C PRO A 180 42.51 31.60 2.19
N SER A 181 42.24 31.42 3.49
CA SER A 181 42.43 30.11 4.11
C SER A 181 41.53 29.05 3.46
N LEU A 182 40.28 29.41 3.18
CA LEU A 182 39.40 28.48 2.47
C LEU A 182 39.92 28.17 1.08
N GLN A 183 40.50 29.17 0.41
CA GLN A 183 41.06 28.94 -0.92
C GLN A 183 42.21 27.94 -0.86
N VAL A 184 43.14 28.12 0.09
CA VAL A 184 44.27 27.19 0.17
C VAL A 184 43.80 25.81 0.60
N VAL A 185 42.79 25.72 1.46
CA VAL A 185 42.26 24.43 1.87
C VAL A 185 41.64 23.70 0.69
N LEU A 186 40.84 24.41 -0.11
CA LEU A 186 40.22 23.79 -1.27
C LEU A 186 41.26 23.38 -2.30
N ASN A 187 42.30 24.20 -2.47
CA ASN A 187 43.38 23.83 -3.38
C ASN A 187 44.09 22.56 -2.91
N SER A 188 44.34 22.45 -1.61
CA SER A 188 44.96 21.24 -1.08
C SER A 188 44.07 20.03 -1.31
N ILE A 189 42.75 20.18 -1.10
CA ILE A 189 41.83 19.07 -1.29
C ILE A 189 41.82 18.65 -2.75
N PHE A 190 41.80 19.61 -3.68
CA PHE A 190 41.85 19.28 -5.10
C PHE A 190 43.15 18.58 -5.47
N LYS A 191 44.27 19.04 -4.92
CA LYS A 191 45.55 18.42 -5.20
C LYS A 191 45.67 17.02 -4.60
N ALA A 192 44.93 16.74 -3.54
CA ALA A 192 45.01 15.44 -2.87
C ALA A 192 44.20 14.35 -3.58
N MET A 193 43.41 14.69 -4.58
CA MET A 193 42.58 13.71 -5.29
C MET A 193 43.23 13.17 -6.56
N LEU A 194 44.34 13.76 -7.00
CA LEU A 194 45.00 13.27 -8.20
C LEU A 194 45.49 11.83 -8.08
N PRO A 195 46.14 11.40 -6.98
CA PRO A 195 46.58 9.99 -6.91
C PRO A 195 45.44 8.99 -6.91
N LEU A 196 44.21 9.41 -6.63
CA LEU A 196 43.06 8.51 -6.64
C LEU A 196 42.52 8.24 -8.04
N PHE A 197 43.21 8.71 -9.09
CA PHE A 197 42.72 8.52 -10.44
C PHE A 197 42.68 7.04 -10.82
N HIS A 198 43.74 6.29 -10.48
CA HIS A 198 43.78 4.88 -10.82
C HIS A 198 42.69 4.10 -10.09
N ILE A 199 42.46 4.42 -8.83
CA ILE A 199 41.39 3.76 -8.09
C ILE A 199 40.03 4.10 -8.69
N ALA A 200 39.86 5.35 -9.14
CA ALA A 200 38.62 5.73 -9.78
C ALA A 200 38.39 4.95 -11.07
N LEU A 201 39.46 4.79 -11.87
CA LEU A 201 39.35 3.99 -13.09
C LEU A 201 39.01 2.54 -12.77
N LEU A 202 39.64 1.98 -11.74
CA LEU A 202 39.36 0.59 -11.35
C LEU A 202 37.91 0.43 -10.90
N VAL A 203 37.42 1.38 -10.10
CA VAL A 203 36.03 1.33 -9.64
C VAL A 203 35.07 1.43 -10.82
N LEU A 204 35.33 2.35 -11.75
CA LEU A 204 34.46 2.51 -12.90
C LEU A 204 34.42 1.24 -13.74
N PHE A 205 35.60 0.65 -14.00
CA PHE A 205 35.64 -0.56 -14.80
C PHE A 205 34.94 -1.72 -14.11
N MET A 206 35.13 -1.85 -12.80
CA MET A 206 34.46 -2.93 -12.06
C MET A 206 32.95 -2.74 -12.07
N VAL A 207 32.49 -1.50 -11.91
CA VAL A 207 31.05 -1.21 -11.98
C VAL A 207 30.52 -1.59 -13.35
N ILE A 208 31.24 -1.23 -14.41
CA ILE A 208 30.79 -1.55 -15.76
C ILE A 208 30.70 -3.05 -15.96
N ILE A 209 31.73 -3.78 -15.51
CA ILE A 209 31.76 -5.23 -15.70
C ILE A 209 30.62 -5.90 -14.94
N TYR A 210 30.42 -5.50 -13.68
CA TYR A 210 29.36 -6.11 -12.88
C TYR A 210 27.98 -5.72 -13.40
N ALA A 211 27.83 -4.50 -13.93
CA ALA A 211 26.57 -4.10 -14.53
C ALA A 211 26.25 -4.94 -15.76
N ILE A 212 27.26 -5.21 -16.59
CA ILE A 212 27.03 -6.03 -17.78
C ILE A 212 26.72 -7.47 -17.39
N ILE A 213 27.40 -7.99 -16.37
CA ILE A 213 27.12 -9.35 -15.91
C ILE A 213 25.69 -9.45 -15.38
N GLY A 214 25.27 -8.47 -14.58
CA GLY A 214 23.90 -8.46 -14.10
C GLY A 214 22.89 -8.28 -15.20
N LEU A 215 23.23 -7.49 -16.22
CA LEU A 215 22.36 -7.33 -17.38
C LEU A 215 22.16 -8.66 -18.10
N GLU A 216 23.22 -9.45 -18.22
CA GLU A 216 23.08 -10.75 -18.87
C GLU A 216 22.39 -11.77 -17.97
N LEU A 217 22.50 -11.62 -16.65
CA LEU A 217 22.01 -12.66 -15.75
C LEU A 217 20.56 -12.45 -15.32
N PHE A 218 20.19 -11.22 -14.93
CA PHE A 218 18.89 -10.98 -14.29
C PHE A 218 18.00 -10.04 -15.08
N LYS A 219 18.20 -9.93 -16.40
CA LYS A 219 17.38 -9.04 -17.20
C LYS A 219 15.98 -9.60 -17.38
N GLY A 220 14.98 -8.77 -17.11
CA GLY A 220 13.60 -9.18 -17.29
C GLY A 220 13.13 -10.25 -16.33
N LYS A 221 13.85 -10.47 -15.23
CA LYS A 221 13.49 -11.53 -14.29
C LYS A 221 12.62 -11.04 -13.14
N MET A 222 12.82 -9.81 -12.68
CA MET A 222 12.04 -9.26 -11.57
C MET A 222 10.88 -8.42 -12.11
N HIS A 223 10.05 -9.07 -12.92
CA HIS A 223 8.86 -8.45 -13.49
C HIS A 223 7.59 -9.23 -13.17
N LYS A 224 7.68 -10.23 -12.30
CA LYS A 224 6.56 -11.11 -11.98
C LYS A 224 6.32 -11.09 -10.48
N THR A 225 5.10 -10.78 -10.07
CA THR A 225 4.71 -10.80 -8.68
C THR A 225 3.30 -11.38 -8.59
N CYS A 226 2.86 -11.70 -7.37
CA CYS A 226 1.54 -12.25 -7.19
C CYS A 226 0.59 -11.18 -6.68
N TYR A 227 -0.49 -10.95 -7.43
CA TYR A 227 -1.55 -10.05 -7.05
C TYR A 227 -2.68 -10.87 -6.43
N TYR A 228 -3.77 -10.20 -6.10
CA TYR A 228 -4.98 -10.92 -5.71
C TYR A 228 -5.70 -11.43 -6.95
N ILE A 229 -6.34 -12.58 -6.82
CA ILE A 229 -6.95 -13.24 -7.97
C ILE A 229 -8.07 -12.38 -8.52
N GLY A 230 -7.96 -11.99 -9.80
CA GLY A 230 -8.97 -11.20 -10.46
C GLY A 230 -8.80 -9.70 -10.34
N THR A 231 -7.82 -9.23 -9.58
CA THR A 231 -7.61 -7.80 -9.37
C THR A 231 -6.22 -7.41 -9.84
N ASP A 232 -5.89 -6.13 -9.63
CA ASP A 232 -4.57 -5.58 -9.92
C ASP A 232 -3.90 -5.04 -8.66
N ILE A 233 -4.17 -5.67 -7.52
CA ILE A 233 -3.65 -5.23 -6.23
C ILE A 233 -2.59 -6.21 -5.80
N VAL A 234 -1.38 -5.69 -5.53
CA VAL A 234 -0.28 -6.54 -5.09
C VAL A 234 -0.57 -7.10 -3.71
N ALA A 235 -0.33 -8.39 -3.53
CA ALA A 235 -0.61 -9.09 -2.28
C ALA A 235 0.65 -9.14 -1.43
N THR A 236 0.61 -8.48 -0.28
CA THR A 236 1.73 -8.49 0.66
C THR A 236 1.24 -8.75 2.07
N VAL A 237 2.14 -8.67 3.04
CA VAL A 237 1.79 -8.79 4.46
C VAL A 237 2.24 -7.52 5.16
N GLU A 238 2.09 -7.50 6.49
CA GLU A 238 2.22 -6.27 7.28
C GLU A 238 3.49 -5.49 6.93
N ASN A 239 4.66 -6.09 7.15
CA ASN A 239 5.92 -5.38 7.01
C ASN A 239 6.79 -5.96 5.90
N GLU A 240 6.18 -6.41 4.81
CA GLU A 240 6.90 -6.96 3.67
C GLU A 240 6.75 -6.03 2.49
N LYS A 241 7.87 -5.58 1.95
CA LYS A 241 7.86 -4.83 0.70
C LYS A 241 7.60 -5.78 -0.46
N PRO A 242 6.95 -5.30 -1.52
CA PRO A 242 6.66 -6.18 -2.67
C PRO A 242 7.94 -6.76 -3.26
N SER A 243 7.91 -8.05 -3.55
CA SER A 243 9.06 -8.81 -4.01
C SER A 243 8.67 -9.62 -5.23
N PRO A 244 9.65 -9.97 -6.07
CA PRO A 244 9.36 -10.77 -7.26
C PRO A 244 8.80 -12.14 -6.89
N CYS A 245 8.33 -12.83 -7.91
CA CYS A 245 7.66 -14.11 -7.74
C CYS A 245 7.95 -14.99 -8.96
N ALA A 246 7.78 -16.30 -8.77
CA ALA A 246 7.98 -17.25 -9.85
C ALA A 246 6.94 -18.35 -9.74
N ARG A 247 6.36 -18.73 -10.88
CA ARG A 247 5.41 -19.82 -10.96
C ARG A 247 6.03 -20.96 -11.76
N THR A 248 6.03 -22.15 -11.17
CA THR A 248 6.62 -23.34 -11.78
C THR A 248 8.07 -23.10 -12.17
N GLY A 249 8.88 -22.79 -11.16
CA GLY A 249 10.28 -22.52 -11.38
C GLY A 249 11.08 -22.66 -10.11
N SER A 250 12.33 -22.20 -10.16
CA SER A 250 13.21 -22.26 -9.01
C SER A 250 12.97 -21.13 -8.02
N GLY A 251 12.12 -20.17 -8.34
CA GLY A 251 11.87 -19.02 -7.48
C GLY A 251 11.02 -19.37 -6.27
N ARG A 252 10.20 -18.41 -5.87
CA ARG A 252 9.37 -18.58 -4.68
C ARG A 252 7.88 -18.48 -5.02
N PRO A 253 7.05 -19.32 -4.40
CA PRO A 253 5.61 -19.07 -4.44
C PRO A 253 5.14 -18.31 -3.20
N CYS A 254 4.20 -17.38 -3.35
CA CYS A 254 3.69 -16.66 -2.19
C CYS A 254 2.55 -17.44 -1.55
N THR A 255 2.44 -17.32 -0.23
CA THR A 255 1.54 -18.13 0.57
C THR A 255 0.23 -17.43 0.89
N ILE A 256 -0.01 -16.25 0.33
CA ILE A 256 -1.29 -15.58 0.53
C ILE A 256 -2.39 -16.40 -0.13
N ASN A 257 -3.52 -16.56 0.57
CA ASN A 257 -4.57 -17.48 0.12
C ASN A 257 -5.11 -17.07 -1.24
N GLY A 258 -5.67 -15.88 -1.34
CA GLY A 258 -6.27 -15.45 -2.59
C GLY A 258 -5.33 -14.70 -3.51
N SER A 259 -4.17 -15.28 -3.78
CA SER A 259 -3.15 -14.63 -4.60
C SER A 259 -2.78 -15.53 -5.78
N GLU A 260 -2.50 -14.89 -6.92
CA GLU A 260 -2.01 -15.56 -8.11
C GLU A 260 -0.82 -14.79 -8.67
N CYS A 261 0.17 -15.54 -9.14
CA CYS A 261 1.42 -14.95 -9.61
C CYS A 261 1.36 -14.71 -11.11
N ARG A 262 1.72 -13.50 -11.54
CA ARG A 262 1.69 -13.15 -12.95
C ARG A 262 2.66 -12.00 -13.19
N GLY A 263 2.83 -11.67 -14.46
CA GLY A 263 3.75 -10.63 -14.89
C GLY A 263 3.08 -9.28 -15.01
N GLY A 264 3.74 -8.38 -15.72
CA GLY A 264 3.27 -7.02 -15.86
C GLY A 264 3.61 -6.11 -14.70
N TRP A 265 4.43 -6.57 -13.77
CA TRP A 265 4.85 -5.83 -12.58
C TRP A 265 6.05 -4.94 -12.93
N PRO A 266 5.97 -3.63 -12.68
CA PRO A 266 7.10 -2.77 -13.06
C PRO A 266 8.43 -3.10 -12.40
N GLY A 267 8.40 -3.51 -11.13
CA GLY A 267 9.62 -3.85 -10.43
C GLY A 267 9.55 -3.67 -8.94
N PRO A 268 10.61 -4.06 -8.23
CA PRO A 268 10.61 -4.02 -6.76
C PRO A 268 10.47 -2.64 -6.15
N ASN A 269 11.35 -1.72 -6.47
CA ASN A 269 11.31 -0.37 -5.90
C ASN A 269 10.60 0.60 -6.85
N HIS A 270 9.32 0.33 -7.06
CA HIS A 270 8.50 1.08 -8.01
C HIS A 270 9.10 1.06 -9.42
N GLY A 271 9.80 -0.02 -9.76
CA GLY A 271 10.41 -0.13 -11.06
C GLY A 271 11.75 0.55 -11.20
N ILE A 272 12.47 0.77 -10.10
CA ILE A 272 13.78 1.41 -10.14
C ILE A 272 14.91 0.40 -10.02
N THR A 273 14.75 -0.61 -9.17
CA THR A 273 15.80 -1.60 -8.90
C THR A 273 15.57 -2.83 -9.77
N HIS A 274 16.25 -2.88 -10.91
CA HIS A 274 16.22 -4.04 -11.79
C HIS A 274 17.37 -3.93 -12.79
N PHE A 275 17.75 -5.07 -13.34
CA PHE A 275 18.80 -5.14 -14.37
C PHE A 275 18.20 -5.21 -15.77
N ASP A 276 17.31 -4.27 -16.11
CA ASP A 276 16.60 -4.36 -17.38
C ASP A 276 17.41 -3.77 -18.53
N ASN A 277 18.07 -2.63 -18.31
CA ASN A 277 18.96 -2.04 -19.30
C ASN A 277 20.24 -1.61 -18.60
N PHE A 278 21.17 -1.04 -19.38
CA PHE A 278 22.49 -0.73 -18.85
C PHE A 278 22.43 0.33 -17.77
N GLY A 279 21.60 1.36 -17.96
CA GLY A 279 21.53 2.43 -16.97
C GLY A 279 21.02 1.97 -15.63
N PHE A 280 19.92 1.21 -15.63
CA PHE A 280 19.36 0.72 -14.38
C PHE A 280 20.26 -0.30 -13.71
N SER A 281 20.89 -1.17 -14.51
CA SER A 281 21.84 -2.13 -13.95
C SER A 281 23.03 -1.41 -13.32
N MET A 282 23.54 -0.38 -13.99
CA MET A 282 24.64 0.40 -13.43
C MET A 282 24.23 1.08 -12.13
N LEU A 283 23.01 1.64 -12.10
CA LEU A 283 22.54 2.32 -10.90
C LEU A 283 22.40 1.36 -9.73
N THR A 284 21.83 0.16 -9.98
CA THR A 284 21.67 -0.77 -8.88
C THR A 284 23.00 -1.36 -8.43
N VAL A 285 23.95 -1.56 -9.36
CA VAL A 285 25.27 -2.02 -8.96
C VAL A 285 25.96 -0.98 -8.09
N TYR A 286 25.85 0.31 -8.47
CA TYR A 286 26.42 1.36 -7.64
C TYR A 286 25.77 1.42 -6.28
N GLN A 287 24.45 1.25 -6.23
CA GLN A 287 23.76 1.26 -4.94
C GLN A 287 24.22 0.10 -4.06
N CYS A 288 24.44 -1.08 -4.67
CA CYS A 288 24.93 -2.22 -3.91
C CYS A 288 26.35 -2.00 -3.41
N ILE A 289 27.19 -1.31 -4.19
CA ILE A 289 28.58 -1.11 -3.80
C ILE A 289 28.68 -0.28 -2.53
N THR A 290 27.78 0.69 -2.37
CA THR A 290 27.74 1.47 -1.13
C THR A 290 27.25 0.65 0.06
N MET A 291 26.90 -0.62 -0.15
CA MET A 291 26.41 -1.51 0.91
C MET A 291 25.19 -0.92 1.63
N GLU A 292 24.32 -0.26 0.87
CA GLU A 292 23.08 0.28 1.39
C GLU A 292 21.94 -0.36 0.61
N GLY A 293 21.41 -1.45 1.15
CA GLY A 293 20.32 -2.15 0.50
C GLY A 293 20.72 -3.22 -0.49
N TRP A 294 21.98 -3.68 -0.46
CA TRP A 294 22.39 -4.75 -1.37
C TRP A 294 21.73 -6.07 -1.04
N THR A 295 21.44 -6.30 0.25
CA THR A 295 20.74 -7.52 0.64
C THR A 295 19.33 -7.56 0.07
N ASP A 296 18.69 -6.39 -0.06
CA ASP A 296 17.37 -6.36 -0.68
C ASP A 296 17.43 -6.80 -2.13
N VAL A 297 18.43 -6.33 -2.88
CA VAL A 297 18.60 -6.76 -4.26
C VAL A 297 18.88 -8.26 -4.33
N LEU A 298 19.75 -8.74 -3.44
CA LEU A 298 20.04 -10.17 -3.41
C LEU A 298 18.80 -11.00 -3.14
N TYR A 299 17.98 -10.57 -2.16
CA TYR A 299 16.78 -11.30 -1.83
C TYR A 299 15.76 -11.27 -2.96
N TRP A 300 15.65 -10.12 -3.64
CA TRP A 300 14.73 -10.03 -4.77
C TRP A 300 15.15 -10.95 -5.91
N VAL A 301 16.46 -11.00 -6.20
CA VAL A 301 16.94 -11.91 -7.22
C VAL A 301 16.72 -13.36 -6.80
N ASN A 302 16.89 -13.65 -5.51
CA ASN A 302 16.63 -14.99 -5.00
C ASN A 302 15.17 -15.38 -5.20
N ASP A 303 14.24 -14.47 -4.91
CA ASP A 303 12.83 -14.74 -5.11
C ASP A 303 12.49 -14.87 -6.59
N ALA A 304 13.22 -14.16 -7.45
CA ALA A 304 12.94 -14.20 -8.88
C ALA A 304 13.42 -15.49 -9.53
N ILE A 305 14.71 -15.77 -9.44
CA ILE A 305 15.31 -16.86 -10.21
C ILE A 305 15.70 -18.07 -9.38
N GLY A 306 15.86 -17.93 -8.07
CA GLY A 306 16.26 -19.03 -7.22
C GLY A 306 17.33 -18.62 -6.24
N ASN A 307 17.55 -19.47 -5.24
CA ASN A 307 18.37 -19.15 -4.08
C ASN A 307 19.82 -19.63 -4.23
N GLU A 308 20.07 -20.62 -5.09
CA GLU A 308 21.35 -21.33 -5.07
C GLU A 308 22.50 -20.45 -5.55
N TRP A 309 22.40 -19.93 -6.77
CA TRP A 309 23.50 -19.25 -7.44
C TRP A 309 23.70 -17.76 -7.11
N PRO A 310 22.65 -16.93 -7.00
CA PRO A 310 22.86 -15.48 -7.09
C PRO A 310 23.81 -14.88 -6.05
N TRP A 311 23.94 -15.49 -4.88
CA TRP A 311 24.80 -14.90 -3.84
C TRP A 311 26.23 -14.73 -4.32
N ILE A 312 26.70 -15.64 -5.19
CA ILE A 312 28.06 -15.54 -5.73
C ILE A 312 28.25 -14.20 -6.42
N TYR A 313 27.23 -13.74 -7.15
CA TYR A 313 27.32 -12.44 -7.81
C TYR A 313 27.38 -11.31 -6.80
N PHE A 314 26.66 -11.43 -5.68
CA PHE A 314 26.51 -10.31 -4.77
C PHE A 314 27.61 -10.26 -3.71
N VAL A 315 27.85 -11.38 -3.02
CA VAL A 315 28.87 -11.41 -1.98
C VAL A 315 30.22 -10.97 -2.56
N THR A 316 30.60 -11.53 -3.70
CA THR A 316 31.85 -11.13 -4.35
C THR A 316 31.84 -9.64 -4.65
N LEU A 317 30.71 -9.12 -5.13
CA LEU A 317 30.61 -7.69 -5.40
C LEU A 317 30.85 -6.88 -4.14
N ILE A 318 30.39 -7.37 -3.00
CA ILE A 318 30.67 -6.69 -1.74
C ILE A 318 32.14 -6.82 -1.38
N LEU A 319 32.73 -7.99 -1.65
CA LEU A 319 34.11 -8.21 -1.25
C LEU A 319 35.08 -7.38 -2.09
N LEU A 320 34.85 -7.31 -3.39
CA LEU A 320 35.74 -6.58 -4.28
C LEU A 320 35.31 -5.12 -4.46
N GLY A 321 34.01 -4.88 -4.64
CA GLY A 321 33.54 -3.53 -4.93
C GLY A 321 33.51 -2.61 -3.73
N SER A 322 33.43 -3.15 -2.52
CA SER A 322 33.29 -2.32 -1.33
C SER A 322 34.50 -2.41 -0.41
N PHE A 323 34.87 -3.60 0.05
CA PHE A 323 35.95 -3.72 1.02
C PHE A 323 37.31 -3.50 0.36
N PHE A 324 37.52 -4.11 -0.81
CA PHE A 324 38.80 -3.97 -1.50
C PHE A 324 39.02 -2.53 -1.94
N ILE A 325 37.99 -1.90 -2.50
CA ILE A 325 38.11 -0.51 -2.96
C ILE A 325 38.34 0.43 -1.78
N LEU A 326 37.61 0.20 -0.68
CA LEU A 326 37.82 1.02 0.51
C LEU A 326 39.23 0.87 1.06
N ASN A 327 39.76 -0.36 1.04
CA ASN A 327 41.14 -0.55 1.46
C ASN A 327 42.11 0.20 0.55
N LEU A 328 41.87 0.15 -0.77
CA LEU A 328 42.74 0.86 -1.70
C LEU A 328 42.73 2.36 -1.43
N VAL A 329 41.54 2.94 -1.28
CA VAL A 329 41.46 4.39 -1.11
C VAL A 329 42.04 4.80 0.24
N LEU A 330 41.80 4.01 1.29
CA LEU A 330 42.37 4.32 2.59
C LEU A 330 43.88 4.26 2.55
N GLY A 331 44.44 3.23 1.89
CA GLY A 331 45.88 3.13 1.80
C GLY A 331 46.49 4.29 1.03
N VAL A 332 45.89 4.66 -0.11
CA VAL A 332 46.43 5.75 -0.90
C VAL A 332 46.34 7.07 -0.14
N LEU A 333 45.22 7.33 0.52
CA LEU A 333 45.06 8.57 1.27
C LEU A 333 46.02 8.62 2.45
N SER A 334 46.21 7.49 3.15
CA SER A 334 47.16 7.46 4.26
C SER A 334 48.58 7.71 3.77
N GLY A 335 48.95 7.11 2.64
CA GLY A 335 50.27 7.38 2.08
C GLY A 335 50.44 8.84 1.68
N GLU A 336 49.40 9.44 1.08
CA GLU A 336 49.48 10.85 0.72
C GLU A 336 49.65 11.73 1.95
N PHE A 337 48.89 11.47 3.00
CA PHE A 337 49.00 12.27 4.22
C PHE A 337 50.37 12.09 4.87
N THR A 338 50.87 10.85 4.91
CA THR A 338 52.18 10.60 5.51
C THR A 338 53.29 11.31 4.73
N LYS A 339 53.25 11.23 3.41
CA LYS A 339 54.31 11.89 2.63
C LYS A 339 54.18 13.40 2.68
N GLU A 340 52.96 13.94 2.76
CA GLU A 340 52.79 15.38 2.94
C GLU A 340 53.38 15.83 4.28
N ARG A 341 53.10 15.07 5.35
CA ARG A 341 53.67 15.42 6.65
C ARG A 341 55.19 15.33 6.63
N GLU A 342 55.74 14.30 5.97
CA GLU A 342 57.19 14.17 5.89
C GLU A 342 57.81 15.32 5.10
N LYS A 343 57.17 15.73 4.01
CA LYS A 343 57.67 16.85 3.22
C LYS A 343 57.62 18.15 4.02
N ALA A 344 56.53 18.37 4.76
CA ALA A 344 56.42 19.59 5.56
C ALA A 344 57.36 19.57 6.76
N LYS A 345 57.75 18.39 7.24
CA LYS A 345 58.66 18.30 8.38
C LYS A 345 60.03 18.86 8.03
N SER A 346 60.50 18.63 6.80
CA SER A 346 61.81 19.11 6.36
C SER A 346 61.91 20.62 6.29
N ARG A 347 60.78 21.33 6.32
CA ARG A 347 60.80 22.79 6.26
C ARG A 347 60.56 23.38 7.65
N VAL A 433 45.27 11.07 51.57
CA VAL A 433 45.09 12.46 51.16
C VAL A 433 43.75 12.65 50.46
N PHE A 434 43.49 13.87 50.02
CA PHE A 434 42.24 14.19 49.34
C PHE A 434 42.11 13.55 47.96
N TYR A 435 43.20 12.99 47.43
CA TYR A 435 43.16 12.41 46.09
C TYR A 435 42.13 11.29 46.00
N TRP A 436 41.94 10.53 47.06
CA TRP A 436 40.93 9.48 47.07
C TRP A 436 39.58 9.97 47.56
N LEU A 437 39.55 10.96 48.45
CA LEU A 437 38.26 11.51 48.87
C LEU A 437 37.52 12.13 47.69
N VAL A 438 38.22 12.91 46.88
CA VAL A 438 37.57 13.56 45.74
C VAL A 438 37.06 12.53 44.74
N ILE A 439 37.85 11.47 44.49
CA ILE A 439 37.40 10.45 43.56
C ILE A 439 36.20 9.69 44.13
N LEU A 440 36.16 9.49 45.45
CA LEU A 440 35.01 8.84 46.07
C LEU A 440 33.75 9.68 45.88
N ILE A 441 33.85 10.98 46.15
CA ILE A 441 32.66 11.83 46.04
C ILE A 441 32.21 11.99 44.59
N VAL A 442 33.15 12.06 43.65
CA VAL A 442 32.72 12.15 42.25
C VAL A 442 32.13 10.83 41.77
N ALA A 443 32.63 9.69 42.27
CA ALA A 443 32.01 8.41 41.94
C ALA A 443 30.59 8.34 42.50
N LEU A 444 30.39 8.83 43.72
CA LEU A 444 29.04 8.87 44.30
C LEU A 444 28.12 9.75 43.47
N ASN A 445 28.62 10.90 43.02
CA ASN A 445 27.81 11.78 42.17
C ASN A 445 27.47 11.10 40.86
N THR A 446 28.43 10.41 40.25
CA THR A 446 28.17 9.70 39.00
C THR A 446 27.13 8.61 39.19
N LEU A 447 27.20 7.88 40.31
CA LEU A 447 26.20 6.86 40.59
C LEU A 447 24.82 7.48 40.77
N SER A 448 24.75 8.60 41.48
CA SER A 448 23.47 9.29 41.68
C SER A 448 22.88 9.75 40.35
N ILE A 449 23.73 10.28 39.46
CA ILE A 449 23.27 10.71 38.16
C ILE A 449 22.77 9.53 37.33
N ALA A 450 23.53 8.43 37.33
CA ALA A 450 23.18 7.27 36.53
C ALA A 450 22.02 6.46 37.10
N SER A 451 21.62 6.71 38.35
CA SER A 451 20.53 5.95 38.95
C SER A 451 19.15 6.45 38.53
N GLU A 452 19.07 7.54 37.78
CA GLU A 452 17.78 8.12 37.41
C GLU A 452 17.19 7.39 36.20
N HIS A 453 15.91 7.03 36.29
CA HIS A 453 15.22 6.35 35.22
C HIS A 453 13.74 6.68 35.27
N HIS A 454 13.01 6.23 34.25
CA HIS A 454 11.59 6.49 34.17
C HIS A 454 10.83 5.60 35.16
N ASN A 455 9.75 6.15 35.72
CA ASN A 455 8.91 5.44 36.69
C ASN A 455 9.71 4.96 37.89
N GLN A 456 10.66 5.79 38.33
CA GLN A 456 11.45 5.45 39.49
C GLN A 456 10.63 5.62 40.76
N PRO A 457 10.93 4.85 41.81
CA PRO A 457 10.19 5.00 43.07
C PRO A 457 10.41 6.37 43.69
N LEU A 458 9.42 6.80 44.48
CA LEU A 458 9.47 8.12 45.10
C LEU A 458 10.66 8.24 46.04
N TRP A 459 10.99 7.17 46.78
CA TRP A 459 12.14 7.21 47.66
C TRP A 459 13.44 7.40 46.89
N LEU A 460 13.52 6.83 45.67
CA LEU A 460 14.70 7.07 44.84
C LEU A 460 14.79 8.54 44.43
N THR A 461 13.65 9.16 44.09
CA THR A 461 13.65 10.57 43.76
C THR A 461 14.10 11.41 44.95
N HIS A 462 13.61 11.09 46.14
CA HIS A 462 14.01 11.82 47.35
C HIS A 462 15.50 11.64 47.63
N LEU A 463 16.01 10.43 47.48
CA LEU A 463 17.44 10.19 47.66
C LEU A 463 18.24 11.00 46.65
N GLN A 464 17.74 11.11 45.42
CA GLN A 464 18.49 11.81 44.38
C GLN A 464 18.55 13.31 44.65
N ASP A 465 17.42 13.94 44.94
CA ASP A 465 17.51 15.40 45.11
C ASP A 465 18.11 15.76 46.46
N ILE A 466 17.91 14.91 47.47
CA ILE A 466 18.52 15.16 48.78
C ILE A 466 20.04 15.05 48.68
N ALA A 467 20.54 14.04 47.97
CA ALA A 467 21.99 13.87 47.85
C ALA A 467 22.63 14.97 47.02
N ASN A 468 21.85 15.70 46.22
CA ASN A 468 22.41 16.82 45.46
C ASN A 468 22.96 17.91 46.39
N ARG A 469 22.21 18.23 47.44
CA ARG A 469 22.65 19.27 48.37
C ARG A 469 23.94 18.87 49.09
N VAL A 470 24.02 17.62 49.54
CA VAL A 470 25.18 17.17 50.29
C VAL A 470 26.44 17.21 49.44
N LEU A 471 26.34 16.69 48.21
CA LEU A 471 27.51 16.67 47.34
C LEU A 471 27.89 18.07 46.86
N LEU A 472 26.90 18.94 46.63
CA LEU A 472 27.21 20.32 46.31
C LEU A 472 27.94 20.99 47.47
N SER A 473 27.51 20.73 48.70
CA SER A 473 28.18 21.27 49.87
C SER A 473 29.61 20.76 49.97
N LEU A 474 29.81 19.47 49.71
CA LEU A 474 31.17 18.91 49.74
C LEU A 474 32.04 19.55 48.66
N PHE A 475 31.49 19.75 47.46
CA PHE A 475 32.21 20.45 46.41
C PHE A 475 32.61 21.85 46.85
N THR A 476 31.68 22.57 47.50
CA THR A 476 31.96 23.92 47.95
C THR A 476 33.05 23.95 49.02
N ILE A 477 32.98 23.05 49.99
CA ILE A 477 33.97 23.05 51.07
C ILE A 477 35.34 22.63 50.55
N GLU A 478 35.38 21.69 49.58
CA GLU A 478 36.66 21.38 48.95
C GLU A 478 37.16 22.52 48.09
N MET A 479 36.27 23.37 47.58
CA MET A 479 36.70 24.55 46.84
C MET A 479 37.40 25.54 47.75
N LEU A 480 36.78 25.89 48.88
CA LEU A 480 37.32 26.91 49.76
C LEU A 480 38.50 26.43 50.59
N LEU A 481 38.72 25.12 50.68
CA LEU A 481 39.85 24.60 51.42
C LEU A 481 41.15 24.81 50.66
N LYS A 482 41.23 24.26 49.44
CA LYS A 482 42.42 24.46 48.63
C LYS A 482 42.58 25.90 48.16
N MET A 483 41.50 26.68 48.18
CA MET A 483 41.63 28.11 47.88
C MET A 483 42.54 28.80 48.89
N TYR A 484 42.34 28.51 50.17
CA TYR A 484 43.25 29.02 51.20
C TYR A 484 44.55 28.24 51.23
N GLY A 485 44.53 26.98 50.80
CA GLY A 485 45.74 26.17 50.87
C GLY A 485 46.83 26.64 49.93
N LEU A 486 46.48 27.07 48.72
CA LEU A 486 47.46 27.47 47.73
C LEU A 486 47.28 28.90 47.23
N GLY A 487 46.30 29.64 47.72
CA GLY A 487 46.15 31.03 47.36
C GLY A 487 45.18 31.25 46.21
N LEU A 488 44.65 32.48 46.15
CA LEU A 488 43.67 32.81 45.13
C LEU A 488 44.29 32.93 43.75
N ARG A 489 45.53 33.45 43.68
CA ARG A 489 46.11 33.80 42.39
C ARG A 489 46.41 32.57 41.54
N GLN A 490 47.07 31.57 42.12
CA GLN A 490 47.55 30.43 41.35
C GLN A 490 46.53 29.30 41.23
N TYR A 491 45.33 29.49 41.78
CA TYR A 491 44.29 28.47 41.62
C TYR A 491 43.79 28.39 40.19
N PHE A 492 43.81 29.51 39.48
CA PHE A 492 43.27 29.59 38.11
C PHE A 492 44.33 29.31 37.05
N MET A 493 45.57 29.02 37.45
CA MET A 493 46.63 28.77 36.47
C MET A 493 46.34 27.51 35.66
N SER A 494 45.55 26.58 36.19
CA SER A 494 45.17 25.37 35.50
C SER A 494 43.69 25.42 35.16
N ILE A 495 43.35 25.12 33.91
CA ILE A 495 41.95 25.10 33.48
C ILE A 495 41.17 23.97 34.12
N PHE A 496 41.85 22.98 34.70
CA PHE A 496 41.15 21.88 35.36
C PHE A 496 40.33 22.39 36.54
N ASN A 497 40.91 23.29 37.33
CA ASN A 497 40.22 23.90 38.47
C ASN A 497 39.49 25.18 38.09
N ARG A 498 39.56 25.60 36.83
CA ARG A 498 38.83 26.79 36.39
C ARG A 498 37.33 26.53 36.35
N PHE A 499 36.93 25.40 35.75
CA PHE A 499 35.51 25.12 35.57
C PHE A 499 34.84 24.57 36.83
N ASP A 500 35.61 24.25 37.87
CA ASP A 500 35.02 23.94 39.16
C ASP A 500 34.28 25.16 39.71
N CYS A 501 34.82 26.35 39.48
CA CYS A 501 34.11 27.57 39.83
C CYS A 501 32.76 27.64 39.13
N PHE A 502 32.77 27.35 37.82
CA PHE A 502 31.52 27.36 37.07
C PHE A 502 30.57 26.27 37.58
N VAL A 503 31.11 25.11 37.95
CA VAL A 503 30.26 24.03 38.44
C VAL A 503 29.55 24.45 39.72
N VAL A 504 30.30 25.01 40.68
CA VAL A 504 29.71 25.41 41.95
C VAL A 504 28.72 26.56 41.74
N CYS A 505 29.10 27.54 40.92
CA CYS A 505 28.21 28.67 40.67
C CYS A 505 26.91 28.23 40.00
N SER A 506 27.01 27.33 39.01
CA SER A 506 25.83 26.82 38.35
C SER A 506 24.95 26.02 39.31
N GLY A 507 25.57 25.21 40.17
CA GLY A 507 24.78 24.47 41.14
C GLY A 507 24.03 25.39 42.08
N ILE A 508 24.70 26.42 42.58
CA ILE A 508 24.06 27.36 43.49
C ILE A 508 22.93 28.11 42.78
N LEU A 509 23.18 28.56 41.54
CA LEU A 509 22.16 29.28 40.80
C LEU A 509 20.95 28.40 40.51
N GLU A 510 21.19 27.13 40.15
CA GLU A 510 20.10 26.22 39.89
C GLU A 510 19.29 25.94 41.15
N LEU A 511 19.98 25.77 42.29
CA LEU A 511 19.26 25.56 43.54
C LEU A 511 18.41 26.77 43.90
N LEU A 512 18.95 27.97 43.65
CA LEU A 512 18.18 29.19 43.91
C LEU A 512 16.97 29.28 43.01
N LEU A 513 17.13 28.93 41.72
CA LEU A 513 16.04 29.03 40.76
C LEU A 513 14.98 27.96 40.98
N VAL A 514 15.35 26.81 41.56
CA VAL A 514 14.40 25.71 41.72
C VAL A 514 13.23 26.13 42.60
N GLU A 515 13.50 26.84 43.69
CA GLU A 515 12.44 27.25 44.61
C GLU A 515 11.54 28.36 44.06
N SER A 516 11.69 28.75 42.81
CA SER A 516 10.84 29.78 42.21
C SER A 516 9.78 29.13 41.31
N GLY A 517 8.99 29.97 40.65
CA GLY A 517 7.96 29.48 39.76
C GLY A 517 8.53 29.04 38.41
N ALA A 518 9.24 27.92 38.40
CA ALA A 518 9.92 27.44 37.21
C ALA A 518 8.98 26.51 36.43
N MET A 519 8.31 27.07 35.43
CA MET A 519 7.48 26.30 34.51
C MET A 519 8.38 25.67 33.45
N THR A 520 7.78 25.19 32.36
CA THR A 520 8.50 24.62 31.23
C THR A 520 9.33 23.41 31.66
N PRO A 521 8.70 22.26 31.90
CA PRO A 521 9.47 21.07 32.32
C PRO A 521 10.61 20.71 31.39
N LEU A 522 10.52 21.06 30.10
CA LEU A 522 11.68 20.92 29.22
C LEU A 522 12.82 21.81 29.70
N GLY A 523 12.49 23.03 30.15
CA GLY A 523 13.51 23.88 30.74
C GLY A 523 14.13 23.26 31.98
N ILE A 524 13.33 22.59 32.80
CA ILE A 524 13.86 21.88 33.96
C ILE A 524 14.79 20.75 33.52
N SER A 525 14.40 20.03 32.48
CA SER A 525 15.23 18.95 31.99
C SER A 525 16.60 19.48 31.60
N VAL A 526 16.64 20.60 30.88
CA VAL A 526 17.91 21.11 30.39
C VAL A 526 18.79 21.76 31.47
N LEU A 527 18.18 22.38 32.47
CA LEU A 527 18.99 22.92 33.55
C LEU A 527 19.58 21.75 34.30
N ARG A 528 18.81 20.68 34.43
CA ARG A 528 19.34 19.48 35.06
C ARG A 528 20.49 18.99 34.22
N CYS A 529 20.35 19.10 32.90
CA CYS A 529 21.42 18.67 32.02
C CYS A 529 22.71 19.44 32.30
N ILE A 530 22.60 20.72 32.62
CA ILE A 530 23.80 21.47 32.97
C ILE A 530 24.54 20.77 34.09
N ARG A 531 23.81 20.30 35.11
CA ARG A 531 24.45 19.60 36.22
C ARG A 531 25.32 18.45 35.72
N LEU A 532 24.84 17.75 34.70
CA LEU A 532 25.58 16.59 34.21
C LEU A 532 27.02 16.95 33.89
N LEU A 533 27.27 18.23 33.63
CA LEU A 533 28.62 18.66 33.28
C LEU A 533 29.61 18.24 34.36
N ARG A 534 29.15 18.19 35.60
CA ARG A 534 30.03 17.83 36.70
C ARG A 534 30.81 16.56 36.36
N LEU A 535 30.23 15.70 35.52
CA LEU A 535 30.90 14.44 35.20
C LEU A 535 32.28 14.68 34.61
N PHE A 536 32.50 15.86 34.01
CA PHE A 536 33.83 16.25 33.53
C PHE A 536 34.90 16.03 34.60
N LYS A 537 34.52 16.08 35.88
CA LYS A 537 35.50 15.88 36.95
C LYS A 537 36.26 14.58 36.77
N ILE A 538 35.57 13.52 36.34
CA ILE A 538 36.24 12.24 36.13
C ILE A 538 37.38 12.39 35.13
N THR A 539 37.12 13.10 34.02
CA THR A 539 38.14 13.28 33.00
C THR A 539 39.36 14.02 33.52
N LYS A 540 39.23 14.73 34.64
CA LYS A 540 40.35 15.46 35.21
C LYS A 540 41.16 14.66 36.22
N TYR A 541 40.84 13.38 36.40
CA TYR A 541 41.53 12.56 37.40
C TYR A 541 42.47 11.53 36.76
N TRP A 542 42.81 11.71 35.49
CA TRP A 542 43.78 10.86 34.82
C TRP A 542 44.72 11.72 33.99
N THR A 543 46.03 11.48 34.13
CA THR A 543 47.01 12.29 33.42
C THR A 543 46.89 12.11 31.91
N SER A 544 46.71 10.87 31.45
CA SER A 544 46.57 10.62 30.02
C SER A 544 45.23 11.11 29.47
N LEU A 545 44.25 11.39 30.33
CA LEU A 545 43.01 12.00 29.88
C LEU A 545 43.12 13.52 29.70
N SER A 546 44.24 14.11 30.10
CA SER A 546 44.49 15.52 29.90
C SER A 546 45.72 15.82 29.07
N ASN A 547 46.59 14.83 28.85
CA ASN A 547 47.80 15.05 28.04
C ASN A 547 47.49 15.12 26.56
N LEU A 548 46.51 14.34 26.10
CA LEU A 548 46.23 14.25 24.66
C LEU A 548 45.53 15.48 24.11
N VAL A 549 44.83 16.23 24.97
CA VAL A 549 44.05 17.37 24.49
C VAL A 549 44.93 18.49 23.95
N ALA A 550 46.19 18.56 24.40
CA ALA A 550 47.05 19.68 24.02
C ALA A 550 47.31 19.72 22.53
N SER A 551 47.37 18.56 21.87
CA SER A 551 47.61 18.53 20.43
C SER A 551 46.31 18.51 19.63
N LEU A 552 45.27 17.84 20.13
CA LEU A 552 44.01 17.82 19.39
C LEU A 552 43.35 19.19 19.37
N LEU A 553 43.56 19.99 20.42
CA LEU A 553 43.09 21.37 20.39
C LEU A 553 43.70 22.13 19.22
N ASN A 554 45.03 22.03 19.09
CA ASN A 554 45.71 22.70 17.98
C ASN A 554 45.26 22.17 16.63
N SER A 555 45.10 20.85 16.52
CA SER A 555 44.69 20.27 15.24
C SER A 555 43.29 20.72 14.85
N ILE A 556 42.35 20.73 15.81
CA ILE A 556 40.99 21.18 15.51
C ILE A 556 40.98 22.65 15.13
N ARG A 557 41.74 23.48 15.87
CA ARG A 557 41.75 24.90 15.54
C ARG A 557 42.42 25.17 14.20
N SER A 558 43.37 24.32 13.79
CA SER A 558 44.03 24.50 12.51
C SER A 558 43.15 24.01 11.35
N ILE A 559 42.38 22.94 11.57
CA ILE A 559 41.57 22.34 10.53
C ILE A 559 40.12 22.84 10.58
N ALA A 560 39.83 23.81 11.45
CA ALA A 560 38.51 24.42 11.46
C ALA A 560 38.17 25.04 10.11
N SER A 561 39.17 25.47 9.33
CA SER A 561 38.90 25.98 8.00
C SER A 561 38.28 24.92 7.10
N LEU A 562 38.85 23.71 7.10
CA LEU A 562 38.30 22.63 6.29
C LEU A 562 37.02 22.05 6.88
N LEU A 563 36.85 22.12 8.20
CA LEU A 563 35.56 21.77 8.80
C LEU A 563 34.48 22.75 8.34
N LEU A 564 34.81 24.04 8.27
CA LEU A 564 33.89 25.02 7.73
C LEU A 564 33.63 24.80 6.26
N LEU A 565 34.64 24.36 5.52
CA LEU A 565 34.42 23.99 4.11
C LEU A 565 33.42 22.85 3.99
N LEU A 566 33.54 21.84 4.87
CA LEU A 566 32.57 20.76 4.88
C LEU A 566 31.17 21.26 5.22
N PHE A 567 31.07 22.16 6.20
CA PHE A 567 29.77 22.73 6.56
C PHE A 567 29.17 23.52 5.40
N LEU A 568 30.01 24.26 4.68
CA LEU A 568 29.55 25.01 3.51
C LEU A 568 29.08 24.07 2.41
N PHE A 569 29.79 22.95 2.20
CA PHE A 569 29.34 21.94 1.26
C PHE A 569 27.96 21.40 1.64
N ILE A 570 27.76 21.11 2.93
CA ILE A 570 26.48 20.61 3.40
C ILE A 570 25.38 21.65 3.17
N ILE A 571 25.68 22.92 3.46
CA ILE A 571 24.70 23.99 3.28
C ILE A 571 24.32 24.14 1.81
N ILE A 572 25.32 24.10 0.93
CA ILE A 572 25.08 24.26 -0.50
C ILE A 572 24.22 23.11 -1.02
N PHE A 573 24.52 21.88 -0.61
CA PHE A 573 23.71 20.77 -1.09
C PHE A 573 22.32 20.75 -0.47
N ALA A 574 22.17 21.25 0.76
CA ALA A 574 20.83 21.40 1.32
C ALA A 574 20.01 22.42 0.54
N LEU A 575 20.63 23.54 0.15
CA LEU A 575 19.93 24.52 -0.67
C LEU A 575 19.57 23.94 -2.04
N LEU A 576 20.48 23.17 -2.64
CA LEU A 576 20.20 22.54 -3.93
C LEU A 576 19.07 21.54 -3.82
N GLY A 577 19.03 20.76 -2.73
CA GLY A 577 17.93 19.84 -2.52
C GLY A 577 16.61 20.56 -2.29
N MET A 578 16.65 21.70 -1.60
CA MET A 578 15.45 22.51 -1.45
C MET A 578 14.94 22.99 -2.80
N GLN A 579 15.86 23.41 -3.68
CA GLN A 579 15.46 23.84 -5.02
C GLN A 579 14.90 22.68 -5.84
N LEU A 580 15.51 21.51 -5.74
CA LEU A 580 15.16 20.38 -6.60
C LEU A 580 13.97 19.58 -6.08
N PHE A 581 13.88 19.36 -4.78
CA PHE A 581 12.86 18.50 -4.20
C PHE A 581 11.93 19.22 -3.22
N GLY A 582 12.14 20.51 -2.97
CA GLY A 582 11.30 21.23 -2.05
C GLY A 582 9.89 21.36 -2.59
N GLY A 583 8.90 20.91 -1.81
CA GLY A 583 7.52 21.02 -2.24
C GLY A 583 7.13 20.10 -3.37
N ARG A 584 7.87 19.03 -3.58
CA ARG A 584 7.56 18.08 -4.65
C ARG A 584 7.22 16.69 -4.15
N TYR A 585 7.22 16.47 -2.84
CA TYR A 585 6.84 15.19 -2.25
C TYR A 585 5.33 15.09 -2.04
N ASP A 586 4.55 15.86 -2.80
CA ASP A 586 3.10 15.87 -2.69
C ASP A 586 2.53 14.61 -3.37
N PHE A 587 2.71 13.49 -2.69
CA PHE A 587 2.20 12.21 -3.15
C PHE A 587 0.78 12.01 -2.61
N GLU A 588 -0.07 11.39 -3.43
CA GLU A 588 -1.47 11.19 -3.09
C GLU A 588 -1.71 9.95 -2.24
N ASP A 589 -0.69 9.46 -1.54
CA ASP A 589 -0.84 8.31 -0.66
C ASP A 589 -0.78 8.76 0.80
N THR A 590 -0.88 7.79 1.70
CA THR A 590 -0.81 8.04 3.13
C THR A 590 0.56 7.71 3.73
N GLU A 591 1.54 7.41 2.88
CA GLU A 591 2.88 7.10 3.36
C GLU A 591 3.54 8.35 3.92
N VAL A 592 4.38 8.15 4.94
CA VAL A 592 5.07 9.24 5.62
C VAL A 592 6.52 9.26 5.17
N ARG A 593 6.98 10.41 4.70
CA ARG A 593 8.34 10.60 4.20
C ARG A 593 8.96 11.76 4.99
N ARG A 594 9.55 11.44 6.14
CA ARG A 594 10.11 12.47 7.00
C ARG A 594 11.35 13.12 6.40
N SER A 595 12.15 12.35 5.65
CA SER A 595 13.39 12.85 5.09
C SER A 595 13.09 13.55 3.77
N ASN A 596 12.68 14.81 3.87
CA ASN A 596 12.38 15.60 2.68
C ASN A 596 13.14 16.92 2.70
N PHE A 597 12.81 17.82 1.79
CA PHE A 597 13.51 19.09 1.62
C PHE A 597 12.53 20.25 1.67
N ASP A 598 11.52 20.16 2.55
CA ASP A 598 10.47 21.17 2.59
C ASP A 598 10.96 22.50 3.13
N ASN A 599 11.90 22.49 4.08
CA ASN A 599 12.47 23.70 4.61
C ASN A 599 13.95 23.46 4.92
N PHE A 600 14.64 24.52 5.33
CA PHE A 600 16.09 24.44 5.50
C PHE A 600 16.52 23.43 6.56
N PRO A 601 15.96 23.41 7.78
CA PRO A 601 16.41 22.39 8.75
C PRO A 601 16.17 20.97 8.29
N GLN A 602 15.03 20.70 7.66
CA GLN A 602 14.76 19.35 7.18
C GLN A 602 15.69 18.96 6.04
N ALA A 603 15.94 19.89 5.12
CA ALA A 603 16.89 19.62 4.04
C ALA A 603 18.28 19.37 4.59
N LEU A 604 18.68 20.13 5.60
CA LEU A 604 19.98 19.93 6.24
C LEU A 604 20.06 18.55 6.89
N ILE A 605 19.00 18.13 7.58
CA ILE A 605 18.95 16.81 8.19
C ILE A 605 19.05 15.73 7.12
N SER A 606 18.31 15.89 6.02
CA SER A 606 18.33 14.90 4.95
C SER A 606 19.71 14.79 4.32
N VAL A 607 20.37 15.93 4.10
CA VAL A 607 21.72 15.91 3.53
C VAL A 607 22.70 15.23 4.47
N PHE A 608 22.59 15.52 5.77
CA PHE A 608 23.44 14.83 6.74
C PHE A 608 23.19 13.33 6.74
N GLN A 609 21.92 12.92 6.65
CA GLN A 609 21.59 11.50 6.63
C GLN A 609 22.16 10.82 5.39
N VAL A 610 22.10 11.51 4.24
CA VAL A 610 22.68 10.95 3.02
C VAL A 610 24.19 10.85 3.15
N LEU A 611 24.82 11.84 3.81
CA LEU A 611 26.27 11.76 4.04
C LEU A 611 26.63 10.57 4.90
N THR A 612 25.87 10.31 5.96
CA THR A 612 26.12 9.12 6.77
C THR A 612 25.87 7.84 5.98
N GLY A 613 25.14 7.92 4.87
CA GLY A 613 24.89 6.77 4.02
C GLY A 613 23.79 5.86 4.47
N GLU A 614 23.09 6.18 5.56
CA GLU A 614 22.05 5.32 6.10
C GLU A 614 20.72 5.63 5.40
N ASP A 615 20.19 4.65 4.69
CA ASP A 615 18.89 4.74 4.03
C ASP A 615 18.86 5.87 2.99
N TRP A 616 20.01 6.18 2.39
CA TRP A 616 20.04 7.22 1.37
C TRP A 616 19.31 6.79 0.11
N ASN A 617 19.25 5.49 -0.16
CA ASN A 617 18.55 5.01 -1.35
C ASN A 617 17.06 5.27 -1.26
N SER A 618 16.48 5.24 -0.05
CA SER A 618 15.07 5.61 0.10
C SER A 618 14.84 7.06 -0.27
N VAL A 619 15.76 7.94 0.14
CA VAL A 619 15.66 9.35 -0.24
C VAL A 619 15.78 9.51 -1.75
N MET A 620 16.70 8.76 -2.37
CA MET A 620 16.83 8.82 -3.82
C MET A 620 15.57 8.34 -4.52
N TYR A 621 14.96 7.27 -4.01
CA TYR A 621 13.71 6.78 -4.59
C TYR A 621 12.60 7.81 -4.46
N ASN A 622 12.52 8.47 -3.31
CA ASN A 622 11.53 9.52 -3.12
C ASN A 622 11.75 10.67 -4.09
N GLY A 623 13.01 11.06 -4.30
CA GLY A 623 13.30 12.10 -5.26
C GLY A 623 12.97 11.70 -6.69
N ILE A 624 13.21 10.44 -7.04
CA ILE A 624 12.88 9.97 -8.38
C ILE A 624 11.37 9.96 -8.59
N MET A 625 10.62 9.49 -7.59
CA MET A 625 9.16 9.48 -7.70
C MET A 625 8.55 10.87 -7.63
N ALA A 626 9.25 11.83 -7.02
CA ALA A 626 8.77 13.21 -7.03
C ALA A 626 8.67 13.73 -8.46
N TYR A 627 9.66 13.40 -9.29
CA TYR A 627 9.62 13.68 -10.71
C TYR A 627 8.80 12.60 -11.40
N GLY A 628 8.88 12.51 -12.73
CA GLY A 628 8.01 11.61 -13.46
C GLY A 628 8.08 10.17 -12.97
N GLY A 629 9.28 9.68 -12.71
CA GLY A 629 9.46 8.32 -12.24
C GLY A 629 10.71 7.68 -12.83
N PRO A 630 10.69 6.37 -13.00
CA PRO A 630 11.83 5.65 -13.59
C PRO A 630 11.90 5.79 -15.11
N SER A 631 11.76 7.02 -15.60
CA SER A 631 11.80 7.34 -17.01
C SER A 631 13.03 8.21 -17.29
N TYR A 632 13.17 8.62 -18.56
CA TYR A 632 14.40 9.29 -18.98
C TYR A 632 14.67 10.58 -18.23
N PRO A 633 13.73 11.53 -18.06
CA PRO A 633 14.07 12.76 -17.34
C PRO A 633 14.02 12.60 -15.83
N GLY A 634 13.19 11.67 -15.36
CA GLY A 634 12.97 11.51 -13.93
C GLY A 634 14.09 10.82 -13.18
N VAL A 635 14.92 10.04 -13.88
CA VAL A 635 15.98 9.31 -13.18
C VAL A 635 17.23 10.15 -12.99
N LEU A 636 17.44 11.18 -13.81
CA LEU A 636 18.68 11.95 -13.75
C LEU A 636 18.87 12.63 -12.40
N VAL A 637 17.80 12.80 -11.63
CA VAL A 637 17.93 13.41 -10.31
C VAL A 637 18.83 12.57 -9.41
N CYS A 638 18.90 11.26 -9.67
CA CYS A 638 19.79 10.41 -8.89
C CYS A 638 21.23 10.88 -8.97
N ILE A 639 21.59 11.57 -10.06
CA ILE A 639 22.95 12.11 -10.19
C ILE A 639 23.27 12.98 -8.98
N TYR A 640 22.33 13.84 -8.58
CA TYR A 640 22.46 14.63 -7.37
C TYR A 640 22.99 13.78 -6.21
N PHE A 641 22.26 12.70 -5.89
CA PHE A 641 22.67 11.86 -4.77
C PHE A 641 24.05 11.25 -5.00
N ILE A 642 24.33 10.84 -6.24
CA ILE A 642 25.64 10.30 -6.55
C ILE A 642 26.72 11.34 -6.27
N ILE A 643 26.45 12.60 -6.62
CA ILE A 643 27.40 13.66 -6.28
C ILE A 643 27.41 13.89 -4.78
N LEU A 644 26.24 13.80 -4.14
CA LEU A 644 26.16 14.10 -2.71
C LEU A 644 26.88 13.06 -1.88
N PHE A 645 26.79 11.78 -2.27
CA PHE A 645 27.43 10.72 -1.50
C PHE A 645 28.94 10.72 -1.70
N VAL A 646 29.37 10.43 -2.93
CA VAL A 646 30.80 10.21 -3.18
C VAL A 646 31.61 11.44 -2.80
N CYS A 647 31.38 12.56 -3.50
CA CYS A 647 32.08 13.79 -3.17
C CYS A 647 31.80 14.23 -1.74
N GLY A 648 30.67 13.82 -1.17
CA GLY A 648 30.40 14.14 0.21
C GLY A 648 31.26 13.36 1.16
N ASN A 649 31.43 12.06 0.90
CA ASN A 649 32.18 11.22 1.83
C ASN A 649 33.68 11.48 1.70
N TYR A 650 34.18 11.58 0.46
CA TYR A 650 35.59 11.77 0.21
C TYR A 650 36.16 12.88 1.09
N ILE A 651 35.70 14.11 0.87
CA ILE A 651 36.20 15.22 1.68
C ILE A 651 35.95 14.94 3.16
N LEU A 652 34.77 14.42 3.49
CA LEU A 652 34.49 14.03 4.86
C LEU A 652 35.59 13.10 5.37
N LEU A 653 35.74 11.95 4.74
CA LEU A 653 36.83 11.05 5.09
C LEU A 653 38.11 11.85 5.20
N ASN A 654 38.43 12.58 4.12
CA ASN A 654 39.64 13.39 4.07
C ASN A 654 39.85 14.14 5.36
N VAL A 655 38.91 15.03 5.70
CA VAL A 655 39.17 15.93 6.83
C VAL A 655 39.45 15.12 8.08
N PHE A 656 38.56 14.17 8.38
CA PHE A 656 38.72 13.45 9.64
C PHE A 656 39.98 12.63 9.61
N LEU A 657 40.26 11.96 8.47
CA LEU A 657 41.50 11.21 8.37
C LEU A 657 42.68 12.11 8.64
N ALA A 658 42.71 13.27 7.99
CA ALA A 658 43.80 14.21 8.21
C ALA A 658 43.95 14.48 9.69
N ILE A 659 42.83 14.85 10.34
CA ILE A 659 42.87 15.15 11.78
C ILE A 659 43.62 14.04 12.49
N ALA A 660 43.15 12.81 12.32
CA ALA A 660 43.76 11.67 13.00
C ALA A 660 45.27 11.71 12.84
N VAL A 661 45.73 11.63 11.59
CA VAL A 661 47.17 11.45 11.38
C VAL A 661 47.92 12.63 11.99
N ASP A 662 47.42 13.85 11.77
CA ASP A 662 48.10 15.02 12.31
C ASP A 662 48.25 14.89 13.82
N ASN A 663 47.14 14.63 14.50
CA ASN A 663 47.20 14.49 15.94
C ASN A 663 48.09 13.31 16.31
N LEU A 664 47.93 12.20 15.59
CA LEU A 664 48.72 11.03 15.94
C LEU A 664 50.20 11.26 15.64
N ALA A 665 50.52 12.17 14.72
CA ALA A 665 51.90 12.56 14.54
C ALA A 665 52.46 13.13 15.84
N GLU A 666 51.73 14.08 16.43
CA GLU A 666 52.15 14.61 17.72
C GLU A 666 52.02 13.59 18.84
N ALA A 667 51.35 12.47 18.58
CA ALA A 667 51.32 11.38 19.56
C ALA A 667 52.59 10.56 19.55
N GLU A 668 53.43 10.68 18.51
CA GLU A 668 54.70 9.95 18.47
C GLU A 668 55.91 10.86 18.56
N SER A 669 55.76 12.15 18.31
CA SER A 669 56.87 13.08 18.43
C SER A 669 56.99 13.68 19.83
N LEU A 670 55.86 14.06 20.43
CA LEU A 670 55.88 14.59 21.79
C LEU A 670 56.21 13.51 22.81
N THR A 671 55.62 12.32 22.64
CA THR A 671 55.88 11.23 23.58
C THR A 671 57.33 10.78 23.53
N SER A 672 57.91 10.70 22.32
CA SER A 672 59.31 10.33 22.17
C SER A 672 60.26 11.39 22.72
N ALA A 673 59.77 12.59 22.98
CA ALA A 673 60.61 13.64 23.54
C ALA A 673 60.25 13.91 25.00
N VAL A 796 55.16 -38.80 17.26
CA VAL A 796 54.40 -37.76 17.93
C VAL A 796 54.90 -36.39 17.49
N ASN A 797 56.18 -36.11 17.73
CA ASN A 797 56.77 -34.85 17.34
C ASN A 797 57.00 -34.75 15.84
N ALA A 798 56.82 -35.84 15.09
CA ALA A 798 57.01 -35.81 13.65
C ALA A 798 55.92 -34.96 12.99
N THR A 799 56.27 -34.41 11.82
CA THR A 799 55.34 -33.55 11.11
C THR A 799 54.12 -34.32 10.62
N TRP A 800 54.27 -35.63 10.37
CA TRP A 800 53.14 -36.43 9.90
C TRP A 800 52.03 -36.44 10.94
N PHE A 801 52.37 -36.65 12.22
CA PHE A 801 51.36 -36.69 13.26
C PHE A 801 50.69 -35.34 13.44
N THR A 802 51.47 -34.25 13.38
CA THR A 802 50.89 -32.91 13.50
C THR A 802 49.93 -32.62 12.37
N ASN A 803 50.30 -32.98 11.13
CA ASN A 803 49.41 -32.76 10.00
C ASN A 803 48.16 -33.63 10.12
N PHE A 804 48.32 -34.86 10.61
CA PHE A 804 47.18 -35.74 10.83
C PHE A 804 46.19 -35.13 11.83
N ILE A 805 46.73 -34.62 12.94
CA ILE A 805 45.88 -34.01 13.96
C ILE A 805 45.21 -32.75 13.42
N LEU A 806 45.94 -31.95 12.64
CA LEU A 806 45.36 -30.74 12.08
C LEU A 806 44.24 -31.06 11.10
N LEU A 807 44.44 -32.07 10.25
CA LEU A 807 43.39 -32.47 9.32
C LEU A 807 42.16 -32.98 10.05
N PHE A 808 42.37 -33.76 11.11
CA PHE A 808 41.22 -34.27 11.86
C PHE A 808 40.51 -33.16 12.62
N ILE A 809 41.25 -32.16 13.10
CA ILE A 809 40.61 -31.00 13.72
C ILE A 809 39.77 -30.24 12.71
N LEU A 810 40.30 -30.07 11.50
CA LEU A 810 39.53 -29.40 10.43
C LEU A 810 38.27 -30.18 10.10
N LEU A 811 38.36 -31.50 10.02
CA LEU A 811 37.19 -32.31 9.72
C LEU A 811 36.18 -32.30 10.86
N SER A 812 36.65 -32.26 12.11
CA SER A 812 35.73 -32.14 13.24
C SER A 812 35.00 -30.81 13.21
N SER A 813 35.71 -29.73 12.87
CA SER A 813 35.05 -28.43 12.72
C SER A 813 34.03 -28.45 11.60
N ALA A 814 34.36 -29.10 10.49
CA ALA A 814 33.41 -29.20 9.39
C ALA A 814 32.18 -29.99 9.79
N ALA A 815 32.36 -31.07 10.55
CA ALA A 815 31.22 -31.85 11.02
C ALA A 815 30.37 -31.05 12.00
N LEU A 816 31.02 -30.23 12.83
CA LEU A 816 30.27 -29.35 13.72
C LEU A 816 29.46 -28.33 12.93
N ALA A 817 30.02 -27.81 11.84
CA ALA A 817 29.31 -26.83 11.03
C ALA A 817 28.06 -27.43 10.40
N ALA A 818 28.24 -28.47 9.59
CA ALA A 818 27.11 -29.14 8.94
C ALA A 818 26.34 -29.93 9.99
N GLU A 819 25.13 -29.48 10.29
CA GLU A 819 24.29 -30.10 11.31
C GLU A 819 22.86 -29.66 11.09
N ASP A 820 21.95 -30.21 11.89
CA ASP A 820 20.53 -29.88 11.81
C ASP A 820 20.07 -29.27 13.13
N PRO A 821 20.02 -27.94 13.24
CA PRO A 821 19.60 -27.32 14.51
C PRO A 821 18.10 -27.35 14.76
N ILE A 822 17.30 -27.78 13.80
CA ILE A 822 15.85 -27.78 13.96
C ILE A 822 15.37 -29.14 14.45
N ARG A 823 15.60 -30.17 13.65
CA ARG A 823 15.13 -31.51 14.00
C ARG A 823 15.96 -32.08 15.14
N ALA A 824 15.29 -32.58 16.17
CA ALA A 824 16.00 -33.15 17.31
C ALA A 824 16.78 -34.40 16.91
N GLU A 825 16.15 -35.28 16.13
CA GLU A 825 16.78 -36.52 15.66
C GLU A 825 16.47 -36.66 14.17
N SER A 826 17.33 -36.09 13.33
CA SER A 826 17.15 -36.15 11.89
C SER A 826 17.93 -37.33 11.32
N VAL A 827 17.84 -37.51 10.00
CA VAL A 827 18.58 -38.58 9.34
C VAL A 827 20.07 -38.23 9.27
N ARG A 828 20.39 -36.94 9.30
CA ARG A 828 21.78 -36.49 9.23
C ARG A 828 22.46 -36.48 10.60
N ASN A 829 21.69 -36.37 11.68
CA ASN A 829 22.27 -36.09 12.99
C ASN A 829 23.06 -37.28 13.52
N GLN A 830 22.56 -38.50 13.37
CA GLN A 830 23.23 -39.65 13.96
C GLN A 830 24.51 -39.99 13.21
N ILE A 831 24.55 -39.76 11.90
CA ILE A 831 25.80 -39.94 11.16
C ILE A 831 26.86 -38.97 11.67
N LEU A 832 26.45 -37.72 11.91
CA LEU A 832 27.37 -36.74 12.47
C LEU A 832 27.81 -37.13 13.87
N GLY A 833 26.91 -37.74 14.65
CA GLY A 833 27.29 -38.22 15.97
C GLY A 833 28.30 -39.34 15.92
N TYR A 834 28.13 -40.26 14.96
CA TYR A 834 29.12 -41.33 14.76
C TYR A 834 30.46 -40.74 14.35
N PHE A 835 30.45 -39.75 13.46
CA PHE A 835 31.69 -39.08 13.08
C PHE A 835 32.32 -38.39 14.29
N ASP A 836 31.49 -37.77 15.14
CA ASP A 836 32.00 -37.07 16.31
C ASP A 836 32.66 -38.03 17.30
N ILE A 837 32.03 -39.17 17.55
CA ILE A 837 32.62 -40.12 18.49
C ILE A 837 33.88 -40.74 17.88
N ALA A 838 33.90 -40.96 16.56
CA ALA A 838 35.10 -41.45 15.91
C ALA A 838 36.25 -40.45 16.04
N PHE A 839 35.95 -39.16 15.84
CA PHE A 839 36.98 -38.13 15.99
C PHE A 839 37.46 -38.04 17.44
N THR A 840 36.52 -38.13 18.39
CA THR A 840 36.89 -38.08 19.80
C THR A 840 37.80 -39.24 20.17
N SER A 841 37.50 -40.44 19.66
CA SER A 841 38.37 -41.59 19.91
C SER A 841 39.76 -41.36 19.32
N VAL A 842 39.84 -40.66 18.19
CA VAL A 842 41.13 -40.32 17.61
C VAL A 842 41.83 -39.27 18.47
N PHE A 843 41.08 -38.29 18.98
CA PHE A 843 41.69 -37.19 19.71
C PHE A 843 42.07 -37.55 21.15
N THR A 844 41.48 -38.60 21.73
CA THR A 844 41.85 -38.96 23.10
C THR A 844 43.16 -39.74 23.17
N VAL A 845 43.63 -40.30 22.05
CA VAL A 845 44.93 -40.96 22.04
C VAL A 845 46.06 -39.98 21.80
N GLU A 846 45.75 -38.75 21.40
CA GLU A 846 46.78 -37.72 21.24
C GLU A 846 47.25 -37.16 22.57
N ILE A 847 46.40 -37.17 23.60
CA ILE A 847 46.80 -36.61 24.89
C ILE A 847 47.60 -37.61 25.72
N VAL A 848 47.29 -38.91 25.61
CA VAL A 848 48.08 -39.91 26.33
C VAL A 848 49.48 -40.00 25.73
N LEU A 849 49.60 -39.86 24.41
CA LEU A 849 50.92 -39.87 23.78
C LEU A 849 51.74 -38.64 24.16
N LYS A 850 51.12 -37.61 24.71
CA LYS A 850 51.82 -36.43 25.19
C LYS A 850 52.01 -36.40 26.69
N MET A 851 51.06 -36.95 27.46
CA MET A 851 51.19 -36.94 28.91
C MET A 851 52.32 -37.85 29.39
N THR A 852 52.47 -39.01 28.74
CA THR A 852 53.53 -39.94 29.15
C THR A 852 54.91 -39.37 28.85
N THR A 853 55.06 -38.70 27.70
CA THR A 853 56.36 -38.21 27.26
C THR A 853 56.66 -36.79 27.71
N TYR A 854 55.78 -36.17 28.49
CA TYR A 854 56.01 -34.81 28.98
C TYR A 854 55.40 -34.70 30.37
N GLY A 855 55.27 -33.46 30.85
CA GLY A 855 54.70 -33.20 32.15
C GLY A 855 53.22 -33.55 32.25
N TYR A 867 49.43 -24.57 28.91
CA TYR A 867 48.46 -23.50 28.76
C TYR A 867 47.59 -23.74 27.52
N PHE A 868 48.17 -24.42 26.53
CA PHE A 868 47.45 -24.75 25.30
C PHE A 868 46.95 -26.20 25.29
N ASN A 869 47.69 -27.13 25.90
CA ASN A 869 47.23 -28.50 25.97
C ASN A 869 46.01 -28.63 26.87
N ILE A 870 45.86 -27.71 27.84
CA ILE A 870 44.68 -27.73 28.71
C ILE A 870 43.43 -27.44 27.90
N LEU A 871 43.53 -26.61 26.86
CA LEU A 871 42.38 -26.36 26.00
C LEU A 871 41.96 -27.62 25.25
N ASP A 872 42.94 -28.37 24.73
CA ASP A 872 42.63 -29.63 24.05
C ASP A 872 42.01 -30.62 25.02
N LEU A 873 42.56 -30.70 26.24
CA LEU A 873 41.99 -31.60 27.26
C LEU A 873 40.55 -31.21 27.58
N LEU A 874 40.29 -29.91 27.73
CA LEU A 874 38.94 -29.45 28.04
C LEU A 874 37.97 -29.77 26.91
N VAL A 875 38.41 -29.58 25.66
CA VAL A 875 37.56 -29.88 24.51
C VAL A 875 37.24 -31.37 24.47
N VAL A 876 38.25 -32.21 24.67
CA VAL A 876 38.01 -33.66 24.66
C VAL A 876 37.10 -34.07 25.81
N ALA A 877 37.28 -33.44 26.98
CA ALA A 877 36.45 -33.78 28.13
C ALA A 877 34.98 -33.40 27.89
N VAL A 878 34.74 -32.21 27.34
CA VAL A 878 33.35 -31.81 27.12
C VAL A 878 32.74 -32.59 25.97
N SER A 879 33.55 -33.07 25.03
CA SER A 879 33.02 -33.91 23.96
C SER A 879 32.67 -35.30 24.48
N LEU A 880 33.53 -35.87 25.33
CA LEU A 880 33.31 -37.23 25.82
C LEU A 880 32.22 -37.29 26.88
N ILE A 881 32.18 -36.32 27.79
CA ILE A 881 31.21 -36.35 28.88
C ILE A 881 29.78 -36.15 28.39
N SER A 882 29.61 -35.63 27.17
CA SER A 882 28.29 -35.45 26.58
C SER A 882 27.89 -36.63 25.70
N MET A 883 28.55 -37.77 25.85
CA MET A 883 28.28 -38.98 25.08
C MET A 883 28.40 -38.74 23.58
N VAL A 892 21.36 -25.83 33.31
CA VAL A 892 21.07 -26.19 31.93
C VAL A 892 22.23 -26.98 31.33
N VAL A 893 21.93 -28.15 30.78
CA VAL A 893 22.97 -29.02 30.24
C VAL A 893 23.27 -28.71 28.78
N LYS A 894 22.29 -28.21 28.02
CA LYS A 894 22.50 -27.95 26.60
C LYS A 894 23.55 -26.87 26.37
N ILE A 895 23.87 -26.07 27.39
CA ILE A 895 24.95 -25.10 27.28
C ILE A 895 26.26 -25.81 26.99
N LEU A 896 26.43 -27.02 27.51
CA LEU A 896 27.63 -27.81 27.20
C LEU A 896 27.72 -28.11 25.72
N ARG A 897 26.58 -28.21 25.03
CA ARG A 897 26.60 -28.39 23.58
C ARG A 897 27.17 -27.18 22.85
N VAL A 898 27.19 -26.02 23.49
CA VAL A 898 27.75 -24.83 22.88
C VAL A 898 29.27 -24.75 23.10
N LEU A 899 29.78 -25.37 24.17
CA LEU A 899 31.20 -25.31 24.47
C LEU A 899 32.06 -26.10 23.50
N ARG A 900 31.46 -26.91 22.63
CA ARG A 900 32.23 -27.68 21.66
C ARG A 900 32.56 -26.88 20.40
N VAL A 901 32.28 -25.57 20.40
CA VAL A 901 32.72 -24.71 19.30
C VAL A 901 34.18 -24.29 19.44
N LEU A 902 34.87 -24.78 20.46
CA LEU A 902 36.28 -24.46 20.68
C LEU A 902 37.21 -25.37 19.89
N ARG A 903 36.67 -26.29 19.10
CA ARG A 903 37.51 -27.18 18.30
C ARG A 903 38.45 -26.43 17.36
N PRO A 904 38.01 -25.43 16.59
CA PRO A 904 38.98 -24.72 15.73
C PRO A 904 40.09 -24.03 16.49
N LEU A 905 39.82 -23.54 17.71
CA LEU A 905 40.84 -22.80 18.45
C LEU A 905 42.07 -23.66 18.74
N ARG A 906 41.90 -24.98 18.79
CA ARG A 906 43.05 -25.86 19.00
C ARG A 906 44.10 -25.67 17.90
N ALA A 907 43.65 -25.39 16.68
CA ALA A 907 44.59 -25.17 15.57
C ALA A 907 45.53 -24.00 15.86
N ILE A 908 45.13 -23.08 16.74
CA ILE A 908 46.02 -21.98 17.11
C ILE A 908 47.32 -22.50 17.68
N ASN A 909 47.26 -23.59 18.46
CA ASN A 909 48.48 -24.20 18.97
C ASN A 909 49.28 -24.83 17.85
N ARG A 910 48.61 -25.42 16.86
CA ARG A 910 49.32 -26.18 15.84
C ARG A 910 50.00 -25.29 14.81
N ALA A 911 49.39 -24.17 14.45
CA ALA A 911 49.92 -23.28 13.43
C ALA A 911 50.73 -22.17 14.09
N LYS A 912 51.97 -21.99 13.64
CA LYS A 912 52.83 -20.95 14.21
C LYS A 912 52.41 -19.56 13.74
N GLY A 913 52.03 -19.44 12.47
CA GLY A 913 51.56 -18.14 11.98
C GLY A 913 50.26 -17.71 12.64
N LEU A 914 49.36 -18.66 12.88
CA LEU A 914 48.12 -18.33 13.58
C LEU A 914 48.40 -17.86 15.01
N LYS A 915 49.33 -18.53 15.70
CA LYS A 915 49.71 -18.09 17.04
C LYS A 915 50.34 -16.70 17.01
N HIS A 916 51.17 -16.45 15.99
CA HIS A 916 51.81 -15.15 15.88
C HIS A 916 50.79 -14.04 15.66
N VAL A 917 49.83 -14.26 14.76
CA VAL A 917 48.84 -13.21 14.51
C VAL A 917 47.91 -13.05 15.71
N VAL A 918 47.64 -14.13 16.44
CA VAL A 918 46.84 -14.02 17.67
C VAL A 918 47.58 -13.17 18.70
N GLN A 919 48.88 -13.42 18.88
CA GLN A 919 49.67 -12.60 19.79
C GLN A 919 49.69 -11.14 19.36
N CYS A 920 49.83 -10.91 18.05
CA CYS A 920 49.86 -9.54 17.54
C CYS A 920 48.54 -8.83 17.80
N VAL A 921 47.41 -9.51 17.56
CA VAL A 921 46.13 -8.86 17.78
C VAL A 921 45.87 -8.61 19.26
N PHE A 922 46.32 -9.52 20.14
CA PHE A 922 46.18 -9.26 21.57
C PHE A 922 47.03 -8.07 22.01
N VAL A 923 48.24 -7.95 21.47
CA VAL A 923 49.06 -6.78 21.76
C VAL A 923 48.37 -5.52 21.25
N ALA A 924 47.71 -5.62 20.09
CA ALA A 924 46.98 -4.48 19.54
C ALA A 924 45.85 -4.05 20.46
N ILE A 925 45.07 -5.00 21.00
CA ILE A 925 44.00 -4.61 21.90
C ILE A 925 44.57 -4.06 23.20
N ARG A 926 45.70 -4.59 23.66
CA ARG A 926 46.32 -4.06 24.88
C ARG A 926 46.80 -2.63 24.68
N THR A 927 47.31 -2.32 23.48
CA THR A 927 47.77 -0.97 23.20
C THR A 927 46.61 0.02 23.23
N ILE A 928 45.46 -0.37 22.68
CA ILE A 928 44.32 0.54 22.55
C ILE A 928 43.55 0.43 23.87
N GLY A 929 43.93 1.28 24.82
CA GLY A 929 43.24 1.32 26.09
C GLY A 929 43.03 2.73 26.60
N ASN A 930 43.59 3.71 25.88
CA ASN A 930 43.48 5.11 26.25
C ASN A 930 42.41 5.85 25.47
N ILE A 931 41.89 5.27 24.38
CA ILE A 931 40.83 5.89 23.61
C ILE A 931 39.49 5.19 23.79
N VAL A 932 39.47 3.87 24.01
CA VAL A 932 38.21 3.20 24.31
C VAL A 932 37.61 3.72 25.61
N LEU A 933 38.47 4.03 26.59
CA LEU A 933 37.97 4.55 27.86
C LEU A 933 37.25 5.88 27.68
N VAL A 934 37.87 6.81 26.94
CA VAL A 934 37.26 8.12 26.75
C VAL A 934 36.03 8.01 25.86
N THR A 935 36.06 7.13 24.85
CA THR A 935 34.89 6.94 24.01
C THR A 935 33.71 6.39 24.81
N THR A 936 33.97 5.39 25.67
CA THR A 936 32.92 4.83 26.49
C THR A 936 32.39 5.85 27.49
N LEU A 937 33.28 6.66 28.07
CA LEU A 937 32.83 7.69 29.01
C LEU A 937 31.96 8.74 28.32
N LEU A 938 32.36 9.16 27.11
CA LEU A 938 31.55 10.12 26.38
C LEU A 938 30.21 9.53 25.97
N GLN A 939 30.20 8.25 25.59
CA GLN A 939 28.94 7.58 25.29
C GLN A 939 28.04 7.52 26.52
N PHE A 940 28.63 7.26 27.69
CA PHE A 940 27.87 7.25 28.94
C PHE A 940 27.28 8.62 29.25
N MET A 941 28.08 9.67 29.06
CA MET A 941 27.60 11.03 29.33
C MET A 941 26.48 11.42 28.37
N PHE A 942 26.63 11.08 27.09
CA PHE A 942 25.56 11.34 26.13
C PHE A 942 24.33 10.50 26.45
N ALA A 943 24.52 9.29 26.98
CA ALA A 943 23.38 8.48 27.40
C ALA A 943 22.64 9.13 28.57
N CYS A 944 23.39 9.71 29.50
CA CYS A 944 22.75 10.42 30.61
C CYS A 944 21.98 11.63 30.11
N ILE A 945 22.56 12.38 29.16
CA ILE A 945 21.86 13.52 28.58
C ILE A 945 20.59 13.06 27.86
N GLY A 946 20.68 11.97 27.11
CA GLY A 946 19.52 11.43 26.43
C GLY A 946 18.45 10.92 27.37
N VAL A 947 18.85 10.38 28.52
CA VAL A 947 17.88 10.01 29.54
C VAL A 947 17.19 11.24 30.07
N GLN A 948 17.94 12.31 30.31
CA GLN A 948 17.33 13.56 30.77
C GLN A 948 16.34 14.09 29.72
N LEU A 949 16.66 13.93 28.44
CA LEU A 949 15.84 14.54 27.39
C LEU A 949 14.60 13.70 27.05
N PHE A 950 14.77 12.39 26.85
CA PHE A 950 13.74 11.56 26.24
C PHE A 950 13.21 10.48 27.18
N LYS A 951 13.26 10.71 28.49
CA LYS A 951 12.79 9.71 29.43
C LYS A 951 11.27 9.65 29.43
N GLY A 952 10.71 8.51 29.04
CA GLY A 952 9.29 8.31 28.99
C GLY A 952 8.60 8.84 27.76
N LYS A 953 9.35 9.41 26.81
CA LYS A 953 8.77 10.08 25.65
C LYS A 953 8.80 9.24 24.39
N PHE A 954 9.05 7.93 24.50
CA PHE A 954 9.11 7.06 23.34
C PHE A 954 7.96 6.05 23.31
N PHE A 955 6.89 6.31 24.07
CA PHE A 955 5.67 5.53 23.99
C PHE A 955 4.78 6.06 22.88
N SER A 956 3.92 5.19 22.36
CA SER A 956 3.04 5.56 21.26
C SER A 956 1.83 4.62 21.26
N CYS A 957 0.91 4.88 20.34
CA CYS A 957 -0.28 4.07 20.17
C CYS A 957 -0.35 3.58 18.73
N ASN A 958 -1.15 2.53 18.51
CA ASN A 958 -1.30 2.00 17.15
C ASN A 958 -1.80 3.07 16.19
N ASP A 959 -2.87 3.77 16.55
CA ASP A 959 -3.34 4.91 15.79
C ASP A 959 -2.89 6.18 16.50
N LEU A 960 -2.38 7.13 15.72
CA LEU A 960 -1.76 8.32 16.29
C LEU A 960 -2.76 9.28 16.90
N SER A 961 -4.06 9.04 16.73
CA SER A 961 -5.08 9.92 17.28
C SER A 961 -5.23 9.78 18.79
N LYS A 962 -4.79 8.69 19.37
CA LYS A 962 -4.88 8.46 20.82
C LYS A 962 -3.55 8.77 21.46
N MET A 963 -3.56 9.66 22.45
CA MET A 963 -2.34 10.24 23.01
C MET A 963 -2.00 9.75 24.40
N THR A 964 -2.85 8.91 25.01
CA THR A 964 -2.63 8.43 26.36
C THR A 964 -2.87 6.93 26.41
N GLU A 965 -2.23 6.27 27.38
CA GLU A 965 -2.35 4.82 27.49
C GLU A 965 -3.79 4.40 27.74
N GLU A 966 -4.51 5.14 28.59
CA GLU A 966 -5.91 4.84 28.82
C GLU A 966 -6.78 5.14 27.60
N GLU A 967 -6.32 6.04 26.72
CA GLU A 967 -7.03 6.28 25.48
C GLU A 967 -6.80 5.17 24.46
N CYS A 968 -5.60 4.58 24.45
CA CYS A 968 -5.24 3.56 23.46
C CYS A 968 -5.78 2.20 23.89
N ARG A 969 -7.10 2.09 23.85
CA ARG A 969 -7.80 0.86 24.16
C ARG A 969 -8.93 0.64 23.16
N GLY A 970 -9.26 -0.62 22.93
CA GLY A 970 -10.30 -0.94 21.97
C GLY A 970 -9.77 -1.30 20.60
N TYR A 971 -10.57 -1.06 19.56
CA TYR A 971 -10.19 -1.37 18.19
C TYR A 971 -10.28 -0.11 17.34
N TYR A 972 -9.67 -0.18 16.16
CA TYR A 972 -9.69 0.93 15.23
C TYR A 972 -9.54 0.41 13.81
N TYR A 973 -9.67 1.30 12.84
CA TYR A 973 -9.64 0.94 11.43
C TYR A 973 -8.29 1.31 10.82
N VAL A 974 -7.77 0.39 10.01
CA VAL A 974 -6.62 0.68 9.15
C VAL A 974 -7.10 0.56 7.71
N TYR A 975 -6.55 1.42 6.86
CA TYR A 975 -6.98 1.52 5.46
C TYR A 975 -5.85 1.06 4.54
N LYS A 976 -6.16 0.09 3.69
CA LYS A 976 -5.15 -0.49 2.81
C LYS A 976 -4.95 0.41 1.59
N ASP A 977 -3.70 0.77 1.35
CA ASP A 977 -3.31 1.67 0.26
C ASP A 977 -3.98 3.04 0.37
N GLY A 978 -4.43 3.40 1.58
CA GLY A 978 -5.06 4.69 1.79
C GLY A 978 -6.38 4.86 1.06
N ASP A 979 -7.20 3.80 1.01
CA ASP A 979 -8.51 3.88 0.39
C ASP A 979 -9.58 3.83 1.46
N PRO A 980 -10.40 4.87 1.60
CA PRO A 980 -11.39 4.89 2.70
C PRO A 980 -12.42 3.78 2.65
N THR A 981 -12.63 3.17 1.48
CA THR A 981 -13.60 2.08 1.35
C THR A 981 -12.99 0.71 1.60
N GLN A 982 -11.70 0.63 1.89
CA GLN A 982 -11.01 -0.63 2.18
C GLN A 982 -10.41 -0.52 3.57
N MET A 983 -11.08 -1.13 4.56
CA MET A 983 -10.68 -0.98 5.95
C MET A 983 -10.66 -2.34 6.64
N GLU A 984 -9.84 -2.43 7.67
CA GLU A 984 -9.67 -3.65 8.45
C GLU A 984 -9.53 -3.26 9.92
N LEU A 985 -10.15 -4.06 10.79
CA LEU A 985 -10.12 -3.79 12.23
C LEU A 985 -8.83 -4.32 12.84
N ARG A 986 -8.19 -3.48 13.66
CA ARG A 986 -7.04 -3.89 14.45
C ARG A 986 -7.21 -3.39 15.88
N PRO A 987 -6.85 -4.19 16.88
CA PRO A 987 -6.82 -3.69 18.25
C PRO A 987 -5.67 -2.71 18.43
N ARG A 988 -5.92 -1.65 19.18
CA ARG A 988 -4.91 -0.63 19.44
C ARG A 988 -4.23 -0.92 20.78
N GLN A 989 -2.91 -0.84 20.80
CA GLN A 989 -2.12 -1.18 21.97
C GLN A 989 -1.07 -0.12 22.22
N TRP A 990 -0.81 0.16 23.50
CA TRP A 990 0.25 1.07 23.88
C TRP A 990 1.59 0.40 23.63
N ILE A 991 2.40 0.99 22.75
CA ILE A 991 3.62 0.37 22.23
C ILE A 991 4.82 1.20 22.70
N HIS A 992 5.81 0.52 23.25
CA HIS A 992 7.07 1.13 23.61
C HIS A 992 8.10 0.89 22.53
N ASN A 993 8.87 1.92 22.19
CA ASN A 993 9.89 1.79 21.16
C ASN A 993 10.95 0.78 21.59
N ASP A 994 11.47 0.04 20.61
CA ASP A 994 12.44 -1.01 20.92
C ASP A 994 13.75 -0.42 21.44
N PHE A 995 14.15 0.74 20.93
CA PHE A 995 15.34 1.44 21.39
C PHE A 995 14.89 2.76 22.00
N HIS A 996 15.08 2.92 23.31
CA HIS A 996 14.60 4.09 24.02
C HIS A 996 15.67 4.67 24.95
N PHE A 997 15.29 5.63 25.78
CA PHE A 997 16.19 6.30 26.71
C PHE A 997 15.60 6.32 28.10
N ASP A 998 14.94 5.23 28.50
CA ASP A 998 14.28 5.22 29.81
C ASP A 998 15.29 5.16 30.95
N ASN A 999 16.39 4.44 30.77
CA ASN A 999 17.47 4.40 31.73
C ASN A 999 18.80 4.49 30.99
N VAL A 1000 19.89 4.47 31.75
CA VAL A 1000 21.21 4.63 31.14
C VAL A 1000 21.58 3.44 30.28
N LEU A 1001 21.14 2.23 30.65
CA LEU A 1001 21.47 1.05 29.86
C LEU A 1001 20.78 1.09 28.50
N SER A 1002 19.47 1.36 28.49
CA SER A 1002 18.75 1.46 27.22
C SER A 1002 19.25 2.64 26.40
N ALA A 1003 19.58 3.75 27.05
CA ALA A 1003 20.13 4.89 26.34
C ALA A 1003 21.47 4.55 25.69
N MET A 1004 22.31 3.81 26.41
CA MET A 1004 23.60 3.40 25.85
C MET A 1004 23.42 2.45 24.69
N MET A 1005 22.45 1.53 24.78
CA MET A 1005 22.15 0.66 23.66
C MET A 1005 21.69 1.46 22.45
N SER A 1006 20.81 2.43 22.65
CA SER A 1006 20.33 3.26 21.55
C SER A 1006 21.46 4.05 20.93
N LEU A 1007 22.35 4.60 21.76
CA LEU A 1007 23.47 5.38 21.23
C LEU A 1007 24.47 4.49 20.49
N PHE A 1008 24.66 3.26 20.96
CA PHE A 1008 25.51 2.32 20.23
C PHE A 1008 24.91 2.00 18.87
N THR A 1009 23.59 1.80 18.81
CA THR A 1009 22.96 1.59 17.50
C THR A 1009 23.11 2.81 16.61
N VAL A 1010 23.04 4.01 17.20
CA VAL A 1010 23.21 5.24 16.42
C VAL A 1010 24.61 5.34 15.85
N SER A 1011 25.62 4.99 16.67
CA SER A 1011 27.01 5.15 16.25
C SER A 1011 27.37 4.25 15.07
N THR A 1012 26.64 3.15 14.87
CA THR A 1012 26.84 2.29 13.72
C THR A 1012 26.08 2.76 12.49
N PHE A 1013 25.36 3.89 12.59
CA PHE A 1013 24.59 4.46 11.48
C PHE A 1013 23.51 3.51 10.99
N GLU A 1014 22.91 2.73 11.88
CA GLU A 1014 21.88 1.76 11.51
C GLU A 1014 20.59 2.12 12.24
N GLY A 1015 19.61 2.61 11.49
CA GLY A 1015 18.33 2.97 12.06
C GLY A 1015 18.31 4.28 12.81
N TRP A 1016 19.35 5.10 12.69
CA TRP A 1016 19.43 6.34 13.44
C TRP A 1016 18.42 7.40 12.97
N PRO A 1017 18.04 7.46 11.68
CA PRO A 1017 16.94 8.38 11.32
C PRO A 1017 15.63 8.05 12.02
N GLN A 1018 15.36 6.76 12.27
CA GLN A 1018 14.13 6.39 12.95
C GLN A 1018 14.12 6.93 14.38
N LEU A 1019 15.23 6.77 15.10
CA LEU A 1019 15.34 7.34 16.43
C LEU A 1019 15.29 8.86 16.38
N LEU A 1020 15.90 9.46 15.36
CA LEU A 1020 15.88 10.90 15.22
C LEU A 1020 14.46 11.43 15.09
N TYR A 1021 13.66 10.81 14.22
CA TYR A 1021 12.30 11.27 14.01
C TYR A 1021 11.34 10.83 15.12
N ARG A 1022 11.72 9.82 15.90
CA ARG A 1022 10.96 9.50 17.11
C ARG A 1022 11.22 10.51 18.21
N ALA A 1023 12.46 10.99 18.32
CA ALA A 1023 12.81 11.97 19.34
C ALA A 1023 12.34 13.37 18.99
N ILE A 1024 12.23 13.69 17.70
CA ILE A 1024 11.72 15.00 17.29
C ILE A 1024 10.26 15.13 17.70
N ASP A 1025 9.50 14.05 17.60
CA ASP A 1025 8.08 14.05 17.92
C ASP A 1025 7.79 13.85 19.40
N SER A 1026 8.82 13.69 20.23
CA SER A 1026 8.62 13.44 21.66
C SER A 1026 7.86 14.59 22.30
N ASN A 1027 6.68 14.28 22.85
CA ASN A 1027 5.78 15.29 23.41
C ASN A 1027 5.92 15.43 24.92
N GLU A 1028 5.63 14.37 25.67
CA GLU A 1028 5.59 14.43 27.12
C GLU A 1028 6.04 13.09 27.69
N GLU A 1029 6.08 13.01 29.02
CA GLU A 1029 6.66 11.86 29.69
C GLU A 1029 5.78 10.61 29.65
N ASP A 1030 4.49 10.74 29.32
CA ASP A 1030 3.64 9.57 29.18
C ASP A 1030 2.65 9.72 28.05
N MET A 1031 2.96 10.52 27.04
CA MET A 1031 2.04 10.84 25.98
C MET A 1031 2.64 10.49 24.63
N GLY A 1032 1.77 10.37 23.62
CA GLY A 1032 2.19 9.96 22.31
C GLY A 1032 2.90 11.09 21.57
N PRO A 1033 3.41 10.76 20.38
CA PRO A 1033 4.19 11.73 19.62
C PRO A 1033 3.32 12.82 18.99
N VAL A 1034 3.96 13.96 18.73
CA VAL A 1034 3.36 15.07 17.98
C VAL A 1034 4.26 15.36 16.80
N TYR A 1035 3.68 15.35 15.60
CA TYR A 1035 4.47 15.46 14.37
C TYR A 1035 5.27 16.75 14.34
N ASN A 1036 6.59 16.61 14.19
CA ASN A 1036 7.52 17.74 14.14
C ASN A 1036 7.39 18.65 15.36
N ASN A 1037 7.28 18.04 16.54
CA ASN A 1037 7.12 18.82 17.77
C ASN A 1037 8.37 19.62 18.08
N ARG A 1038 9.53 18.96 18.09
CA ARG A 1038 10.80 19.59 18.48
C ARG A 1038 11.87 19.22 17.47
N VAL A 1039 12.02 20.04 16.43
CA VAL A 1039 13.06 19.79 15.44
C VAL A 1039 14.44 20.03 16.03
N GLU A 1040 14.54 20.92 17.03
CA GLU A 1040 15.84 21.25 17.61
C GLU A 1040 16.49 20.05 18.29
N MET A 1041 15.71 19.05 18.70
CA MET A 1041 16.31 17.83 19.26
C MET A 1041 17.21 17.13 18.26
N ALA A 1042 17.04 17.40 16.97
CA ALA A 1042 17.97 16.87 15.98
C ALA A 1042 19.41 17.23 16.30
N ILE A 1043 19.62 18.39 16.92
CA ILE A 1043 20.97 18.80 17.31
C ILE A 1043 21.63 17.72 18.15
N PHE A 1044 20.89 17.18 19.12
CA PHE A 1044 21.45 16.14 19.99
C PHE A 1044 21.94 14.95 19.17
N PHE A 1045 21.22 14.61 18.10
CA PHE A 1045 21.60 13.47 17.29
C PHE A 1045 22.67 13.80 16.27
N ILE A 1046 22.95 15.08 16.02
CA ILE A 1046 24.00 15.45 15.07
C ILE A 1046 25.35 15.52 15.76
N ILE A 1047 25.42 16.25 16.88
CA ILE A 1047 26.68 16.41 17.60
C ILE A 1047 27.26 15.06 17.99
N TYR A 1048 26.42 14.19 18.55
CA TYR A 1048 26.89 12.86 18.93
C TYR A 1048 27.47 12.11 17.74
N ILE A 1049 26.88 12.29 16.55
CA ILE A 1049 27.43 11.66 15.36
C ILE A 1049 28.75 12.31 14.97
N ILE A 1050 28.83 13.64 15.09
CA ILE A 1050 30.05 14.34 14.71
C ILE A 1050 31.19 14.01 15.68
N LEU A 1051 30.88 13.94 16.97
CA LEU A 1051 31.92 13.69 17.97
C LEU A 1051 32.32 12.22 18.01
N ILE A 1052 31.38 11.34 18.32
CA ILE A 1052 31.73 9.94 18.54
C ILE A 1052 31.84 9.20 17.21
N ALA A 1053 30.82 9.34 16.35
CA ALA A 1053 30.77 8.54 15.14
C ALA A 1053 31.69 9.03 14.04
N PHE A 1054 32.20 10.27 14.14
CA PHE A 1054 33.13 10.80 13.17
C PHE A 1054 34.50 11.09 13.79
N PHE A 1055 34.55 11.92 14.84
CA PHE A 1055 35.82 12.44 15.32
C PHE A 1055 36.62 11.38 16.06
N MET A 1056 35.97 10.63 16.96
CA MET A 1056 36.67 9.67 17.80
C MET A 1056 36.67 8.26 17.23
N MET A 1057 35.91 7.99 16.17
CA MET A 1057 36.05 6.74 15.45
C MET A 1057 37.11 6.82 14.35
N ASN A 1058 37.62 8.01 14.08
CA ASN A 1058 38.71 8.18 13.12
C ASN A 1058 40.07 8.30 13.79
N ILE A 1059 40.12 8.83 15.02
CA ILE A 1059 41.35 8.77 15.80
C ILE A 1059 41.67 7.32 16.17
N PHE A 1060 40.66 6.50 16.40
CA PHE A 1060 40.87 5.07 16.64
C PHE A 1060 41.53 4.42 15.44
N VAL A 1061 41.05 4.73 14.22
CA VAL A 1061 41.69 4.21 13.03
C VAL A 1061 43.07 4.84 12.84
N GLY A 1062 43.19 6.14 13.13
CA GLY A 1062 44.49 6.79 13.08
C GLY A 1062 45.45 6.31 14.14
N PHE A 1063 44.93 5.76 15.25
CA PHE A 1063 45.79 5.21 16.28
C PHE A 1063 46.59 4.02 15.77
N VAL A 1064 45.89 3.05 15.18
CA VAL A 1064 46.56 1.84 14.71
C VAL A 1064 47.46 2.13 13.52
N ILE A 1065 47.11 3.11 12.70
CA ILE A 1065 47.93 3.44 11.53
C ILE A 1065 49.31 3.88 11.97
N VAL A 1066 49.40 4.82 12.91
CA VAL A 1066 50.70 5.26 13.38
C VAL A 1066 51.34 4.23 14.30
N THR A 1067 50.53 3.43 15.00
CA THR A 1067 51.08 2.38 15.86
C THR A 1067 51.87 1.37 15.02
N PHE A 1068 51.32 0.97 13.89
CA PHE A 1068 52.04 0.08 12.98
C PHE A 1068 53.03 0.84 12.11
N GLN A 1069 52.88 2.15 11.98
CA GLN A 1069 53.88 2.97 11.33
C GLN A 1069 55.19 2.95 12.10
N GLU A 1070 55.11 2.99 13.43
CA GLU A 1070 56.30 2.99 14.27
C GLU A 1070 57.11 1.72 14.05
N GLN A 1071 56.44 0.57 13.99
CA GLN A 1071 57.13 -0.69 13.75
C GLN A 1071 57.49 -0.91 12.28
N GLY A 1072 56.99 -0.06 11.38
CA GLY A 1072 57.31 -0.21 9.97
C GLY A 1072 58.55 0.53 9.55
N ASP A 1082 71.05 4.99 4.78
CA ASP A 1082 69.72 5.13 4.21
C ASP A 1082 69.17 3.78 3.78
N LYS A 1083 67.85 3.71 3.58
CA LYS A 1083 67.21 2.47 3.15
C LYS A 1083 66.85 2.46 1.68
N ASN A 1084 66.70 3.64 1.05
CA ASN A 1084 66.46 3.68 -0.39
C ASN A 1084 67.63 3.05 -1.15
N GLN A 1085 68.86 3.39 -0.75
CA GLN A 1085 70.02 2.78 -1.38
C GLN A 1085 70.08 1.28 -1.10
N ARG A 1086 69.62 0.84 0.08
CA ARG A 1086 69.56 -0.57 0.37
C ARG A 1086 68.60 -1.29 -0.58
N GLN A 1087 67.42 -0.70 -0.80
CA GLN A 1087 66.48 -1.28 -1.76
C GLN A 1087 67.09 -1.32 -3.15
N CYS A 1088 67.74 -0.23 -3.56
CA CYS A 1088 68.34 -0.18 -4.89
C CYS A 1088 69.39 -1.28 -5.07
N VAL A 1089 70.28 -1.44 -4.09
CA VAL A 1089 71.36 -2.41 -4.24
C VAL A 1089 70.81 -3.84 -4.17
N GLN A 1090 69.86 -4.10 -3.27
CA GLN A 1090 69.31 -5.45 -3.18
C GLN A 1090 68.55 -5.82 -4.45
N TYR A 1091 67.84 -4.86 -5.03
CA TYR A 1091 67.16 -5.12 -6.30
C TYR A 1091 68.15 -5.31 -7.43
N ALA A 1092 69.25 -4.57 -7.41
CA ALA A 1092 70.28 -4.73 -8.42
C ALA A 1092 70.93 -6.10 -8.36
N LEU A 1093 71.20 -6.61 -7.16
CA LEU A 1093 71.85 -7.91 -7.03
C LEU A 1093 70.86 -9.07 -6.98
N LYS A 1094 69.56 -8.80 -6.97
CA LYS A 1094 68.56 -9.86 -6.94
C LYS A 1094 67.66 -9.88 -8.17
N ALA A 1095 68.01 -9.15 -9.22
CA ALA A 1095 67.19 -9.08 -10.41
C ALA A 1095 67.42 -10.30 -11.29
N ARG A 1096 66.78 -10.32 -12.46
CA ARG A 1096 66.90 -11.43 -13.40
C ARG A 1096 66.40 -10.98 -14.77
N PRO A 1097 67.09 -11.33 -15.85
CA PRO A 1097 66.59 -10.98 -17.18
C PRO A 1097 65.34 -11.77 -17.54
N LEU A 1098 64.56 -11.20 -18.46
CA LEU A 1098 63.32 -11.82 -18.91
C LEU A 1098 63.37 -12.05 -20.42
N ARG A 1099 62.74 -13.13 -20.85
CA ARG A 1099 62.77 -13.51 -22.26
C ARG A 1099 61.89 -12.58 -23.09
N CYS A 1100 62.20 -12.53 -24.39
CA CYS A 1100 61.45 -11.67 -25.31
C CYS A 1100 60.96 -12.47 -26.52
N TYR A 1101 61.70 -13.50 -26.90
CA TYR A 1101 61.33 -14.43 -27.97
C TYR A 1101 61.14 -13.69 -29.30
N ILE A 1102 62.24 -13.16 -29.80
CA ILE A 1102 62.29 -12.64 -31.17
C ILE A 1102 62.55 -13.83 -32.09
N PRO A 1103 61.69 -14.09 -33.08
CA PRO A 1103 61.81 -15.31 -33.85
C PRO A 1103 62.63 -15.13 -35.13
N LYS A 1104 63.21 -16.24 -35.57
CA LYS A 1104 63.89 -16.35 -36.85
C LYS A 1104 62.87 -16.75 -37.91
N ASN A 1105 63.36 -17.19 -39.09
CA ASN A 1105 62.48 -17.61 -40.18
C ASN A 1105 61.58 -16.45 -40.61
N PRO A 1106 62.12 -15.46 -41.33
CA PRO A 1106 61.39 -14.22 -41.63
C PRO A 1106 59.93 -14.38 -42.03
N TYR A 1107 59.55 -15.56 -42.54
CA TYR A 1107 58.16 -15.81 -42.88
C TYR A 1107 57.26 -15.63 -41.67
N GLN A 1108 57.68 -16.13 -40.51
CA GLN A 1108 56.95 -15.87 -39.27
C GLN A 1108 57.42 -14.60 -38.57
N TYR A 1109 58.61 -14.09 -38.92
CA TYR A 1109 59.03 -12.80 -38.37
C TYR A 1109 58.13 -11.67 -38.84
N GLN A 1110 57.60 -11.76 -40.06
CA GLN A 1110 56.68 -10.73 -40.55
C GLN A 1110 55.42 -10.68 -39.69
N VAL A 1111 54.80 -11.84 -39.43
CA VAL A 1111 53.60 -11.84 -38.61
C VAL A 1111 53.91 -11.48 -37.17
N TRP A 1112 55.09 -11.88 -36.67
CA TRP A 1112 55.49 -11.45 -35.32
C TRP A 1112 55.61 -9.95 -35.24
N TYR A 1113 56.19 -9.32 -36.26
CA TYR A 1113 56.30 -7.86 -36.29
C TYR A 1113 54.94 -7.20 -36.37
N VAL A 1114 54.04 -7.74 -37.20
CA VAL A 1114 52.75 -7.08 -37.37
C VAL A 1114 51.88 -7.23 -36.13
N VAL A 1115 52.00 -8.35 -35.40
CA VAL A 1115 51.20 -8.52 -34.19
C VAL A 1115 51.82 -7.88 -32.96
N THR A 1116 53.09 -7.51 -33.01
CA THR A 1116 53.74 -6.87 -31.88
C THR A 1116 53.72 -5.35 -31.96
N SER A 1117 53.48 -4.80 -33.15
CA SER A 1117 53.43 -3.35 -33.31
C SER A 1117 52.27 -2.76 -32.52
N SER A 1118 52.46 -1.52 -32.06
CA SER A 1118 51.43 -0.86 -31.26
C SER A 1118 50.14 -0.65 -32.04
N TYR A 1119 50.20 -0.60 -33.37
CA TYR A 1119 49.00 -0.44 -34.16
C TYR A 1119 48.04 -1.61 -33.97
N PHE A 1120 48.58 -2.83 -33.95
CA PHE A 1120 47.75 -4.01 -33.75
C PHE A 1120 47.08 -4.01 -32.38
N GLU A 1121 47.85 -3.68 -31.34
CA GLU A 1121 47.27 -3.66 -30.00
C GLU A 1121 46.24 -2.56 -29.86
N TYR A 1122 46.46 -1.40 -30.48
CA TYR A 1122 45.47 -0.33 -30.45
C TYR A 1122 44.20 -0.74 -31.18
N LEU A 1123 44.34 -1.39 -32.34
CA LEU A 1123 43.18 -1.85 -33.09
C LEU A 1123 42.38 -2.87 -32.28
N MET A 1124 43.05 -3.81 -31.63
CA MET A 1124 42.33 -4.83 -30.88
C MET A 1124 41.73 -4.25 -29.60
N PHE A 1125 42.38 -3.23 -29.02
CA PHE A 1125 41.77 -2.52 -27.89
C PHE A 1125 40.50 -1.80 -28.31
N ALA A 1126 40.53 -1.14 -29.48
CA ALA A 1126 39.32 -0.50 -29.99
C ALA A 1126 38.23 -1.51 -30.25
N LEU A 1127 38.60 -2.69 -30.76
CA LEU A 1127 37.61 -3.73 -31.01
C LEU A 1127 37.01 -4.26 -29.70
N ILE A 1128 37.82 -4.39 -28.66
CA ILE A 1128 37.30 -4.80 -27.35
C ILE A 1128 36.35 -3.73 -26.82
N MET A 1129 36.68 -2.45 -27.00
CA MET A 1129 35.78 -1.40 -26.58
C MET A 1129 34.45 -1.46 -27.34
N LEU A 1130 34.51 -1.71 -28.65
CA LEU A 1130 33.29 -1.85 -29.44
C LEU A 1130 32.47 -3.04 -28.97
N ASN A 1131 33.14 -4.15 -28.63
CA ASN A 1131 32.43 -5.31 -28.11
C ASN A 1131 31.75 -5.00 -26.80
N THR A 1132 32.43 -4.26 -25.91
CA THR A 1132 31.83 -3.87 -24.65
C THR A 1132 30.61 -2.97 -24.87
N ILE A 1133 30.72 -2.03 -25.82
CA ILE A 1133 29.60 -1.17 -26.14
C ILE A 1133 28.42 -2.00 -26.67
N CYS A 1134 28.71 -2.99 -27.52
CA CYS A 1134 27.65 -3.84 -28.04
C CYS A 1134 27.01 -4.70 -26.95
N LEU A 1135 27.80 -5.09 -25.94
CA LEU A 1135 27.26 -5.89 -24.84
C LEU A 1135 26.32 -5.10 -23.96
N GLY A 1136 26.54 -3.80 -23.81
CA GLY A 1136 25.68 -2.95 -23.02
C GLY A 1136 24.43 -2.47 -23.70
N MET A 1137 24.32 -2.66 -25.02
CA MET A 1137 23.15 -2.20 -25.76
C MET A 1137 21.95 -3.12 -25.59
N GLN A 1138 22.14 -4.34 -25.12
CA GLN A 1138 21.02 -5.26 -24.93
C GLN A 1138 20.14 -4.79 -23.79
N HIS A 1139 18.84 -5.06 -23.93
CA HIS A 1139 17.86 -4.63 -22.94
C HIS A 1139 16.66 -5.56 -22.98
N TYR A 1140 15.85 -5.50 -21.93
CA TYR A 1140 14.65 -6.32 -21.86
C TYR A 1140 13.65 -5.86 -22.90
N HIS A 1141 13.05 -6.81 -23.62
CA HIS A 1141 12.10 -6.53 -24.68
C HIS A 1141 12.71 -5.64 -25.76
N HIS A 1148 17.87 -11.57 -33.99
CA HIS A 1148 18.45 -10.37 -33.40
C HIS A 1148 19.74 -9.97 -34.11
N ILE A 1149 20.15 -8.72 -33.92
CA ILE A 1149 21.42 -8.27 -34.46
C ILE A 1149 22.57 -8.61 -33.51
N SER A 1150 22.29 -8.72 -32.21
CA SER A 1150 23.33 -9.06 -31.25
C SER A 1150 23.93 -10.44 -31.49
N ASP A 1151 23.18 -11.35 -32.11
CA ASP A 1151 23.72 -12.67 -32.41
C ASP A 1151 24.80 -12.60 -33.49
N ILE A 1152 24.59 -11.79 -34.53
CA ILE A 1152 25.57 -11.65 -35.58
C ILE A 1152 26.85 -11.00 -35.05
N LEU A 1153 26.69 -9.95 -34.24
CA LEU A 1153 27.86 -9.26 -33.68
C LEU A 1153 28.64 -10.19 -32.75
N ASN A 1154 27.94 -11.02 -31.98
CA ASN A 1154 28.61 -11.99 -31.12
C ASN A 1154 29.48 -12.93 -31.93
N VAL A 1155 28.93 -13.49 -33.00
CA VAL A 1155 29.68 -14.42 -33.83
C VAL A 1155 30.85 -13.72 -34.50
N ALA A 1156 30.64 -12.48 -34.96
CA ALA A 1156 31.72 -11.74 -35.61
C ALA A 1156 32.87 -11.47 -34.65
N PHE A 1157 32.56 -11.05 -33.42
CA PHE A 1157 33.61 -10.78 -32.44
C PHE A 1157 34.32 -12.07 -32.04
N THR A 1158 33.57 -13.17 -31.89
CA THR A 1158 34.19 -14.45 -31.58
C THR A 1158 35.14 -14.88 -32.69
N ILE A 1159 34.72 -14.71 -33.95
CA ILE A 1159 35.58 -15.08 -35.06
C ILE A 1159 36.83 -14.22 -35.10
N ILE A 1160 36.68 -12.92 -34.85
CA ILE A 1160 37.83 -12.02 -34.94
C ILE A 1160 38.83 -12.30 -33.82
N PHE A 1161 38.33 -12.66 -32.63
CA PHE A 1161 39.25 -13.00 -31.55
C PHE A 1161 39.87 -14.37 -31.75
N THR A 1162 39.14 -15.31 -32.36
CA THR A 1162 39.76 -16.58 -32.74
C THR A 1162 40.87 -16.37 -33.77
N LEU A 1163 40.65 -15.43 -34.71
CA LEU A 1163 41.71 -15.09 -35.65
C LEU A 1163 42.90 -14.46 -34.96
N GLU A 1164 42.64 -13.60 -33.96
CA GLU A 1164 43.73 -13.11 -33.11
C GLU A 1164 44.53 -14.25 -32.53
N MET A 1165 43.84 -15.22 -31.93
CA MET A 1165 44.54 -16.32 -31.27
C MET A 1165 45.33 -17.16 -32.28
N ILE A 1166 44.76 -17.39 -33.47
CA ILE A 1166 45.44 -18.14 -34.51
C ILE A 1166 46.72 -17.41 -34.93
N LEU A 1167 46.61 -16.11 -35.17
CA LEU A 1167 47.78 -15.34 -35.61
C LEU A 1167 48.85 -15.31 -34.53
N LYS A 1168 48.46 -15.16 -33.26
CA LYS A 1168 49.42 -15.15 -32.19
C LYS A 1168 50.11 -16.50 -32.05
N LEU A 1169 49.35 -17.60 -32.18
CA LEU A 1169 49.93 -18.92 -32.12
C LEU A 1169 50.92 -19.15 -33.25
N LEU A 1170 50.58 -18.70 -34.46
CA LEU A 1170 51.50 -18.84 -35.59
C LEU A 1170 52.74 -17.98 -35.41
N ALA A 1171 52.60 -16.78 -34.84
CA ALA A 1171 53.74 -15.90 -34.69
C ALA A 1171 54.70 -16.39 -33.60
N PHE A 1172 54.16 -16.82 -32.47
CA PHE A 1172 54.99 -17.23 -31.33
C PHE A 1172 55.26 -18.73 -31.29
N LYS A 1173 54.78 -19.48 -32.29
CA LYS A 1173 55.08 -20.91 -32.43
C LYS A 1173 54.59 -21.71 -31.22
N ALA A 1174 53.58 -21.19 -30.52
CA ALA A 1174 52.95 -21.84 -29.36
C ALA A 1174 53.93 -22.06 -28.21
N ARG A 1175 55.15 -21.54 -28.30
CA ARG A 1175 56.14 -21.68 -27.24
C ARG A 1175 56.16 -20.44 -26.35
N GLY A 1176 56.36 -19.27 -26.94
CA GLY A 1176 56.25 -18.02 -26.20
C GLY A 1176 54.84 -17.54 -25.98
N TYR A 1177 53.87 -18.12 -26.70
CA TYR A 1177 52.48 -17.75 -26.50
C TYR A 1177 51.99 -18.17 -25.12
N PHE A 1178 52.21 -19.43 -24.76
CA PHE A 1178 51.75 -19.92 -23.46
C PHE A 1178 52.67 -19.51 -22.32
N GLY A 1179 53.81 -18.90 -22.61
CA GLY A 1179 54.64 -18.34 -21.56
C GLY A 1179 54.12 -17.06 -20.97
N ASP A 1180 53.23 -16.36 -21.68
CA ASP A 1180 52.64 -15.12 -21.21
C ASP A 1180 51.31 -15.41 -20.55
N PRO A 1181 51.12 -15.06 -19.27
CA PRO A 1181 49.82 -15.30 -18.63
C PRO A 1181 48.67 -14.58 -19.29
N TRP A 1182 48.91 -13.41 -19.89
CA TRP A 1182 47.84 -12.69 -20.58
C TRP A 1182 47.38 -13.45 -21.81
N ASN A 1183 48.32 -14.05 -22.56
CA ASN A 1183 47.93 -14.91 -23.67
C ASN A 1183 47.19 -16.15 -23.18
N VAL A 1184 47.55 -16.64 -21.99
CA VAL A 1184 46.81 -17.73 -21.36
C VAL A 1184 45.36 -17.33 -21.11
N PHE A 1185 45.16 -16.15 -20.53
CA PHE A 1185 43.80 -15.66 -20.30
C PHE A 1185 43.05 -15.48 -21.62
N ASP A 1186 43.73 -14.95 -22.64
CA ASP A 1186 43.10 -14.77 -23.94
C ASP A 1186 42.68 -16.11 -24.54
N PHE A 1187 43.53 -17.13 -24.42
CA PHE A 1187 43.19 -18.46 -24.90
C PHE A 1187 41.95 -18.99 -24.20
N LEU A 1188 41.91 -18.85 -22.87
CA LEU A 1188 40.76 -19.33 -22.11
C LEU A 1188 39.48 -18.62 -22.54
N ILE A 1189 39.55 -17.29 -22.69
CA ILE A 1189 38.37 -16.51 -23.06
C ILE A 1189 37.91 -16.86 -24.48
N VAL A 1190 38.84 -17.03 -25.40
CA VAL A 1190 38.48 -17.37 -26.78
C VAL A 1190 37.80 -18.73 -26.82
N ILE A 1191 38.34 -19.72 -26.11
CA ILE A 1191 37.72 -21.04 -26.10
C ILE A 1191 36.34 -20.97 -25.49
N GLY A 1192 36.18 -20.24 -24.39
CA GLY A 1192 34.87 -20.12 -23.76
C GLY A 1192 33.84 -19.46 -24.68
N SER A 1193 34.25 -18.39 -25.36
CA SER A 1193 33.36 -17.72 -26.30
C SER A 1193 32.97 -18.65 -27.45
N ILE A 1194 33.93 -19.43 -27.95
CA ILE A 1194 33.63 -20.37 -29.02
C ILE A 1194 32.59 -21.38 -28.55
N ILE A 1195 32.76 -21.93 -27.36
CA ILE A 1195 31.82 -22.92 -26.85
C ILE A 1195 30.44 -22.30 -26.65
N ASP A 1196 30.40 -21.05 -26.17
CA ASP A 1196 29.11 -20.37 -26.03
C ASP A 1196 28.44 -20.20 -27.39
N VAL A 1197 29.22 -19.86 -28.43
CA VAL A 1197 28.64 -19.66 -29.75
C VAL A 1197 28.07 -20.95 -30.30
N ILE A 1198 28.82 -22.05 -30.20
CA ILE A 1198 28.29 -23.33 -30.68
C ILE A 1198 27.09 -23.78 -29.86
N LEU A 1199 27.09 -23.53 -28.55
CA LEU A 1199 25.93 -23.90 -27.75
C LEU A 1199 24.69 -23.13 -28.17
N SER A 1200 24.84 -21.82 -28.41
CA SER A 1200 23.71 -21.02 -28.88
C SER A 1200 23.24 -21.51 -30.25
N GLU A 1201 24.17 -21.84 -31.14
CA GLU A 1201 23.80 -22.29 -32.47
C GLU A 1201 23.04 -23.62 -32.42
N ILE A 1202 23.52 -24.57 -31.61
CA ILE A 1202 22.85 -25.86 -31.55
C ILE A 1202 21.52 -25.74 -30.81
N ASP A 1203 21.38 -24.76 -29.93
CA ASP A 1203 20.07 -24.48 -29.35
C ASP A 1203 19.12 -23.94 -30.40
N THR A 1204 19.60 -23.03 -31.25
CA THR A 1204 18.77 -22.51 -32.33
C THR A 1204 18.52 -23.56 -33.41
N PHE A 1205 19.51 -24.42 -33.67
CA PHE A 1205 19.33 -25.47 -34.67
C PHE A 1205 18.31 -26.51 -34.26
N LEU A 1206 17.96 -26.57 -32.97
CA LEU A 1206 16.95 -27.50 -32.49
C LEU A 1206 15.63 -26.78 -32.22
N SER A 1232 24.13 -23.05 -18.56
CA SER A 1232 24.17 -22.62 -19.97
C SER A 1232 24.20 -21.11 -20.06
N ALA A 1233 23.58 -20.45 -19.07
CA ALA A 1233 23.53 -19.00 -19.05
C ALA A 1233 24.83 -18.36 -18.59
N PHE A 1234 25.72 -19.12 -17.94
CA PHE A 1234 26.97 -18.55 -17.48
C PHE A 1234 28.06 -18.61 -18.54
N PHE A 1235 27.86 -19.38 -19.61
CA PHE A 1235 28.80 -19.35 -20.73
C PHE A 1235 28.77 -18.01 -21.46
N ARG A 1236 27.70 -17.25 -21.31
CA ARG A 1236 27.63 -15.90 -21.87
C ARG A 1236 28.48 -14.91 -21.10
N LEU A 1237 29.04 -15.31 -19.96
CA LEU A 1237 29.91 -14.43 -19.18
C LEU A 1237 31.33 -14.40 -19.70
N PHE A 1238 31.67 -15.24 -20.68
CA PHE A 1238 33.04 -15.26 -21.20
C PHE A 1238 33.33 -14.05 -22.07
N ARG A 1239 32.34 -13.59 -22.83
CA ARG A 1239 32.56 -12.40 -23.66
C ARG A 1239 32.71 -11.14 -22.82
N VAL A 1240 32.10 -11.14 -21.63
CA VAL A 1240 32.22 -9.97 -20.75
C VAL A 1240 33.63 -9.84 -20.22
N MET A 1241 34.29 -10.96 -19.92
CA MET A 1241 35.61 -10.91 -19.31
C MET A 1241 36.68 -10.38 -20.25
N ARG A 1242 36.37 -10.20 -21.53
CA ARG A 1242 37.39 -9.81 -22.50
C ARG A 1242 38.06 -8.50 -22.13
N LEU A 1243 37.29 -7.49 -21.72
CA LEU A 1243 37.92 -6.22 -21.39
C LEU A 1243 38.77 -6.29 -20.13
N ILE A 1244 38.70 -7.39 -19.38
CA ILE A 1244 39.65 -7.59 -18.28
C ILE A 1244 41.08 -7.58 -18.81
N LYS A 1245 41.29 -8.07 -20.04
CA LYS A 1245 42.62 -8.04 -20.63
C LYS A 1245 43.12 -6.64 -20.88
N LEU A 1246 42.23 -5.63 -20.81
CA LEU A 1246 42.68 -4.24 -20.83
C LEU A 1246 43.65 -3.93 -19.70
N LEU A 1247 43.63 -4.74 -18.64
CA LEU A 1247 44.60 -4.57 -17.56
C LEU A 1247 46.04 -4.76 -18.04
N SER A 1248 46.23 -5.47 -19.16
CA SER A 1248 47.58 -5.63 -19.69
C SER A 1248 48.14 -4.37 -20.32
N ARG A 1249 47.32 -3.33 -20.48
CA ARG A 1249 47.75 -2.06 -21.04
C ARG A 1249 47.86 -0.94 -20.02
N ALA A 1250 47.03 -0.95 -18.98
CA ALA A 1250 47.07 0.09 -17.96
C ALA A 1250 48.16 -0.25 -16.94
N GLU A 1251 49.28 0.47 -17.02
CA GLU A 1251 50.42 0.15 -16.17
C GLU A 1251 50.15 0.49 -14.70
N GLY A 1252 49.61 1.68 -14.44
CA GLY A 1252 49.38 2.08 -13.07
C GLY A 1252 48.35 1.22 -12.36
N VAL A 1253 47.24 0.95 -13.04
CA VAL A 1253 46.19 0.12 -12.45
C VAL A 1253 46.71 -1.29 -12.19
N ARG A 1254 47.44 -1.85 -13.14
CA ARG A 1254 47.97 -3.20 -12.95
C ARG A 1254 48.98 -3.25 -11.81
N THR A 1255 49.83 -2.22 -11.71
CA THR A 1255 50.80 -2.19 -10.61
C THR A 1255 50.11 -2.08 -9.27
N LEU A 1256 49.08 -1.22 -9.16
CA LEU A 1256 48.34 -1.09 -7.92
C LEU A 1256 47.66 -2.39 -7.54
N LEU A 1257 46.99 -3.03 -8.52
CA LEU A 1257 46.31 -4.28 -8.25
C LEU A 1257 47.29 -5.36 -7.81
N TRP A 1258 48.42 -5.48 -8.48
CA TRP A 1258 49.40 -6.47 -8.10
C TRP A 1258 49.98 -6.19 -6.72
N THR A 1259 50.30 -4.94 -6.43
CA THR A 1259 50.94 -4.62 -5.16
C THR A 1259 49.99 -4.76 -3.98
N PHE A 1260 48.68 -4.72 -4.23
CA PHE A 1260 47.75 -5.02 -3.14
C PHE A 1260 47.38 -6.49 -3.06
N ILE A 1261 47.31 -7.19 -4.19
CA ILE A 1261 47.06 -8.63 -4.17
C ILE A 1261 48.22 -9.36 -3.52
N LYS A 1262 49.45 -8.89 -3.76
CA LYS A 1262 50.62 -9.47 -3.11
C LYS A 1262 50.55 -9.30 -1.60
N SER A 1263 50.13 -8.13 -1.13
CA SER A 1263 50.00 -7.91 0.31
C SER A 1263 48.92 -8.79 0.90
N PHE A 1264 47.80 -8.95 0.18
CA PHE A 1264 46.74 -9.83 0.67
C PHE A 1264 47.22 -11.28 0.74
N GLN A 1265 47.98 -11.73 -0.26
CA GLN A 1265 48.50 -13.08 -0.27
C GLN A 1265 49.61 -13.27 0.76
N ALA A 1266 50.26 -12.19 1.20
CA ALA A 1266 51.34 -12.28 2.16
C ALA A 1266 50.86 -12.40 3.60
N LEU A 1267 49.56 -12.24 3.86
CA LEU A 1267 48.99 -12.36 5.20
C LEU A 1267 47.79 -13.29 5.16
N PRO A 1268 48.01 -14.59 4.93
CA PRO A 1268 46.89 -15.53 4.90
C PRO A 1268 46.32 -15.82 6.29
N TYR A 1269 47.01 -15.45 7.36
CA TYR A 1269 46.56 -15.75 8.71
C TYR A 1269 45.76 -14.62 9.33
N VAL A 1270 45.93 -13.38 8.87
CA VAL A 1270 45.11 -12.28 9.36
C VAL A 1270 43.65 -12.48 8.94
N ALA A 1271 43.42 -12.91 7.70
CA ALA A 1271 42.08 -13.25 7.26
C ALA A 1271 41.57 -14.54 7.88
N LEU A 1272 42.49 -15.44 8.28
CA LEU A 1272 42.07 -16.66 8.95
C LEU A 1272 41.39 -16.38 10.27
N LEU A 1273 41.81 -15.33 10.96
CA LEU A 1273 41.11 -14.92 12.19
C LEU A 1273 39.67 -14.53 11.90
N ILE A 1274 39.45 -13.78 10.82
CA ILE A 1274 38.09 -13.40 10.44
C ILE A 1274 37.27 -14.63 10.08
N VAL A 1275 37.87 -15.56 9.33
CA VAL A 1275 37.16 -16.78 8.95
C VAL A 1275 36.78 -17.59 10.17
N MET A 1276 37.71 -17.71 11.12
CA MET A 1276 37.43 -18.47 12.34
C MET A 1276 36.35 -17.80 13.19
N LEU A 1277 36.38 -16.47 13.28
CA LEU A 1277 35.34 -15.74 14.01
C LEU A 1277 33.98 -15.97 13.37
N PHE A 1278 33.92 -15.88 12.03
CA PHE A 1278 32.67 -16.12 11.33
C PHE A 1278 32.16 -17.54 11.58
N PHE A 1279 33.06 -18.53 11.52
CA PHE A 1279 32.66 -19.91 11.76
C PHE A 1279 32.11 -20.11 13.17
N ILE A 1280 32.84 -19.60 14.16
CA ILE A 1280 32.43 -19.80 15.56
C ILE A 1280 31.08 -19.13 15.81
N TYR A 1281 30.94 -17.88 15.36
CA TYR A 1281 29.68 -17.18 15.60
C TYR A 1281 28.53 -17.79 14.82
N ALA A 1282 28.79 -18.31 13.62
CA ALA A 1282 27.73 -18.97 12.87
C ALA A 1282 27.25 -20.24 13.58
N VAL A 1283 28.19 -21.04 14.10
CA VAL A 1283 27.79 -22.24 14.83
C VAL A 1283 27.02 -21.89 16.09
N ILE A 1284 27.49 -20.87 16.83
CA ILE A 1284 26.79 -20.45 18.04
C ILE A 1284 25.38 -19.95 17.71
N GLY A 1285 25.25 -19.17 16.64
CA GLY A 1285 23.94 -18.68 16.26
C GLY A 1285 23.01 -19.79 15.80
N MET A 1286 23.56 -20.79 15.10
CA MET A 1286 22.75 -21.95 14.74
C MET A 1286 22.22 -22.65 15.99
N GLN A 1287 23.09 -22.84 16.99
CA GLN A 1287 22.64 -23.50 18.20
C GLN A 1287 21.59 -22.67 18.94
N MET A 1288 21.79 -21.34 19.00
CA MET A 1288 20.89 -20.50 19.77
C MET A 1288 19.62 -20.16 19.00
N PHE A 1289 19.76 -19.43 17.89
CA PHE A 1289 18.61 -18.94 17.13
C PHE A 1289 18.28 -19.85 15.95
N GLY A 1290 18.16 -21.16 16.17
CA GLY A 1290 17.97 -22.07 15.06
C GLY A 1290 16.54 -22.49 14.82
N LYS A 1291 15.72 -22.47 15.87
CA LYS A 1291 14.36 -22.96 15.81
C LYS A 1291 13.33 -21.87 15.55
N ILE A 1292 13.78 -20.64 15.30
CA ILE A 1292 12.85 -19.55 15.03
C ILE A 1292 12.18 -19.79 13.68
N ALA A 1293 10.86 -19.64 13.64
CA ALA A 1293 10.11 -19.85 12.42
C ALA A 1293 10.41 -18.77 11.38
N LEU A 1294 10.32 -19.15 10.11
CA LEU A 1294 10.56 -18.24 9.01
C LEU A 1294 9.23 -17.59 8.63
N VAL A 1295 9.10 -16.30 8.95
CA VAL A 1295 7.86 -15.57 8.75
C VAL A 1295 8.15 -14.38 7.84
N ASP A 1296 7.32 -14.21 6.80
CA ASP A 1296 7.42 -13.05 5.95
C ASP A 1296 7.03 -11.80 6.73
N GLY A 1297 7.72 -10.70 6.46
CA GLY A 1297 7.52 -9.46 7.18
C GLY A 1297 8.38 -9.30 8.41
N THR A 1298 9.09 -10.34 8.83
CA THR A 1298 10.04 -10.28 9.92
C THR A 1298 11.46 -10.36 9.35
N GLN A 1299 12.43 -10.20 10.23
CA GLN A 1299 13.83 -10.26 9.81
C GLN A 1299 14.36 -11.68 9.71
N ILE A 1300 13.64 -12.66 10.25
CA ILE A 1300 13.98 -14.07 10.10
C ILE A 1300 12.98 -14.66 9.13
N ASN A 1301 13.43 -14.97 7.92
CA ASN A 1301 12.54 -15.44 6.86
C ASN A 1301 13.32 -16.37 5.95
N ARG A 1302 12.77 -16.62 4.76
CA ARG A 1302 13.38 -17.55 3.81
C ARG A 1302 14.74 -17.09 3.33
N ASN A 1303 15.03 -15.79 3.42
CA ASN A 1303 16.29 -15.24 2.92
C ASN A 1303 17.28 -14.90 4.03
N ASN A 1304 16.87 -15.03 5.29
CA ASN A 1304 17.71 -14.59 6.41
C ASN A 1304 17.32 -15.41 7.64
N ASN A 1305 18.17 -16.37 8.01
CA ASN A 1305 17.89 -17.21 9.17
C ASN A 1305 19.18 -17.89 9.61
N PHE A 1306 19.09 -18.64 10.71
CA PHE A 1306 20.20 -19.41 11.24
C PHE A 1306 19.99 -20.91 11.06
N GLN A 1307 19.17 -21.32 10.10
CA GLN A 1307 18.78 -22.72 10.00
C GLN A 1307 19.87 -23.60 9.42
N THR A 1308 20.73 -23.05 8.56
CA THR A 1308 21.85 -23.80 8.00
C THR A 1308 23.12 -22.96 8.13
N PHE A 1309 24.27 -23.63 8.00
CA PHE A 1309 25.55 -22.94 8.08
C PHE A 1309 25.71 -21.87 6.99
N PRO A 1310 25.44 -22.13 5.70
CA PRO A 1310 25.54 -21.04 4.72
C PRO A 1310 24.61 -19.87 5.03
N GLN A 1311 23.40 -20.15 5.51
CA GLN A 1311 22.48 -19.06 5.85
C GLN A 1311 22.99 -18.25 7.04
N ALA A 1312 23.53 -18.92 8.05
CA ALA A 1312 24.08 -18.21 9.20
C ALA A 1312 25.29 -17.37 8.81
N VAL A 1313 26.14 -17.90 7.93
CA VAL A 1313 27.30 -17.15 7.47
C VAL A 1313 26.86 -15.94 6.65
N LEU A 1314 25.85 -16.11 5.80
CA LEU A 1314 25.32 -14.98 5.05
C LEU A 1314 24.73 -13.92 5.97
N LEU A 1315 24.03 -14.34 7.02
CA LEU A 1315 23.48 -13.39 7.98
C LEU A 1315 24.59 -12.62 8.69
N LEU A 1316 25.65 -13.32 9.09
CA LEU A 1316 26.77 -12.65 9.75
C LEU A 1316 27.47 -11.68 8.80
N PHE A 1317 27.63 -12.08 7.54
CA PHE A 1317 28.24 -11.19 6.55
C PHE A 1317 27.37 -9.95 6.33
N ARG A 1318 26.06 -10.13 6.29
CA ARG A 1318 25.15 -8.98 6.17
C ARG A 1318 25.27 -8.06 7.37
N CYS A 1319 25.37 -8.64 8.58
CA CYS A 1319 25.54 -7.83 9.78
C CYS A 1319 26.88 -7.09 9.76
N ALA A 1320 27.91 -7.69 9.15
CA ALA A 1320 29.21 -7.04 9.06
C ALA A 1320 29.16 -5.79 8.19
N THR A 1321 28.47 -5.86 7.05
CA THR A 1321 28.43 -4.75 6.12
C THR A 1321 27.58 -3.59 6.61
N GLY A 1322 26.82 -3.78 7.69
CA GLY A 1322 26.04 -2.70 8.25
C GLY A 1322 24.67 -2.56 7.63
N GLU A 1323 23.92 -3.65 7.58
CA GLU A 1323 22.52 -3.60 7.23
C GLU A 1323 21.71 -3.48 8.53
N ALA A 1324 20.41 -3.72 8.47
CA ALA A 1324 19.58 -3.57 9.65
C ALA A 1324 19.86 -4.69 10.64
N TRP A 1325 21.06 -4.69 11.22
CA TRP A 1325 21.45 -5.76 12.13
C TRP A 1325 20.74 -5.64 13.48
N GLN A 1326 20.36 -4.42 13.88
CA GLN A 1326 19.61 -4.26 15.11
C GLN A 1326 18.20 -4.82 14.97
N GLU A 1327 17.63 -4.80 13.76
CA GLU A 1327 16.35 -5.45 13.55
C GLU A 1327 16.47 -6.96 13.62
N ILE A 1328 17.59 -7.51 13.13
CA ILE A 1328 17.86 -8.93 13.31
C ILE A 1328 17.99 -9.26 14.79
N LEU A 1329 18.67 -8.39 15.55
CA LEU A 1329 18.77 -8.58 16.99
C LEU A 1329 17.40 -8.62 17.64
N LEU A 1330 16.53 -7.67 17.27
CA LEU A 1330 15.19 -7.64 17.84
C LEU A 1330 14.37 -8.84 17.39
N ALA A 1331 14.69 -9.43 16.24
CA ALA A 1331 13.97 -10.58 15.72
C ALA A 1331 14.47 -11.90 16.29
N CYS A 1332 15.51 -11.88 17.13
CA CYS A 1332 16.04 -13.08 17.76
C CYS A 1332 15.87 -13.10 19.26
N SER A 1333 15.29 -12.04 19.85
CA SER A 1333 15.09 -12.00 21.28
C SER A 1333 13.98 -12.98 21.69
N TYR A 1334 13.81 -13.14 22.99
CA TYR A 1334 12.87 -14.12 23.52
C TYR A 1334 11.43 -13.73 23.18
N GLY A 1335 10.61 -14.74 22.89
CA GLY A 1335 9.22 -14.55 22.60
C GLY A 1335 8.80 -14.76 21.16
N LYS A 1336 9.58 -15.50 20.37
CA LYS A 1336 9.30 -15.70 18.96
C LYS A 1336 8.65 -17.06 18.73
N LEU A 1337 7.89 -17.15 17.65
CA LEU A 1337 7.23 -18.41 17.28
C LEU A 1337 8.27 -19.45 16.88
N CYS A 1338 8.10 -20.66 17.38
CA CYS A 1338 9.03 -21.74 17.08
C CYS A 1338 8.69 -22.39 15.74
N ASP A 1339 9.70 -23.03 15.15
CA ASP A 1339 9.50 -23.68 13.86
C ASP A 1339 8.54 -24.85 14.00
N PRO A 1340 7.55 -24.98 13.10
CA PRO A 1340 6.61 -26.10 13.21
C PRO A 1340 7.28 -27.46 13.15
N GLU A 1341 8.33 -27.61 12.35
CA GLU A 1341 9.00 -28.89 12.21
C GLU A 1341 9.93 -29.21 13.39
N SER A 1342 10.22 -28.24 14.24
CA SER A 1342 11.01 -28.50 15.43
C SER A 1342 10.16 -29.20 16.48
N ASP A 1343 10.83 -29.81 17.45
CA ASP A 1343 10.18 -30.56 18.52
C ASP A 1343 10.08 -29.68 19.76
N TYR A 1344 8.86 -29.41 20.20
CA TYR A 1344 8.63 -28.64 21.42
C TYR A 1344 7.35 -29.16 22.06
N ALA A 1345 7.25 -28.95 23.38
CA ALA A 1345 6.06 -29.37 24.11
C ALA A 1345 4.85 -28.56 23.63
N PRO A 1346 3.69 -29.20 23.47
CA PRO A 1346 2.50 -28.46 23.04
C PRO A 1346 2.09 -27.43 24.08
N GLY A 1347 1.54 -26.31 23.59
CA GLY A 1347 1.11 -25.23 24.43
C GLY A 1347 2.08 -24.07 24.54
N GLU A 1348 3.34 -24.29 24.20
CA GLU A 1348 4.35 -23.23 24.24
C GLU A 1348 4.99 -23.12 22.85
N GLU A 1349 4.35 -22.32 22.00
CA GLU A 1349 4.89 -22.06 20.67
C GLU A 1349 5.74 -20.81 20.62
N TYR A 1350 5.39 -19.78 21.39
CA TYR A 1350 6.14 -18.53 21.40
C TYR A 1350 7.17 -18.53 22.54
N THR A 1351 8.09 -19.48 22.45
CA THR A 1351 9.15 -19.62 23.45
C THR A 1351 10.54 -19.73 22.83
N CYS A 1352 10.66 -19.52 21.52
CA CYS A 1352 11.96 -19.56 20.85
C CYS A 1352 12.62 -18.20 20.90
N GLY A 1353 13.94 -18.21 20.78
CA GLY A 1353 14.73 -16.99 20.90
C GLY A 1353 15.17 -16.75 22.33
N THR A 1354 16.24 -15.97 22.47
CA THR A 1354 16.80 -15.68 23.77
C THR A 1354 17.34 -14.25 23.79
N ASN A 1355 17.40 -13.68 24.99
CA ASN A 1355 17.96 -12.34 25.16
C ASN A 1355 19.47 -12.32 24.99
N PHE A 1356 20.12 -13.50 24.98
CA PHE A 1356 21.54 -13.59 24.69
C PHE A 1356 21.88 -12.94 23.34
N ALA A 1357 20.88 -12.74 22.49
CA ALA A 1357 21.11 -12.02 21.22
C ALA A 1357 21.77 -10.67 21.46
N TYR A 1358 21.40 -9.99 22.54
CA TYR A 1358 22.03 -8.71 22.85
C TYR A 1358 23.52 -8.87 23.05
N TYR A 1359 23.95 -9.93 23.74
CA TYR A 1359 25.37 -10.21 23.85
C TYR A 1359 25.91 -10.78 22.55
N TYR A 1360 25.07 -11.45 21.76
CA TYR A 1360 25.55 -12.12 20.55
C TYR A 1360 25.90 -11.11 19.46
N PHE A 1361 25.04 -10.12 19.25
CA PHE A 1361 25.26 -9.19 18.15
C PHE A 1361 26.23 -8.08 18.54
N ILE A 1362 26.00 -7.44 19.69
CA ILE A 1362 26.81 -6.29 20.10
C ILE A 1362 28.28 -6.65 20.11
N SER A 1363 28.61 -7.81 20.68
CA SER A 1363 29.99 -8.27 20.65
C SER A 1363 30.47 -8.48 19.22
N PHE A 1364 29.71 -9.27 18.44
CA PHE A 1364 30.18 -9.68 17.12
C PHE A 1364 30.54 -8.46 16.28
N TYR A 1365 29.61 -7.51 16.16
CA TYR A 1365 29.86 -6.28 15.45
C TYR A 1365 31.22 -5.70 15.84
N MET A 1366 31.41 -5.45 17.14
CA MET A 1366 32.66 -4.87 17.60
C MET A 1366 33.85 -5.73 17.16
N LEU A 1367 33.77 -7.04 17.41
CA LEU A 1367 34.85 -7.92 16.97
C LEU A 1367 35.01 -7.85 15.47
N CYS A 1368 33.90 -7.91 14.73
CA CYS A 1368 33.99 -7.83 13.28
C CYS A 1368 34.45 -6.45 12.85
N ALA A 1369 34.18 -5.42 13.66
CA ALA A 1369 34.70 -4.10 13.34
C ALA A 1369 36.20 -4.00 13.62
N PHE A 1370 36.69 -4.81 14.57
CA PHE A 1370 38.10 -4.72 14.93
C PHE A 1370 38.96 -5.49 13.93
N LEU A 1371 38.72 -6.79 13.79
CA LEU A 1371 39.57 -7.64 12.96
C LEU A 1371 39.68 -7.11 11.54
N ILE A 1372 38.54 -6.69 10.96
CA ILE A 1372 38.56 -6.13 9.62
C ILE A 1372 39.53 -4.95 9.56
N ILE A 1373 39.42 -4.03 10.52
CA ILE A 1373 40.33 -2.90 10.57
C ILE A 1373 41.77 -3.39 10.63
N ASN A 1374 42.03 -4.41 11.48
CA ASN A 1374 43.36 -5.01 11.52
C ASN A 1374 43.78 -5.46 10.13
N LEU A 1375 42.92 -6.23 9.46
CA LEU A 1375 43.24 -6.70 8.11
C LEU A 1375 43.47 -5.54 7.16
N PHE A 1376 42.78 -4.41 7.38
CA PHE A 1376 42.96 -3.29 6.48
C PHE A 1376 44.30 -2.59 6.71
N VAL A 1377 44.82 -2.61 7.94
CA VAL A 1377 46.02 -1.84 8.22
C VAL A 1377 47.26 -2.61 7.85
N ALA A 1378 47.33 -3.88 8.23
CA ALA A 1378 48.48 -4.71 7.89
C ALA A 1378 48.70 -4.75 6.39
N VAL A 1379 47.63 -4.96 5.62
CA VAL A 1379 47.74 -4.95 4.17
C VAL A 1379 48.28 -3.60 3.68
N ILE A 1380 47.87 -2.52 4.33
CA ILE A 1380 48.41 -1.21 3.98
C ILE A 1380 49.91 -1.14 4.30
N MET A 1381 50.32 -1.70 5.44
CA MET A 1381 51.70 -1.55 5.88
C MET A 1381 52.67 -2.20 4.90
N ASP A 1382 52.31 -3.37 4.37
CA ASP A 1382 53.17 -4.04 3.40
C ASP A 1382 53.39 -3.18 2.15
N ASN A 1383 52.47 -2.28 1.85
CA ASN A 1383 52.60 -1.39 0.69
C ASN A 1383 53.13 -0.02 1.07
N PHE A 1384 53.62 0.15 2.31
CA PHE A 1384 54.03 1.47 2.76
C PHE A 1384 55.14 2.05 1.88
N ASP A 1385 56.07 1.20 1.42
CA ASP A 1385 57.09 1.66 0.50
C ASP A 1385 56.47 2.16 -0.81
N TYR A 1386 55.50 1.42 -1.34
CA TYR A 1386 54.86 1.83 -2.59
C TYR A 1386 53.91 2.99 -2.37
N LEU A 1387 53.13 2.96 -1.28
CA LEU A 1387 52.18 4.03 -1.03
C LEU A 1387 52.88 5.35 -0.76
N THR A 1388 53.92 5.33 0.08
CA THR A 1388 54.73 6.52 0.35
C THR A 1388 55.99 6.44 -0.51
N ARG A 1389 55.83 6.72 -1.80
CA ARG A 1389 56.92 6.64 -2.76
C ARG A 1389 57.06 7.98 -3.48
N ASP A 1390 58.29 8.47 -3.56
CA ASP A 1390 58.62 9.64 -4.37
C ASP A 1390 58.97 9.16 -5.76
N TRP A 1391 58.07 9.39 -6.71
CA TRP A 1391 58.25 8.90 -8.08
C TRP A 1391 59.24 9.71 -8.87
N SER A 1392 59.72 10.83 -8.34
CA SER A 1392 60.63 11.71 -9.05
C SER A 1392 62.10 11.35 -8.80
N ILE A 1393 62.47 11.17 -7.53
CA ILE A 1393 63.88 10.95 -7.20
C ILE A 1393 64.35 9.60 -7.72
N LEU A 1394 63.58 8.55 -7.47
CA LEU A 1394 63.96 7.20 -7.89
C LEU A 1394 62.79 6.26 -7.63
N GLY A 1395 62.74 5.17 -8.40
CA GLY A 1395 61.77 4.13 -8.19
C GLY A 1395 62.12 2.89 -9.00
N PRO A 1396 61.55 1.75 -8.61
CA PRO A 1396 61.83 0.51 -9.35
C PRO A 1396 61.35 0.52 -10.80
N HIS A 1397 60.45 1.45 -11.15
CA HIS A 1397 59.93 1.47 -12.52
C HIS A 1397 61.01 1.83 -13.53
N HIS A 1398 61.93 2.72 -13.17
CA HIS A 1398 63.01 3.09 -14.08
C HIS A 1398 63.86 1.87 -14.43
N LEU A 1399 64.28 1.11 -13.43
CA LEU A 1399 65.08 -0.08 -13.71
C LEU A 1399 64.24 -1.20 -14.31
N ASP A 1400 62.94 -1.22 -14.07
CA ASP A 1400 62.08 -2.18 -14.76
C ASP A 1400 62.04 -1.90 -16.27
N GLU A 1401 61.88 -0.63 -16.65
CA GLU A 1401 61.92 -0.32 -18.08
C GLU A 1401 63.32 -0.50 -18.64
N PHE A 1402 64.35 -0.31 -17.83
CA PHE A 1402 65.71 -0.64 -18.27
C PHE A 1402 65.85 -2.13 -18.56
N LYS A 1403 65.27 -2.98 -17.69
CA LYS A 1403 65.23 -4.40 -17.96
C LYS A 1403 64.47 -4.69 -19.24
N ALA A 1404 63.42 -3.92 -19.51
CA ALA A 1404 62.68 -4.08 -20.76
C ALA A 1404 63.58 -3.80 -21.96
N ILE A 1405 64.36 -2.72 -21.93
CA ILE A 1405 65.29 -2.45 -23.03
C ILE A 1405 66.33 -3.56 -23.14
N TRP A 1406 66.86 -4.03 -22.00
CA TRP A 1406 67.85 -5.10 -22.03
C TRP A 1406 67.28 -6.35 -22.70
N ALA A 1407 66.06 -6.73 -22.34
CA ALA A 1407 65.42 -7.88 -22.97
C ALA A 1407 65.14 -7.63 -24.45
N GLU A 1408 64.84 -6.40 -24.82
CA GLU A 1408 64.67 -6.06 -26.23
C GLU A 1408 65.97 -6.30 -27.00
N TYR A 1409 67.10 -5.92 -26.41
CA TYR A 1409 68.39 -6.15 -27.04
C TYR A 1409 69.00 -7.51 -26.67
N ASP A 1410 68.35 -8.28 -25.79
CA ASP A 1410 68.79 -9.62 -25.43
C ASP A 1410 67.59 -10.55 -25.53
N PRO A 1411 67.35 -11.13 -26.71
CA PRO A 1411 66.15 -12.00 -26.87
C PRO A 1411 66.12 -13.16 -25.90
N GLU A 1412 67.26 -13.74 -25.58
CA GLU A 1412 67.36 -14.80 -24.59
C GLU A 1412 68.16 -14.29 -23.40
N ALA A 1413 67.89 -14.85 -22.23
CA ALA A 1413 68.53 -14.39 -21.00
C ALA A 1413 70.04 -14.50 -21.10
N LYS A 1414 70.56 -15.73 -21.17
CA LYS A 1414 71.96 -16.05 -21.40
C LYS A 1414 72.93 -15.18 -20.60
N GLY A 1415 72.51 -14.74 -19.42
CA GLY A 1415 73.36 -13.86 -18.62
C GLY A 1415 73.52 -12.50 -19.28
N ARG A 1416 74.77 -12.10 -19.48
CA ARG A 1416 75.08 -10.82 -20.09
C ARG A 1416 75.58 -11.01 -21.52
N ILE A 1417 75.65 -9.89 -22.24
CA ILE A 1417 75.94 -9.93 -23.68
C ILE A 1417 77.09 -8.97 -23.98
N LYS A 1418 77.42 -8.82 -25.26
CA LYS A 1418 78.55 -7.99 -25.69
C LYS A 1418 78.48 -6.58 -25.11
N HIS A 1419 79.66 -5.97 -24.95
CA HIS A 1419 79.75 -4.67 -24.29
C HIS A 1419 79.17 -3.57 -25.16
N LEU A 1420 79.36 -3.64 -26.48
CA LEU A 1420 78.81 -2.62 -27.36
C LEU A 1420 77.29 -2.58 -27.31
N ASP A 1421 76.66 -3.71 -26.99
CA ASP A 1421 75.22 -3.72 -26.78
C ASP A 1421 74.85 -2.81 -25.60
N VAL A 1422 75.58 -2.93 -24.50
CA VAL A 1422 75.31 -2.11 -23.32
C VAL A 1422 75.59 -0.63 -23.61
N VAL A 1423 76.51 -0.35 -24.53
CA VAL A 1423 76.80 1.04 -24.89
C VAL A 1423 75.57 1.68 -25.52
N THR A 1424 74.89 0.95 -26.40
CA THR A 1424 73.67 1.46 -27.01
C THR A 1424 72.58 1.70 -25.95
N LEU A 1425 72.42 0.73 -25.03
CA LEU A 1425 71.41 0.90 -23.98
C LEU A 1425 71.63 2.17 -23.18
N LEU A 1426 72.89 2.58 -23.01
CA LEU A 1426 73.18 3.78 -22.24
C LEU A 1426 72.54 5.02 -22.87
N ARG A 1427 72.42 5.04 -24.21
CA ARG A 1427 71.73 6.15 -24.84
C ARG A 1427 70.24 6.12 -24.58
N ARG A 1428 69.67 4.94 -24.34
CA ARG A 1428 68.27 4.81 -23.96
C ARG A 1428 68.03 5.06 -22.47
N ILE A 1429 69.08 5.08 -21.65
CA ILE A 1429 68.93 5.30 -20.22
C ILE A 1429 68.66 6.76 -19.96
N GLN A 1430 67.59 7.05 -19.22
CA GLN A 1430 67.17 8.41 -18.94
C GLN A 1430 68.03 9.02 -17.83
N PRO A 1431 68.08 10.35 -17.75
CA PRO A 1431 68.85 11.02 -16.70
C PRO A 1431 68.41 10.62 -15.30
N PRO A 1432 67.13 10.29 -15.06
CA PRO A 1432 66.77 9.73 -13.75
C PRO A 1432 67.59 8.51 -13.36
N LEU A 1433 67.91 7.64 -14.32
CA LEU A 1433 68.76 6.48 -14.04
C LEU A 1433 70.20 6.68 -14.46
N GLY A 1434 70.43 7.31 -15.61
CA GLY A 1434 71.78 7.56 -16.08
C GLY A 1434 71.84 8.03 -17.51
N MET B 1 62.25 -27.92 -14.44
CA MET B 1 61.66 -29.18 -14.03
C MET B 1 60.93 -29.03 -12.70
N SER B 2 60.86 -27.79 -12.21
CA SER B 2 60.16 -27.52 -10.96
C SER B 2 58.67 -27.85 -11.01
N PRO B 3 57.90 -27.44 -12.02
CA PRO B 3 56.46 -27.75 -12.02
C PRO B 3 56.08 -29.06 -12.71
N THR B 4 57.05 -29.90 -13.07
CA THR B 4 56.75 -31.20 -13.66
C THR B 4 57.15 -32.35 -12.74
N GLU B 5 58.35 -32.31 -12.18
CA GLU B 5 58.81 -33.36 -11.27
C GLU B 5 58.24 -33.21 -9.86
N ALA B 6 57.56 -32.11 -9.56
CA ALA B 6 56.98 -31.92 -8.25
C ALA B 6 55.82 -32.89 -8.03
N PRO B 7 55.69 -33.43 -6.81
CA PRO B 7 54.57 -34.35 -6.56
C PRO B 7 53.21 -33.67 -6.61
N LYS B 8 53.13 -32.38 -6.30
CA LYS B 8 51.84 -31.70 -6.25
C LYS B 8 51.18 -31.59 -7.61
N VAL B 9 51.95 -31.71 -8.69
CA VAL B 9 51.34 -31.76 -10.01
C VAL B 9 51.03 -33.20 -10.43
N ARG B 10 51.79 -34.18 -9.92
CA ARG B 10 51.51 -35.57 -10.26
C ARG B 10 50.25 -36.07 -9.58
N VAL B 11 50.00 -35.66 -8.33
CA VAL B 11 48.74 -36.03 -7.71
C VAL B 11 47.57 -35.35 -8.41
N THR B 12 47.76 -34.12 -8.89
CA THR B 12 46.72 -33.45 -9.66
C THR B 12 46.45 -34.18 -10.98
N LEU B 13 47.51 -34.64 -11.64
CA LEU B 13 47.32 -35.40 -12.89
C LEU B 13 46.61 -36.73 -12.63
N PHE B 14 46.94 -37.39 -11.50
CA PHE B 14 46.23 -38.61 -11.14
C PHE B 14 44.76 -38.32 -10.87
N CYS B 15 44.46 -37.19 -10.22
CA CYS B 15 43.07 -36.80 -10.01
C CYS B 15 42.38 -36.55 -11.34
N ILE B 16 43.07 -35.93 -12.29
CA ILE B 16 42.50 -35.72 -13.62
C ILE B 16 42.20 -37.07 -14.29
N LEU B 17 43.12 -38.03 -14.17
CA LEU B 17 42.92 -39.33 -14.79
C LEU B 17 41.72 -40.04 -14.18
N VAL B 18 41.62 -40.05 -12.84
CA VAL B 18 40.50 -40.71 -12.21
C VAL B 18 39.19 -40.00 -12.55
N GLY B 19 39.25 -38.67 -12.68
CA GLY B 19 38.10 -37.89 -13.08
C GLY B 19 37.61 -38.22 -14.48
N ILE B 20 38.53 -38.33 -15.45
CA ILE B 20 38.11 -38.64 -16.81
C ILE B 20 37.57 -40.06 -16.88
N VAL B 21 38.19 -40.99 -16.15
CA VAL B 21 37.69 -42.37 -16.13
C VAL B 21 36.28 -42.40 -15.54
N LEU B 22 36.08 -41.70 -14.42
CA LEU B 22 34.79 -41.70 -13.76
C LEU B 22 33.73 -41.00 -14.60
N ALA B 23 34.12 -39.96 -15.34
CA ALA B 23 33.19 -39.28 -16.24
C ALA B 23 32.77 -40.20 -17.38
N MET B 24 33.73 -40.97 -17.92
CA MET B 24 33.37 -41.93 -18.96
C MET B 24 32.43 -43.00 -18.42
N THR B 25 32.66 -43.46 -17.19
CA THR B 25 31.77 -44.42 -16.58
C THR B 25 30.37 -43.82 -16.36
N ALA B 26 30.32 -42.54 -15.99
CA ALA B 26 29.04 -41.89 -15.75
C ALA B 26 28.18 -41.85 -17.01
N VAL B 27 28.81 -41.62 -18.17
CA VAL B 27 28.06 -41.56 -19.42
C VAL B 27 27.41 -42.91 -19.71
N VAL B 28 28.17 -44.00 -19.55
CA VAL B 28 27.61 -45.33 -19.77
C VAL B 28 26.53 -45.64 -18.74
N SER B 29 26.78 -45.28 -17.48
CA SER B 29 25.83 -45.57 -16.42
C SER B 29 24.60 -44.68 -16.52
N ASP B 30 23.57 -45.17 -17.19
CA ASP B 30 22.31 -44.44 -17.36
C ASP B 30 21.31 -44.77 -16.26
N HIS B 31 21.76 -44.67 -15.01
CA HIS B 31 20.96 -45.05 -13.85
C HIS B 31 21.00 -43.97 -12.79
N TRP B 32 21.04 -42.70 -13.19
CA TRP B 32 21.12 -41.61 -12.24
C TRP B 32 19.78 -41.03 -11.86
N ALA B 33 18.68 -41.51 -12.44
CA ALA B 33 17.37 -40.97 -12.12
C ALA B 33 16.32 -42.05 -12.29
N VAL B 34 15.53 -42.26 -11.23
CA VAL B 34 14.40 -43.18 -11.26
C VAL B 34 13.13 -42.36 -11.09
N LEU B 35 12.19 -42.53 -12.01
CA LEU B 35 10.93 -41.80 -12.02
C LEU B 35 9.79 -42.78 -11.73
N SER B 36 9.11 -42.57 -10.60
CA SER B 36 7.98 -43.40 -10.22
C SER B 36 6.72 -42.54 -10.19
N PRO B 37 5.81 -42.70 -11.16
CA PRO B 37 4.55 -41.95 -11.10
C PRO B 37 3.72 -42.25 -9.87
N HIS B 38 3.77 -43.50 -9.38
CA HIS B 38 3.02 -43.91 -8.19
C HIS B 38 1.53 -43.62 -8.32
N CYS B 46 6.85 -51.81 -10.47
CA CYS B 46 6.16 -52.24 -11.68
C CYS B 46 6.51 -51.35 -12.86
N GLU B 47 7.01 -50.15 -12.57
CA GLU B 47 7.41 -49.17 -13.58
C GLU B 47 8.78 -48.59 -13.23
N ALA B 48 9.73 -49.47 -12.92
CA ALA B 48 11.08 -49.03 -12.58
C ALA B 48 11.75 -48.39 -13.80
N ALA B 49 11.91 -47.08 -13.77
CA ALA B 49 12.43 -46.32 -14.90
C ALA B 49 13.84 -45.83 -14.59
N HIS B 50 14.76 -46.04 -15.53
CA HIS B 50 16.12 -45.55 -15.43
C HIS B 50 16.31 -44.47 -16.48
N PHE B 51 16.91 -43.36 -16.09
CA PHE B 51 17.10 -42.23 -16.99
C PHE B 51 18.58 -42.05 -17.30
N GLY B 52 18.87 -41.72 -18.56
CA GLY B 52 20.23 -41.53 -19.01
C GLY B 52 20.29 -40.48 -20.11
N LEU B 53 21.52 -40.14 -20.49
CA LEU B 53 21.74 -39.13 -21.52
C LEU B 53 21.68 -39.70 -22.92
N TRP B 54 22.08 -40.96 -23.10
CA TRP B 54 21.99 -41.63 -24.40
C TRP B 54 20.70 -42.43 -24.52
N ARG B 55 20.51 -43.40 -23.63
CA ARG B 55 19.36 -44.30 -23.69
C ARG B 55 18.74 -44.43 -22.31
N ILE B 56 17.42 -44.31 -22.24
CA ILE B 56 16.65 -44.59 -21.03
C ILE B 56 16.29 -46.07 -21.00
N CYS B 57 15.88 -46.55 -19.82
CA CYS B 57 15.55 -47.96 -19.64
C CYS B 57 14.27 -48.08 -18.81
N THR B 58 13.57 -49.18 -18.99
CA THR B 58 12.34 -49.48 -18.24
C THR B 58 12.38 -50.92 -17.78
N LYS B 59 11.69 -51.17 -16.67
CA LYS B 59 11.65 -52.49 -16.05
C LYS B 59 10.37 -52.60 -15.24
N ARG B 60 10.01 -53.85 -14.91
CA ARG B 60 8.82 -54.11 -14.10
C ARG B 60 9.11 -53.89 -12.62
N GLY B 76 10.44 -57.58 -15.94
CA GLY B 76 9.42 -57.90 -16.92
C GLY B 76 9.51 -57.05 -18.18
N GLU B 77 9.09 -55.79 -18.06
CA GLU B 77 9.10 -54.86 -19.20
C GLU B 77 10.46 -54.17 -19.33
N LYS B 78 11.49 -54.99 -19.48
CA LYS B 78 12.86 -54.50 -19.61
C LYS B 78 13.05 -53.99 -21.04
N ASN B 79 13.14 -52.68 -21.19
CA ASN B 79 13.28 -52.04 -22.50
C ASN B 79 14.26 -50.90 -22.38
N CYS B 80 15.43 -51.03 -23.01
CA CYS B 80 16.45 -49.99 -22.99
C CYS B 80 16.52 -49.38 -24.39
N SER B 81 15.98 -48.18 -24.54
CA SER B 81 15.90 -47.54 -25.84
C SER B 81 16.11 -46.03 -25.74
N TYR B 82 15.98 -45.33 -26.85
CA TYR B 82 16.28 -43.90 -26.92
C TYR B 82 15.07 -43.15 -27.46
N PHE B 83 15.04 -41.86 -27.16
CA PHE B 83 13.97 -40.97 -27.63
C PHE B 83 14.52 -39.57 -27.92
N SER B 104 17.31 -32.79 -25.45
CA SER B 104 17.35 -34.24 -25.66
C SER B 104 18.67 -34.64 -26.32
N ILE B 105 18.76 -34.47 -27.64
CA ILE B 105 19.99 -34.81 -28.35
C ILE B 105 21.08 -33.78 -28.08
N SER B 106 20.72 -32.60 -27.56
CA SER B 106 21.73 -31.61 -27.20
C SER B 106 22.61 -32.11 -26.07
N ALA B 107 22.05 -32.91 -25.15
CA ALA B 107 22.87 -33.52 -24.11
C ALA B 107 23.92 -34.43 -24.71
N ALA B 108 23.54 -35.25 -25.69
CA ALA B 108 24.51 -36.13 -26.34
C ALA B 108 25.55 -35.32 -27.10
N ALA B 109 25.13 -34.24 -27.76
CA ALA B 109 26.08 -33.41 -28.50
C ALA B 109 27.10 -32.78 -27.58
N ILE B 110 26.65 -32.21 -26.45
CA ILE B 110 27.61 -31.59 -25.54
C ILE B 110 28.44 -32.66 -24.84
N SER B 111 27.89 -33.87 -24.68
CA SER B 111 28.68 -34.95 -24.09
C SER B 111 29.82 -35.37 -25.00
N VAL B 112 29.56 -35.50 -26.31
CA VAL B 112 30.66 -35.84 -27.21
C VAL B 112 31.62 -34.67 -27.33
N PHE B 113 31.13 -33.43 -27.22
CA PHE B 113 32.04 -32.28 -27.19
C PHE B 113 32.99 -32.36 -25.98
N SER B 114 32.44 -32.69 -24.81
CA SER B 114 33.27 -32.83 -23.62
C SER B 114 34.22 -34.01 -23.73
N LEU B 115 33.79 -35.09 -24.38
CA LEU B 115 34.69 -36.22 -24.62
C LEU B 115 35.85 -35.80 -25.51
N GLY B 116 35.57 -35.01 -26.55
CA GLY B 116 36.64 -34.50 -27.39
C GLY B 116 37.59 -33.60 -26.63
N PHE B 117 37.05 -32.77 -25.73
CA PHE B 117 37.91 -31.94 -24.88
C PHE B 117 38.78 -32.81 -23.97
N LEU B 118 38.21 -33.87 -23.41
CA LEU B 118 39.00 -34.78 -22.59
C LEU B 118 40.12 -35.41 -23.40
N ILE B 119 39.82 -35.83 -24.63
CA ILE B 119 40.84 -36.42 -25.50
C ILE B 119 41.96 -35.42 -25.76
N MET B 120 41.59 -34.19 -26.14
CA MET B 120 42.59 -33.18 -26.47
C MET B 120 43.46 -32.86 -25.27
N GLY B 121 42.85 -32.71 -24.09
CA GLY B 121 43.64 -32.51 -22.89
C GLY B 121 44.56 -33.68 -22.60
N THR B 122 44.10 -34.90 -22.92
CA THR B 122 44.94 -36.08 -22.70
C THR B 122 46.18 -36.03 -23.59
N ILE B 123 46.02 -35.76 -24.89
CA ILE B 123 47.20 -35.68 -25.75
C ILE B 123 48.12 -34.54 -25.29
N CYS B 124 47.54 -33.39 -24.92
CA CYS B 124 48.37 -32.27 -24.49
C CYS B 124 49.18 -32.63 -23.24
N ALA B 125 48.54 -33.27 -22.26
CA ALA B 125 49.25 -33.66 -21.05
C ALA B 125 50.33 -34.70 -21.34
N LEU B 126 50.02 -35.67 -22.19
CA LEU B 126 51.02 -36.70 -22.51
C LEU B 126 52.21 -36.09 -23.24
N MET B 127 51.97 -35.16 -24.15
CA MET B 127 53.06 -34.54 -24.89
C MET B 127 53.83 -33.53 -24.06
N ALA B 128 53.23 -32.99 -22.99
CA ALA B 128 53.93 -32.03 -22.15
C ALA B 128 55.10 -32.64 -21.39
N PHE B 129 55.12 -33.95 -21.20
CA PHE B 129 56.15 -34.59 -20.39
C PHE B 129 57.46 -34.82 -21.13
N ARG B 130 57.50 -34.61 -22.44
CA ARG B 130 58.68 -34.91 -23.24
C ARG B 130 59.21 -33.64 -23.88
N LYS B 131 60.51 -33.69 -24.23
CA LYS B 131 61.21 -32.60 -24.92
C LYS B 131 61.09 -31.27 -24.16
N LYS B 132 60.98 -31.35 -22.84
CA LYS B 132 60.91 -30.16 -21.98
C LYS B 132 59.78 -29.22 -22.40
N ARG B 133 58.63 -29.81 -22.71
CA ARG B 133 57.46 -29.03 -23.11
C ARG B 133 56.54 -28.79 -21.91
N ASP B 134 57.10 -28.12 -20.90
CA ASP B 134 56.35 -27.84 -19.68
C ASP B 134 55.18 -26.90 -19.96
N TYR B 135 55.38 -25.92 -20.86
CA TYR B 135 54.36 -24.93 -21.15
C TYR B 135 53.04 -25.58 -21.57
N LEU B 136 53.12 -26.74 -22.23
CA LEU B 136 51.92 -27.41 -22.72
C LEU B 136 51.00 -27.87 -21.61
N LEU B 137 51.48 -27.90 -20.36
CA LEU B 137 50.60 -28.20 -19.23
C LEU B 137 49.60 -27.09 -18.98
N ARG B 138 49.81 -25.90 -19.54
CA ARG B 138 48.92 -24.77 -19.31
C ARG B 138 47.62 -24.91 -20.12
N PRO B 139 47.66 -25.05 -21.45
CA PRO B 139 46.38 -25.20 -22.17
C PRO B 139 45.62 -26.46 -21.79
N ALA B 140 46.33 -27.56 -21.56
CA ALA B 140 45.69 -28.85 -21.31
C ALA B 140 44.68 -28.75 -20.17
N SER B 141 45.08 -28.13 -19.07
CA SER B 141 44.19 -27.98 -17.92
C SER B 141 42.86 -27.37 -18.34
N MET B 142 42.91 -26.29 -19.13
CA MET B 142 41.68 -25.64 -19.58
C MET B 142 40.75 -26.63 -20.23
N PHE B 143 41.28 -27.46 -21.14
CA PHE B 143 40.45 -28.46 -21.79
C PHE B 143 39.73 -29.29 -20.75
N TYR B 144 40.49 -29.84 -19.79
CA TYR B 144 39.87 -30.61 -18.72
C TYR B 144 38.77 -29.80 -18.06
N VAL B 145 39.10 -28.57 -17.64
CA VAL B 145 38.10 -27.68 -17.05
C VAL B 145 36.88 -27.62 -17.95
N PHE B 146 37.09 -27.22 -19.20
CA PHE B 146 35.96 -27.05 -20.11
C PHE B 146 35.18 -28.35 -20.23
N ALA B 147 35.89 -29.47 -20.36
CA ALA B 147 35.21 -30.75 -20.46
C ALA B 147 34.33 -30.95 -19.24
N GLY B 148 34.92 -30.85 -18.06
CA GLY B 148 34.13 -30.97 -16.84
C GLY B 148 33.02 -29.95 -16.81
N LEU B 149 33.33 -28.72 -17.25
CA LEU B 149 32.32 -27.67 -17.24
C LEU B 149 31.13 -28.08 -18.09
N CYS B 150 31.39 -28.66 -19.26
CA CYS B 150 30.29 -29.11 -20.12
C CYS B 150 29.41 -30.10 -19.37
N LEU B 151 30.03 -31.06 -18.68
CA LEU B 151 29.27 -32.05 -17.92
C LEU B 151 28.27 -31.37 -17.00
N PHE B 152 28.68 -30.26 -16.35
CA PHE B 152 27.76 -29.52 -15.50
C PHE B 152 26.47 -29.22 -16.26
N VAL B 153 26.58 -28.43 -17.33
CA VAL B 153 25.37 -28.07 -18.06
C VAL B 153 24.72 -29.31 -18.64
N SER B 154 25.52 -30.35 -18.94
CA SER B 154 24.94 -31.60 -19.42
C SER B 154 23.92 -32.13 -18.43
N LEU B 155 24.32 -32.27 -17.16
CA LEU B 155 23.35 -32.76 -16.19
C LEU B 155 22.22 -31.78 -16.02
N GLU B 156 22.49 -30.48 -16.21
CA GLU B 156 21.43 -29.49 -16.17
C GLU B 156 20.32 -29.85 -17.14
N VAL B 157 20.68 -30.27 -18.35
CA VAL B 157 19.66 -30.67 -19.33
C VAL B 157 18.84 -31.82 -18.77
N MET B 158 19.52 -32.83 -18.21
CA MET B 158 18.80 -33.93 -17.58
C MET B 158 17.85 -33.40 -16.52
N ARG B 159 18.31 -32.42 -15.72
CA ARG B 159 17.45 -31.84 -14.69
C ARG B 159 16.16 -31.30 -15.30
N GLN B 160 16.27 -30.58 -16.43
CA GLN B 160 15.06 -30.02 -17.02
C GLN B 160 14.15 -31.13 -17.54
N SER B 161 14.72 -32.24 -18.00
CA SER B 161 13.89 -33.39 -18.36
C SER B 161 13.12 -33.86 -17.13
N VAL B 162 13.82 -33.97 -16.00
CA VAL B 162 13.16 -34.29 -14.73
C VAL B 162 12.10 -33.26 -14.37
N LYS B 163 12.24 -32.03 -14.85
CA LYS B 163 11.28 -30.96 -14.56
C LYS B 163 10.19 -30.87 -15.60
N ARG B 164 10.14 -31.79 -16.57
CA ARG B 164 9.02 -31.83 -17.51
C ARG B 164 8.26 -33.15 -17.48
N MET B 165 8.63 -34.08 -16.60
CA MET B 165 7.90 -35.34 -16.46
C MET B 165 8.03 -35.88 -15.05
N ILE B 174 3.93 -38.76 -8.87
CA ILE B 174 5.19 -38.68 -9.60
C ILE B 174 6.32 -38.24 -8.67
N GLU B 175 7.43 -38.97 -8.71
CA GLU B 175 8.58 -38.60 -7.89
C GLU B 175 9.85 -39.13 -8.54
N TYR B 176 10.90 -38.32 -8.51
CA TYR B 176 12.19 -38.65 -9.11
C TYR B 176 13.24 -38.78 -8.03
N TYR B 177 14.21 -39.67 -8.26
CA TYR B 177 15.30 -39.87 -7.33
C TYR B 177 16.62 -40.03 -8.08
N TYR B 178 17.70 -39.59 -7.44
CA TYR B 178 19.06 -39.77 -7.92
C TYR B 178 19.78 -40.71 -6.96
N SER B 179 20.22 -41.87 -7.47
CA SER B 179 20.76 -42.91 -6.60
C SER B 179 22.24 -43.19 -6.82
N TRP B 180 22.65 -43.56 -8.04
CA TRP B 180 23.99 -44.08 -8.26
C TRP B 180 24.82 -43.19 -9.18
N SER B 181 24.35 -42.95 -10.41
CA SER B 181 25.19 -42.29 -11.40
C SER B 181 25.16 -40.76 -11.30
N PHE B 182 24.23 -40.19 -10.54
CA PHE B 182 24.20 -38.74 -10.39
C PHE B 182 25.37 -38.27 -9.54
N ALA B 183 25.62 -38.93 -8.40
CA ALA B 183 26.81 -38.64 -7.63
C ALA B 183 28.07 -38.94 -8.43
N CYS B 184 28.01 -39.97 -9.29
CA CYS B 184 29.13 -40.27 -10.18
C CYS B 184 29.46 -39.10 -11.09
N ALA B 185 28.44 -38.57 -11.78
CA ALA B 185 28.67 -37.44 -12.69
C ALA B 185 29.08 -36.18 -11.93
N CYS B 186 28.47 -35.94 -10.76
CA CYS B 186 28.84 -34.76 -9.98
C CYS B 186 30.27 -34.84 -9.50
N ALA B 187 30.70 -36.01 -9.02
CA ALA B 187 32.09 -36.19 -8.62
C ALA B 187 33.04 -36.03 -9.80
N ALA B 188 32.65 -36.57 -10.96
CA ALA B 188 33.48 -36.41 -12.15
C ALA B 188 33.65 -34.94 -12.52
N PHE B 189 32.55 -34.19 -12.52
CA PHE B 189 32.62 -32.77 -12.84
C PHE B 189 33.48 -32.01 -11.82
N VAL B 190 33.28 -32.30 -10.54
CA VAL B 190 34.02 -31.60 -9.50
C VAL B 190 35.51 -31.90 -9.63
N LEU B 191 35.85 -33.17 -9.83
CA LEU B 191 37.26 -33.56 -10.00
C LEU B 191 37.87 -32.87 -11.20
N LEU B 192 37.17 -32.90 -12.34
CA LEU B 192 37.72 -32.30 -13.55
C LEU B 192 37.93 -30.80 -13.37
N PHE B 193 36.91 -30.09 -12.86
CA PHE B 193 37.01 -28.65 -12.69
C PHE B 193 38.12 -28.28 -11.73
N LEU B 194 38.10 -28.87 -10.53
CA LEU B 194 39.09 -28.53 -9.51
C LEU B 194 40.50 -28.92 -9.94
N GLY B 195 40.66 -30.09 -10.56
CA GLY B 195 41.98 -30.50 -11.01
C GLY B 195 42.51 -29.63 -12.12
N GLY B 196 41.65 -29.22 -13.06
CA GLY B 196 42.08 -28.31 -14.09
C GLY B 196 42.50 -26.96 -13.55
N ILE B 197 41.72 -26.41 -12.62
CA ILE B 197 42.08 -25.12 -12.03
C ILE B 197 43.40 -25.24 -11.27
N SER B 198 43.56 -26.30 -10.48
CA SER B 198 44.79 -26.48 -9.72
C SER B 198 45.99 -26.69 -10.64
N LEU B 199 45.81 -27.44 -11.73
CA LEU B 199 46.89 -27.65 -12.68
C LEU B 199 47.28 -26.35 -13.36
N LEU B 200 46.29 -25.52 -13.72
CA LEU B 200 46.59 -24.23 -14.31
C LEU B 200 47.36 -23.34 -13.33
N LEU B 201 46.93 -23.32 -12.06
CA LEU B 201 47.61 -22.49 -11.07
C LEU B 201 49.02 -22.99 -10.80
N PHE B 202 49.22 -24.30 -10.78
CA PHE B 202 50.56 -24.85 -10.53
C PHE B 202 51.48 -24.61 -11.72
N SER B 203 50.96 -24.74 -12.95
CA SER B 203 51.78 -24.53 -14.12
C SER B 203 52.14 -23.06 -14.30
N LEU B 204 51.27 -22.15 -13.87
CA LEU B 204 51.61 -20.75 -13.91
C LEU B 204 52.77 -20.48 -12.96
N PRO B 205 53.74 -19.63 -13.35
CA PRO B 205 55.00 -19.56 -12.60
C PRO B 205 54.85 -19.18 -11.14
N ARG B 206 54.35 -17.98 -10.86
CA ARG B 206 54.20 -17.48 -9.50
C ARG B 206 53.62 -16.07 -9.57
N MET B 207 53.07 -15.63 -8.45
CA MET B 207 52.83 -14.20 -8.26
C MET B 207 54.16 -13.53 -7.92
N PRO B 208 54.53 -12.44 -8.61
CA PRO B 208 55.87 -11.85 -8.45
C PRO B 208 56.34 -11.70 -7.01
N GLN B 209 55.58 -11.00 -6.18
CA GLN B 209 55.82 -10.90 -4.74
C GLN B 209 57.09 -10.12 -4.42
N ASN B 210 57.87 -9.77 -5.44
CA ASN B 210 59.09 -9.00 -5.29
C ASN B 210 59.21 -8.01 -6.43
N PRO B 211 59.78 -6.83 -6.19
CA PRO B 211 59.95 -5.86 -7.28
C PRO B 211 60.77 -6.39 -8.43
N TRP B 212 61.81 -7.18 -8.16
CA TRP B 212 62.59 -7.77 -9.23
C TRP B 212 61.85 -8.92 -9.91
N GLU B 213 61.21 -9.78 -9.12
CA GLU B 213 60.54 -10.94 -9.67
C GLU B 213 59.34 -10.52 -10.51
N SER B 214 59.13 -11.23 -11.61
CA SER B 214 58.00 -10.99 -12.48
C SER B 214 57.71 -12.26 -13.25
N CYS B 215 56.54 -12.29 -13.90
CA CYS B 215 56.22 -13.40 -14.77
C CYS B 215 57.15 -13.41 -15.97
N MET B 216 57.15 -14.53 -16.70
CA MET B 216 58.02 -14.77 -17.87
C MET B 216 59.46 -14.31 -17.59
N ASP B 217 60.05 -14.91 -16.56
CA ASP B 217 61.42 -14.64 -16.15
C ASP B 217 62.34 -15.72 -16.71
N ALA B 218 63.61 -15.65 -16.32
CA ALA B 218 64.63 -16.59 -16.78
C ALA B 218 64.61 -17.82 -15.89
N GLU B 219 63.62 -18.68 -16.14
CA GLU B 219 63.45 -19.94 -15.41
C GLU B 219 63.35 -19.71 -13.91
N PHE C 29 -51.11 -4.61 -55.01
CA PHE C 29 -51.67 -4.50 -53.67
C PHE C 29 -53.19 -4.66 -53.68
N PRO C 30 -53.71 -5.44 -52.75
CA PRO C 30 -55.17 -5.63 -52.68
C PRO C 30 -55.87 -4.34 -52.32
N SER C 31 -57.11 -4.23 -52.80
CA SER C 31 -57.93 -3.06 -52.50
C SER C 31 -58.28 -3.02 -51.01
N ALA C 32 -58.65 -1.84 -50.53
CA ALA C 32 -59.03 -1.69 -49.13
C ALA C 32 -60.32 -2.43 -48.80
N VAL C 33 -61.17 -2.70 -49.79
CA VAL C 33 -62.45 -3.36 -49.52
C VAL C 33 -62.22 -4.80 -49.06
N THR C 34 -61.37 -5.54 -49.76
CA THR C 34 -61.15 -6.93 -49.39
C THR C 34 -60.38 -7.04 -48.06
N ILE C 35 -59.45 -6.12 -47.81
CA ILE C 35 -58.77 -6.11 -46.51
C ILE C 35 -59.75 -5.81 -45.39
N LYS C 36 -60.66 -4.85 -45.61
CA LYS C 36 -61.67 -4.55 -44.61
C LYS C 36 -62.56 -5.76 -44.35
N SER C 37 -62.96 -6.46 -45.42
CA SER C 37 -63.79 -7.66 -45.24
C SER C 37 -63.04 -8.74 -44.46
N TRP C 38 -61.75 -8.95 -44.78
CA TRP C 38 -60.98 -9.96 -44.09
C TRP C 38 -60.84 -9.63 -42.60
N VAL C 39 -60.48 -8.39 -42.29
CA VAL C 39 -60.31 -8.02 -40.89
C VAL C 39 -61.65 -8.05 -40.16
N ASP C 40 -62.75 -7.71 -40.84
CA ASP C 40 -64.07 -7.80 -40.23
C ASP C 40 -64.38 -9.24 -39.85
N LYS C 41 -64.20 -10.17 -40.79
CA LYS C 41 -64.49 -11.57 -40.52
C LYS C 41 -63.62 -12.10 -39.39
N MET C 42 -62.34 -11.74 -39.40
CA MET C 42 -61.43 -12.16 -38.35
C MET C 42 -61.89 -11.63 -36.99
N GLN C 43 -62.33 -10.38 -36.96
CA GLN C 43 -62.72 -9.78 -35.69
C GLN C 43 -64.01 -10.39 -35.15
N GLU C 44 -65.00 -10.66 -36.01
CA GLU C 44 -66.19 -11.32 -35.49
C GLU C 44 -65.88 -12.74 -35.04
N ASP C 45 -65.00 -13.45 -35.76
CA ASP C 45 -64.63 -14.79 -35.31
C ASP C 45 -64.00 -14.74 -33.92
N LEU C 46 -63.04 -13.84 -33.71
CA LEU C 46 -62.37 -13.74 -32.42
C LEU C 46 -63.34 -13.31 -31.32
N VAL C 47 -64.16 -12.30 -31.59
CA VAL C 47 -65.08 -11.79 -30.57
C VAL C 47 -66.12 -12.84 -30.21
N THR C 48 -66.66 -13.55 -31.22
CA THR C 48 -67.63 -14.60 -30.94
C THR C 48 -67.00 -15.73 -30.13
N LEU C 49 -65.78 -16.14 -30.49
CA LEU C 49 -65.10 -17.16 -29.72
C LEU C 49 -64.96 -16.74 -28.26
N ALA C 50 -64.43 -15.54 -28.02
CA ALA C 50 -64.21 -15.08 -26.66
C ALA C 50 -65.52 -14.95 -25.88
N LYS C 51 -66.55 -14.37 -26.50
CA LYS C 51 -67.80 -14.14 -25.82
C LYS C 51 -68.52 -15.44 -25.50
N THR C 52 -68.54 -16.38 -26.44
CA THR C 52 -69.28 -17.62 -26.24
C THR C 52 -68.50 -18.66 -25.44
N ALA C 53 -67.19 -18.50 -25.27
CA ALA C 53 -66.45 -19.43 -24.43
C ALA C 53 -66.21 -18.89 -23.01
N SER C 54 -65.97 -17.59 -22.86
CA SER C 54 -65.75 -17.03 -21.53
C SER C 54 -67.04 -16.97 -20.74
N GLY C 55 -68.12 -16.52 -21.37
CA GLY C 55 -69.41 -16.45 -20.70
C GLY C 55 -69.61 -15.17 -19.90
N VAL C 56 -69.38 -14.02 -20.52
CA VAL C 56 -69.60 -12.74 -19.84
C VAL C 56 -71.07 -12.58 -19.49
N HIS C 57 -71.97 -12.91 -20.43
CA HIS C 57 -73.40 -12.71 -20.21
C HIS C 57 -73.93 -13.61 -19.11
N GLN C 58 -73.45 -14.85 -19.05
CA GLN C 58 -73.91 -15.77 -18.00
C GLN C 58 -73.47 -15.29 -16.62
N LEU C 59 -72.22 -14.83 -16.50
CA LEU C 59 -71.76 -14.31 -15.22
C LEU C 59 -72.51 -13.05 -14.83
N VAL C 60 -72.76 -12.17 -15.80
CA VAL C 60 -73.56 -10.97 -15.52
C VAL C 60 -74.95 -11.34 -15.03
N ASP C 61 -75.57 -12.32 -15.68
CA ASP C 61 -76.91 -12.74 -15.29
C ASP C 61 -76.91 -13.32 -13.88
N ILE C 62 -75.98 -14.22 -13.58
CA ILE C 62 -75.99 -14.85 -12.26
C ILE C 62 -75.58 -13.88 -11.16
N TYR C 63 -74.82 -12.82 -11.48
CA TYR C 63 -74.68 -11.71 -10.54
C TYR C 63 -76.00 -10.98 -10.35
N GLU C 64 -76.73 -10.75 -11.44
CA GLU C 64 -78.00 -10.06 -11.37
C GLU C 64 -79.15 -10.98 -10.98
N LYS C 65 -78.97 -12.29 -11.10
CA LYS C 65 -80.07 -13.22 -10.83
C LYS C 65 -80.45 -13.23 -9.35
N TYR C 66 -79.44 -13.20 -8.47
CA TYR C 66 -79.71 -13.30 -7.04
C TYR C 66 -80.07 -11.95 -6.44
N GLN C 67 -79.13 -11.00 -6.49
CA GLN C 67 -79.38 -9.60 -6.13
C GLN C 67 -79.84 -9.44 -4.68
N ASP C 68 -79.88 -10.54 -3.92
CA ASP C 68 -80.34 -10.49 -2.54
C ASP C 68 -79.36 -11.08 -1.54
N LEU C 69 -78.40 -11.90 -1.98
CA LEU C 69 -77.35 -12.39 -1.12
C LEU C 69 -76.26 -11.36 -0.88
N TYR C 70 -76.44 -10.14 -1.38
CA TYR C 70 -75.46 -9.08 -1.22
C TYR C 70 -76.15 -7.73 -1.38
N THR C 71 -75.47 -6.68 -0.93
CA THR C 71 -75.96 -5.33 -1.04
C THR C 71 -74.88 -4.43 -1.63
N VAL C 72 -75.30 -3.34 -2.26
CA VAL C 72 -74.41 -2.40 -2.91
C VAL C 72 -74.23 -1.20 -1.99
N GLU C 73 -72.97 -0.92 -1.63
CA GLU C 73 -72.69 0.16 -0.70
C GLU C 73 -71.77 1.19 -1.35
N PRO C 74 -72.01 2.48 -1.09
CA PRO C 74 -71.16 3.51 -1.71
C PRO C 74 -69.79 3.60 -1.07
N ASN C 75 -68.84 4.10 -1.84
CA ASN C 75 -67.51 4.44 -1.37
C ASN C 75 -67.43 5.96 -1.33
N ASN C 76 -67.77 6.54 -0.18
CA ASN C 76 -67.73 7.99 0.00
C ASN C 76 -66.28 8.43 0.04
N ALA C 77 -65.77 8.96 -1.08
CA ALA C 77 -64.36 9.30 -1.17
C ALA C 77 -63.98 10.39 -0.18
N ARG C 78 -64.84 11.40 0.00
CA ARG C 78 -64.53 12.47 0.94
C ARG C 78 -64.42 11.96 2.37
N GLN C 79 -65.30 11.04 2.75
CA GLN C 79 -65.30 10.54 4.13
C GLN C 79 -64.13 9.60 4.38
N LEU C 80 -63.84 8.70 3.43
CA LEU C 80 -62.81 7.68 3.64
C LEU C 80 -61.44 8.32 3.88
N VAL C 81 -61.10 9.35 3.11
CA VAL C 81 -59.83 10.03 3.31
C VAL C 81 -59.80 10.68 4.68
N GLU C 82 -60.93 11.20 5.15
CA GLU C 82 -60.98 11.81 6.47
C GLU C 82 -60.73 10.79 7.58
N ILE C 83 -61.38 9.63 7.49
CA ILE C 83 -61.15 8.59 8.50
C ILE C 83 -59.69 8.12 8.47
N ALA C 84 -59.15 7.92 7.27
CA ALA C 84 -57.77 7.46 7.17
C ALA C 84 -56.80 8.51 7.73
N ALA C 85 -57.04 9.78 7.43
CA ALA C 85 -56.19 10.84 7.96
C ALA C 85 -56.28 10.91 9.47
N ARG C 86 -57.48 10.76 10.04
CA ARG C 86 -57.62 10.75 11.48
CA ARG C 86 -57.62 10.75 11.48
C ARG C 86 -56.88 9.57 12.10
N ASP C 87 -56.96 8.39 11.47
CA ASP C 87 -56.26 7.23 12.00
C ASP C 87 -54.75 7.44 11.97
N ILE C 88 -54.22 7.99 10.88
CA ILE C 88 -52.78 8.24 10.78
C ILE C 88 -52.35 9.27 11.81
N GLU C 89 -53.12 10.35 11.96
CA GLU C 89 -52.80 11.37 12.94
C GLU C 89 -52.83 10.81 14.35
N LYS C 90 -53.78 9.92 14.64
CA LYS C 90 -53.92 9.40 15.99
C LYS C 90 -52.83 8.38 16.29
N LEU C 91 -52.39 7.63 15.28
CA LEU C 91 -51.20 6.78 15.44
C LEU C 91 -49.95 7.61 15.71
N LEU C 92 -49.78 8.70 14.98
CA LEU C 92 -48.64 9.56 15.26
C LEU C 92 -48.77 10.24 16.62
N SER C 93 -50.00 10.42 17.12
CA SER C 93 -50.19 10.92 18.48
C SER C 93 -49.77 9.87 19.50
N ASN C 94 -50.16 8.61 19.30
CA ASN C 94 -49.56 7.49 20.02
C ASN C 94 -48.06 7.67 20.14
N ARG C 95 -47.40 7.77 18.99
CA ARG C 95 -45.94 7.74 18.96
C ARG C 95 -45.34 9.00 19.58
N SER C 96 -46.02 10.14 19.45
CA SER C 96 -45.51 11.37 20.03
C SER C 96 -45.62 11.36 21.55
N LYS C 97 -46.70 10.79 22.09
CA LYS C 97 -46.85 10.74 23.54
C LYS C 97 -45.79 9.87 24.19
N ALA C 98 -45.30 8.85 23.49
CA ALA C 98 -44.26 7.99 24.03
C ALA C 98 -42.88 8.63 23.94
N LEU C 99 -42.72 9.68 23.15
CA LEU C 99 -41.43 10.37 23.01
C LEU C 99 -41.23 11.41 24.09
N VAL C 100 -42.27 12.17 24.43
CA VAL C 100 -42.14 13.19 25.47
C VAL C 100 -41.90 12.53 26.82
N ARG C 101 -42.54 11.37 27.06
CA ARG C 101 -42.30 10.63 28.29
C ARG C 101 -40.84 10.25 28.44
N LEU C 102 -40.26 9.68 27.37
CA LEU C 102 -38.87 9.28 27.40
C LEU C 102 -37.95 10.48 27.57
N ALA C 103 -38.25 11.59 26.88
CA ALA C 103 -37.41 12.77 26.98
C ALA C 103 -37.41 13.35 28.39
N LEU C 104 -38.60 13.46 28.99
CA LEU C 104 -38.69 13.98 30.35
C LEU C 104 -37.97 13.06 31.33
N GLU C 105 -38.15 11.75 31.20
CA GLU C 105 -37.46 10.84 32.12
C GLU C 105 -35.96 10.91 31.95
N ALA C 106 -35.47 11.00 30.71
CA ALA C 106 -34.03 11.10 30.49
C ALA C 106 -33.47 12.37 31.08
N GLU C 107 -34.17 13.51 30.90
CA GLU C 107 -33.71 14.76 31.47
C GLU C 107 -33.66 14.68 33.00
N LYS C 108 -34.73 14.16 33.61
CA LYS C 108 -34.78 14.07 35.06
C LYS C 108 -33.68 13.16 35.61
N VAL C 109 -33.47 12.00 34.96
CA VAL C 109 -32.50 11.05 35.47
C VAL C 109 -31.08 11.56 35.31
N GLN C 110 -30.76 12.14 34.14
CA GLN C 110 -29.42 12.66 33.94
C GLN C 110 -29.15 13.88 34.80
N ALA C 111 -30.19 14.65 35.13
CA ALA C 111 -30.00 15.80 36.01
C ALA C 111 -29.54 15.40 37.40
N ALA C 112 -29.70 14.14 37.78
CA ALA C 112 -29.35 13.66 39.12
C ALA C 112 -28.13 12.73 39.11
N HIS C 113 -27.36 12.73 38.03
CA HIS C 113 -26.17 11.89 37.98
C HIS C 113 -25.02 12.54 38.76
N GLN C 114 -24.08 11.71 39.19
CA GLN C 114 -23.00 12.17 40.06
C GLN C 114 -21.64 12.25 39.37
N TRP C 115 -21.45 11.60 38.24
CA TRP C 115 -20.19 11.59 37.49
C TRP C 115 -19.04 11.07 38.36
N ARG C 116 -19.13 9.79 38.68
CA ARG C 116 -18.03 9.12 39.35
C ARG C 116 -17.04 8.58 38.33
N GLU C 117 -15.82 8.32 38.80
CA GLU C 117 -14.76 7.72 37.98
C GLU C 117 -14.27 6.39 38.55
N ASP C 118 -15.00 5.80 39.48
CA ASP C 118 -14.62 4.53 40.11
C ASP C 118 -15.72 3.52 39.80
N PHE C 119 -15.57 2.82 38.68
CA PHE C 119 -16.55 1.84 38.24
C PHE C 119 -16.15 0.40 38.54
N ALA C 120 -14.90 0.17 38.94
CA ALA C 120 -14.46 -1.19 39.26
C ALA C 120 -15.21 -1.74 40.47
N SER C 121 -15.38 -0.92 41.51
CA SER C 121 -16.10 -1.37 42.70
C SER C 121 -17.59 -1.54 42.42
N ASN C 122 -18.18 -0.60 41.68
CA ASN C 122 -19.60 -0.62 41.35
C ASN C 122 -19.71 -0.88 39.85
N GLU C 123 -19.83 -2.16 39.48
CA GLU C 123 -19.89 -2.53 38.08
C GLU C 123 -21.17 -2.00 37.44
N VAL C 124 -21.09 -1.74 36.14
CA VAL C 124 -22.23 -1.31 35.33
C VAL C 124 -22.74 -2.51 34.57
N VAL C 125 -23.97 -2.93 34.86
CA VAL C 125 -24.55 -4.14 34.29
C VAL C 125 -25.40 -3.75 33.09
N TYR C 126 -25.06 -4.28 31.92
CA TYR C 126 -25.83 -3.97 30.72
C TYR C 126 -25.60 -5.05 29.68
N TYR C 127 -26.52 -5.13 28.73
CA TYR C 127 -26.43 -6.05 27.61
C TYR C 127 -25.83 -5.30 26.42
N ASN C 128 -24.60 -5.66 26.06
CA ASN C 128 -23.97 -5.08 24.87
C ASN C 128 -24.41 -5.86 23.65
N ALA C 129 -24.88 -5.15 22.62
CA ALA C 129 -25.22 -5.77 21.37
C ALA C 129 -23.93 -6.16 20.63
N LYS C 130 -24.11 -6.84 19.50
CA LYS C 130 -23.01 -7.30 18.64
C LYS C 130 -21.89 -7.94 19.44
N ASP C 131 -22.27 -8.83 20.36
CA ASP C 131 -21.34 -9.67 21.08
C ASP C 131 -21.78 -11.13 20.95
N ASP C 132 -20.83 -12.04 21.13
CA ASP C 132 -21.11 -13.45 20.95
C ASP C 132 -22.15 -13.93 21.98
N LEU C 133 -23.08 -14.76 21.51
CA LEU C 133 -24.11 -15.32 22.37
C LEU C 133 -23.68 -16.59 23.07
N ASP C 134 -22.45 -17.04 22.85
CA ASP C 134 -21.97 -18.25 23.49
C ASP C 134 -21.85 -18.03 24.99
N PRO C 135 -22.26 -18.99 25.82
CA PRO C 135 -22.18 -18.82 27.27
C PRO C 135 -20.76 -18.88 27.82
N GLU C 136 -19.78 -19.23 26.99
CA GLU C 136 -18.40 -19.37 27.44
C GLU C 136 -17.53 -18.18 27.11
N LYS C 137 -18.12 -17.05 26.72
CA LYS C 137 -17.33 -15.88 26.34
C LYS C 137 -16.54 -15.36 27.53
N ASN C 138 -17.21 -15.11 28.65
CA ASN C 138 -16.57 -14.63 29.88
C ASN C 138 -15.67 -13.42 29.62
N ASP C 139 -16.30 -12.34 29.15
CA ASP C 139 -15.54 -11.14 28.82
C ASP C 139 -14.87 -10.55 30.05
N SER C 140 -15.63 -10.34 31.12
CA SER C 140 -15.12 -9.79 32.39
C SER C 140 -14.36 -8.49 32.17
N GLU C 141 -14.97 -7.60 31.38
CA GLU C 141 -14.35 -6.31 31.11
C GLU C 141 -14.30 -5.47 32.39
N PRO C 142 -13.20 -4.76 32.63
CA PRO C 142 -13.11 -3.94 33.85
C PRO C 142 -14.17 -2.85 33.86
N GLY C 143 -14.88 -2.75 34.99
CA GLY C 143 -15.91 -1.75 35.17
C GLY C 143 -17.24 -2.06 34.51
N SER C 144 -17.38 -3.23 33.89
CA SER C 144 -18.61 -3.57 33.18
C SER C 144 -18.98 -5.01 33.45
N GLN C 145 -20.28 -5.30 33.35
CA GLN C 145 -20.82 -6.64 33.49
C GLN C 145 -21.84 -6.86 32.39
N ARG C 146 -21.81 -8.04 31.78
CA ARG C 146 -22.63 -8.36 30.63
C ARG C 146 -23.91 -9.08 31.04
N ILE C 147 -24.86 -9.09 30.12
CA ILE C 147 -26.17 -9.71 30.33
C ILE C 147 -26.39 -10.73 29.23
N LYS C 148 -26.85 -11.93 29.60
CA LYS C 148 -27.18 -12.96 28.63
C LYS C 148 -28.70 -13.09 28.53
N PRO C 149 -29.32 -12.56 27.48
CA PRO C 149 -30.78 -12.59 27.38
C PRO C 149 -31.28 -13.93 26.86
N VAL C 150 -32.60 -14.11 26.95
CA VAL C 150 -33.24 -15.34 26.51
C VAL C 150 -33.57 -15.31 25.03
N PHE C 151 -33.97 -14.16 24.51
CA PHE C 151 -34.17 -13.92 23.08
C PHE C 151 -35.23 -14.87 22.49
N ILE C 152 -36.46 -14.67 22.96
CA ILE C 152 -37.59 -15.35 22.34
C ILE C 152 -37.81 -14.80 20.93
N ASP C 153 -38.54 -15.56 20.12
CA ASP C 153 -38.87 -15.16 18.76
C ASP C 153 -40.27 -14.57 18.76
N ASP C 154 -40.39 -13.33 18.28
CA ASP C 154 -41.62 -12.57 18.35
C ASP C 154 -41.94 -11.95 16.99
N ALA C 155 -43.23 -11.81 16.70
CA ALA C 155 -43.69 -11.19 15.47
C ALA C 155 -43.55 -9.68 15.57
N ASN C 156 -43.87 -8.97 14.48
CA ASN C 156 -43.68 -7.52 14.35
C ASN C 156 -42.20 -7.16 14.46
N PHE C 157 -41.35 -8.16 14.62
CA PHE C 157 -39.90 -8.02 14.56
C PHE C 157 -39.38 -9.27 13.85
N ARG C 158 -38.85 -9.11 12.64
CA ARG C 158 -38.39 -10.27 11.90
C ARG C 158 -37.05 -10.76 12.44
N ARG C 159 -37.00 -11.01 13.75
CA ARG C 159 -35.80 -11.45 14.45
C ARG C 159 -36.22 -11.80 15.88
N GLN C 160 -35.24 -12.20 16.69
CA GLN C 160 -35.48 -12.60 18.06
C GLN C 160 -35.19 -11.43 18.99
N VAL C 161 -36.15 -11.11 19.85
CA VAL C 161 -36.05 -9.95 20.74
C VAL C 161 -36.31 -10.39 22.17
N SER C 162 -35.86 -9.55 23.11
CA SER C 162 -36.06 -9.77 24.53
C SER C 162 -36.63 -8.49 25.14
N TYR C 163 -37.70 -8.63 25.92
CA TYR C 163 -38.36 -7.51 26.55
C TYR C 163 -37.93 -7.28 27.99
N GLN C 164 -36.96 -8.03 28.48
CA GLN C 164 -36.53 -7.90 29.87
C GLN C 164 -35.58 -6.73 30.09
N HIS C 165 -34.98 -6.20 29.04
CA HIS C 165 -34.02 -5.09 29.16
C HIS C 165 -33.84 -4.48 27.78
N ALA C 166 -32.89 -3.55 27.68
CA ALA C 166 -32.59 -2.84 26.45
C ALA C 166 -31.18 -3.15 26.00
N ALA C 167 -30.98 -3.18 24.68
CA ALA C 167 -29.68 -3.43 24.09
C ALA C 167 -28.93 -2.12 23.87
N VAL C 168 -27.61 -2.20 23.92
CA VAL C 168 -26.74 -1.05 23.77
C VAL C 168 -25.80 -1.30 22.60
N HIS C 169 -25.79 -0.37 21.64
CA HIS C 169 -24.85 -0.39 20.53
C HIS C 169 -23.81 0.70 20.73
N ILE C 170 -22.54 0.33 20.63
CA ILE C 170 -21.42 1.24 20.76
C ILE C 170 -20.58 1.12 19.49
N PRO C 171 -20.18 2.23 18.87
CA PRO C 171 -19.40 2.12 17.64
C PRO C 171 -18.08 1.39 17.86
N THR C 172 -17.63 0.69 16.82
CA THR C 172 -16.47 -0.20 16.95
C THR C 172 -15.22 0.56 17.35
N ASP C 173 -15.00 1.74 16.77
CA ASP C 173 -13.81 2.52 17.06
C ASP C 173 -13.93 3.31 18.36
N ILE C 174 -15.06 3.24 19.05
CA ILE C 174 -15.24 3.86 20.36
C ILE C 174 -15.04 2.80 21.42
N TYR C 175 -14.09 3.03 22.33
CA TYR C 175 -13.77 2.04 23.35
C TYR C 175 -14.85 2.04 24.43
N GLU C 176 -15.56 0.93 24.56
CA GLU C 176 -16.47 0.77 25.68
C GLU C 176 -15.68 0.54 26.96
N GLY C 177 -16.14 1.13 28.05
CA GLY C 177 -15.43 1.06 29.30
C GLY C 177 -14.62 2.28 29.65
N SER C 178 -14.68 3.33 28.83
CA SER C 178 -14.07 4.60 29.20
C SER C 178 -14.94 5.33 30.21
N THR C 179 -14.40 6.41 30.76
CA THR C 179 -15.15 7.17 31.77
C THR C 179 -16.41 7.77 31.19
N ILE C 180 -16.33 8.32 29.97
CA ILE C 180 -17.49 8.94 29.35
C ILE C 180 -18.56 7.89 29.04
N VAL C 181 -18.15 6.75 28.48
CA VAL C 181 -19.11 5.73 28.10
C VAL C 181 -19.73 5.08 29.33
N LEU C 182 -18.91 4.76 30.33
CA LEU C 182 -19.42 4.10 31.53
C LEU C 182 -20.36 5.00 32.32
N ASN C 183 -20.09 6.31 32.35
CA ASN C 183 -21.00 7.23 33.02
C ASN C 183 -22.34 7.30 32.31
N GLU C 184 -22.33 7.24 30.97
CA GLU C 184 -23.59 7.26 30.22
C GLU C 184 -24.44 6.02 30.51
N LEU C 185 -23.79 4.88 30.73
CA LEU C 185 -24.53 3.61 30.82
C LEU C 185 -25.47 3.58 32.03
N ASN C 186 -25.03 4.01 33.22
CA ASN C 186 -25.95 3.92 34.35
C ASN C 186 -27.10 4.92 34.23
N TRP C 187 -26.81 6.20 33.94
CA TRP C 187 -27.92 7.14 33.86
C TRP C 187 -28.85 6.83 32.71
N THR C 188 -28.37 6.13 31.68
CA THR C 188 -29.28 5.64 30.64
C THR C 188 -29.97 4.34 31.03
N SER C 189 -29.48 3.63 32.05
CA SER C 189 -30.12 2.41 32.49
C SER C 189 -31.48 2.64 33.12
N ALA C 190 -31.82 3.89 33.45
CA ALA C 190 -33.15 4.20 33.97
C ALA C 190 -34.20 4.31 32.87
N LEU C 191 -33.80 4.31 31.61
CA LEU C 191 -34.74 4.40 30.50
C LEU C 191 -35.47 3.09 30.27
N ASP C 192 -34.99 1.98 30.84
CA ASP C 192 -35.62 0.68 30.58
C ASP C 192 -37.03 0.63 31.15
N ASP C 193 -37.27 1.25 32.30
CA ASP C 193 -38.59 1.25 32.89
C ASP C 193 -39.60 1.96 31.98
N VAL C 194 -39.21 3.12 31.44
CA VAL C 194 -40.12 3.83 30.54
C VAL C 194 -40.26 3.10 29.22
N PHE C 195 -39.20 2.45 28.74
CA PHE C 195 -39.32 1.60 27.56
C PHE C 195 -40.38 0.53 27.77
N LYS C 196 -40.32 -0.16 28.91
CA LYS C 196 -41.30 -1.20 29.21
C LYS C 196 -42.70 -0.63 29.36
N LYS C 197 -42.82 0.53 29.99
CA LYS C 197 -44.13 1.15 30.16
C LYS C 197 -44.74 1.52 28.80
N ASN C 198 -43.94 2.11 27.91
CA ASN C 198 -44.42 2.45 26.58
C ASN C 198 -44.81 1.19 25.81
N ARG C 199 -44.03 0.12 25.94
CA ARG C 199 -44.37 -1.13 25.26
C ARG C 199 -45.69 -1.68 25.77
N GLU C 200 -45.87 -1.71 27.09
CA GLU C 200 -47.07 -2.32 27.65
C GLU C 200 -48.31 -1.45 27.42
N GLU C 201 -48.14 -0.13 27.26
CA GLU C 201 -49.28 0.72 26.96
C GLU C 201 -49.75 0.52 25.52
N ASP C 202 -48.81 0.45 24.58
CA ASP C 202 -49.12 0.19 23.17
C ASP C 202 -48.35 -1.04 22.71
N PRO C 203 -48.96 -2.23 22.71
CA PRO C 203 -48.22 -3.44 22.35
C PRO C 203 -47.73 -3.46 20.91
N SER C 204 -48.30 -2.65 20.02
CA SER C 204 -47.95 -2.64 18.61
C SER C 204 -46.89 -1.60 18.29
N LEU C 205 -45.99 -1.33 19.23
CA LEU C 205 -45.01 -0.25 19.11
C LEU C 205 -43.64 -0.85 18.81
N LEU C 206 -42.95 -0.26 17.84
CA LEU C 206 -41.68 -0.80 17.34
C LEU C 206 -40.52 -0.19 18.14
N TRP C 207 -39.30 -0.30 17.59
CA TRP C 207 -38.08 0.16 18.26
C TRP C 207 -38.24 1.50 18.95
N GLN C 208 -37.76 1.59 20.19
CA GLN C 208 -37.58 2.85 20.88
C GLN C 208 -36.09 3.01 21.16
N VAL C 209 -35.50 4.10 20.68
CA VAL C 209 -34.05 4.26 20.73
C VAL C 209 -33.71 5.60 21.35
N PHE C 210 -32.67 5.62 22.17
CA PHE C 210 -32.01 6.85 22.59
C PHE C 210 -30.62 6.84 21.99
N GLY C 211 -30.35 7.78 21.09
CA GLY C 211 -29.04 7.96 20.52
C GLY C 211 -28.30 9.04 21.26
N SER C 212 -27.21 8.65 21.92
CA SER C 212 -26.47 9.57 22.77
C SER C 212 -25.48 10.38 21.95
N ALA C 213 -25.17 11.57 22.45
CA ALA C 213 -24.14 12.40 21.84
C ALA C 213 -22.74 11.84 22.02
N THR C 214 -22.58 10.82 22.86
CA THR C 214 -21.30 10.13 23.04
C THR C 214 -21.13 8.96 22.10
N GLY C 215 -22.11 8.69 21.23
CA GLY C 215 -22.04 7.60 20.28
C GLY C 215 -22.87 6.39 20.66
N LEU C 216 -23.31 6.28 21.90
CA LEU C 216 -24.10 5.14 22.34
C LEU C 216 -25.49 5.17 21.72
N ALA C 217 -26.08 3.98 21.60
CA ALA C 217 -27.47 3.86 21.15
C ALA C 217 -28.15 2.79 22.00
N ARG C 218 -29.05 3.20 22.89
CA ARG C 218 -29.78 2.27 23.74
C ARG C 218 -31.18 2.09 23.18
N TYR C 219 -31.48 0.88 22.71
CA TYR C 219 -32.76 0.63 22.06
C TYR C 219 -33.47 -0.55 22.72
N TYR C 220 -34.80 -0.51 22.64
CA TYR C 220 -35.71 -1.47 23.19
C TYR C 220 -36.72 -1.90 22.12
N PRO C 221 -37.06 -3.19 22.03
CA PRO C 221 -36.59 -4.30 22.86
C PRO C 221 -35.16 -4.74 22.51
N ALA C 222 -34.50 -5.46 23.41
CA ALA C 222 -33.14 -5.89 23.18
C ALA C 222 -33.09 -6.91 22.05
N SER C 223 -32.06 -6.80 21.20
CA SER C 223 -31.88 -7.71 20.08
C SER C 223 -30.43 -7.62 19.64
N PRO C 224 -29.84 -8.74 19.20
CA PRO C 224 -28.46 -8.68 18.70
C PRO C 224 -28.36 -7.81 17.46
N TRP C 225 -27.20 -7.17 17.31
CA TRP C 225 -26.98 -6.28 16.18
C TRP C 225 -26.93 -7.08 14.87
N VAL C 226 -27.32 -6.42 13.78
CA VAL C 226 -27.36 -7.09 12.48
C VAL C 226 -25.96 -7.47 12.03
N ASP C 227 -24.97 -6.60 12.26
CA ASP C 227 -23.60 -6.83 11.84
C ASP C 227 -22.69 -6.66 13.05
N ASN C 228 -22.34 -7.78 13.69
CA ASN C 228 -21.40 -7.74 14.80
C ASN C 228 -20.01 -7.36 14.33
N SER C 229 -19.18 -6.95 15.29
CA SER C 229 -17.94 -6.23 15.00
C SER C 229 -16.96 -7.04 14.15
N ARG C 230 -16.36 -8.09 14.74
CA ARG C 230 -15.38 -8.87 13.98
C ARG C 230 -15.47 -10.37 14.23
N THR C 231 -16.58 -10.87 14.77
CA THR C 231 -16.72 -12.32 14.86
C THR C 231 -16.69 -12.99 13.49
N PRO C 232 -17.45 -12.52 12.48
CA PRO C 232 -17.18 -12.96 11.11
C PRO C 232 -16.19 -12.02 10.42
N ASN C 233 -15.93 -12.25 9.14
CA ASN C 233 -15.03 -11.37 8.40
C ASN C 233 -15.61 -9.97 8.20
N LYS C 234 -16.92 -9.81 8.31
CA LYS C 234 -17.57 -8.53 8.03
C LYS C 234 -17.63 -7.65 9.27
N ILE C 235 -17.54 -6.34 9.04
CA ILE C 235 -17.55 -5.35 10.10
C ILE C 235 -18.62 -4.31 9.79
N ASP C 236 -19.05 -3.59 10.84
CA ASP C 236 -20.11 -2.61 10.71
C ASP C 236 -19.58 -1.21 10.99
N LEU C 237 -20.12 -0.23 10.26
CA LEU C 237 -19.81 1.18 10.44
C LEU C 237 -21.15 1.87 10.72
N TYR C 238 -21.56 1.87 11.99
CA TYR C 238 -22.82 2.47 12.40
C TYR C 238 -22.56 3.41 13.56
N ASP C 239 -22.64 4.71 13.28
CA ASP C 239 -22.58 5.74 14.30
C ASP C 239 -23.95 6.42 14.35
N VAL C 240 -24.55 6.45 15.54
CA VAL C 240 -25.90 6.99 15.67
C VAL C 240 -25.93 8.48 15.35
N ARG C 241 -24.80 9.18 15.48
CA ARG C 241 -24.79 10.62 15.23
C ARG C 241 -24.94 10.96 13.75
N ARG C 242 -24.73 10.00 12.86
CA ARG C 242 -24.86 10.23 11.43
C ARG C 242 -26.18 9.75 10.85
N ARG C 243 -27.07 9.22 11.69
CA ARG C 243 -28.36 8.76 11.19
C ARG C 243 -29.25 9.96 10.86
N PRO C 244 -30.08 9.84 9.83
CA PRO C 244 -30.94 10.98 9.45
C PRO C 244 -31.86 11.45 10.54
N TRP C 245 -32.43 10.54 11.34
CA TRP C 245 -33.31 10.96 12.42
C TRP C 245 -32.56 11.74 13.48
N TYR C 246 -31.38 11.27 13.87
CA TYR C 246 -30.57 12.00 14.83
C TYR C 246 -30.17 13.37 14.30
N ILE C 247 -29.76 13.44 13.04
CA ILE C 247 -29.33 14.70 12.47
C ILE C 247 -30.49 15.70 12.40
N GLN C 248 -31.67 15.22 12.02
CA GLN C 248 -32.81 16.14 11.95
C GLN C 248 -33.28 16.55 13.33
N GLY C 249 -33.10 15.70 14.34
CA GLY C 249 -33.46 16.09 15.69
C GLY C 249 -32.41 16.87 16.45
N ALA C 250 -31.20 16.95 15.91
CA ALA C 250 -30.10 17.61 16.59
C ALA C 250 -29.92 19.06 16.18
N ALA C 251 -30.55 19.52 15.11
CA ALA C 251 -30.38 20.89 14.65
C ALA C 251 -31.49 21.22 13.66
N SER C 252 -31.56 22.50 13.31
CA SER C 252 -32.50 23.02 12.32
C SER C 252 -31.88 22.93 10.93
N PRO C 253 -32.69 23.06 9.87
CA PRO C 253 -32.14 23.03 8.51
C PRO C 253 -31.07 24.09 8.30
N LYS C 254 -30.29 23.90 7.24
CA LYS C 254 -29.10 24.69 6.99
C LYS C 254 -29.06 25.21 5.56
N ASP C 255 -28.36 26.32 5.38
CA ASP C 255 -27.97 26.83 4.08
C ASP C 255 -26.45 26.76 4.04
N MET C 256 -25.92 25.58 3.69
CA MET C 256 -24.49 25.31 3.80
C MET C 256 -23.77 25.71 2.53
N LEU C 257 -22.56 26.21 2.70
CA LEU C 257 -21.64 26.44 1.58
C LEU C 257 -20.30 25.85 1.94
N ILE C 258 -19.85 24.88 1.17
CA ILE C 258 -18.56 24.24 1.39
C ILE C 258 -17.53 24.96 0.55
N LEU C 259 -16.58 25.63 1.20
CA LEU C 259 -15.51 26.34 0.55
C LEU C 259 -14.25 25.48 0.58
N VAL C 260 -13.69 25.19 -0.58
CA VAL C 260 -12.59 24.24 -0.72
C VAL C 260 -11.37 24.99 -1.23
N ASP C 261 -10.24 24.80 -0.56
CA ASP C 261 -8.98 25.39 -0.97
C ASP C 261 -8.29 24.46 -1.96
N VAL C 262 -8.05 24.94 -3.17
CA VAL C 262 -7.39 24.13 -4.19
C VAL C 262 -6.12 24.83 -4.65
N SER C 263 -5.52 25.62 -3.76
CA SER C 263 -4.25 26.25 -4.07
C SER C 263 -3.15 25.20 -4.13
N GLY C 264 -1.94 25.65 -4.47
CA GLY C 264 -0.85 24.70 -4.69
C GLY C 264 -0.46 23.94 -3.45
N SER C 265 -0.55 24.56 -2.28
CA SER C 265 -0.05 23.95 -1.05
C SER C 265 -0.88 22.75 -0.61
N VAL C 266 -2.11 22.62 -1.08
CA VAL C 266 -2.99 21.53 -0.65
C VAL C 266 -2.76 20.31 -1.53
N SER C 267 -1.75 20.36 -2.40
CA SER C 267 -1.43 19.21 -3.23
C SER C 267 -0.85 18.09 -2.39
N GLY C 268 -1.29 16.86 -2.66
CA GLY C 268 -0.75 15.68 -2.00
C GLY C 268 -1.80 14.98 -1.16
N LEU C 269 -1.40 14.55 0.03
CA LEU C 269 -2.29 13.80 0.91
C LEU C 269 -3.48 14.64 1.35
N THR C 270 -3.24 15.91 1.67
CA THR C 270 -4.32 16.76 2.17
C THR C 270 -5.41 16.97 1.13
N LEU C 271 -5.09 16.86 -0.17
CA LEU C 271 -6.13 17.02 -1.18
C LEU C 271 -7.08 15.83 -1.20
N LYS C 272 -6.54 14.61 -1.16
CA LYS C 272 -7.41 13.43 -1.10
C LYS C 272 -8.19 13.40 0.21
N LEU C 273 -7.55 13.83 1.30
CA LEU C 273 -8.25 13.92 2.57
C LEU C 273 -9.39 14.93 2.51
N ILE C 274 -9.17 16.06 1.85
CA ILE C 274 -10.21 17.07 1.69
C ILE C 274 -11.36 16.52 0.85
N ARG C 275 -11.04 15.80 -0.23
CA ARG C 275 -12.09 15.22 -1.06
C ARG C 275 -12.95 14.24 -0.26
N THR C 276 -12.31 13.34 0.49
CA THR C 276 -13.07 12.39 1.30
C THR C 276 -13.87 13.11 2.38
N SER C 277 -13.29 14.14 3.00
CA SER C 277 -13.98 14.89 4.04
C SER C 277 -15.20 15.62 3.49
N VAL C 278 -15.09 16.19 2.30
CA VAL C 278 -16.22 16.89 1.70
C VAL C 278 -17.32 15.91 1.33
N SER C 279 -16.96 14.73 0.82
CA SER C 279 -17.97 13.72 0.55
C SER C 279 -18.68 13.28 1.83
N GLU C 280 -17.93 13.06 2.91
CA GLU C 280 -18.53 12.67 4.17
C GLU C 280 -19.41 13.77 4.74
N MET C 281 -19.01 15.03 4.58
CA MET C 281 -19.81 16.14 5.06
C MET C 281 -21.10 16.28 4.25
N LEU C 282 -21.03 16.05 2.94
CA LEU C 282 -22.24 16.02 2.14
C LEU C 282 -23.16 14.87 2.56
N GLU C 283 -22.57 13.78 3.06
CA GLU C 283 -23.39 12.67 3.54
C GLU C 283 -24.21 13.01 4.77
N THR C 284 -23.94 14.12 5.44
CA THR C 284 -24.67 14.52 6.64
C THR C 284 -25.87 15.41 6.34
N LEU C 285 -26.11 15.75 5.08
CA LEU C 285 -27.17 16.67 4.71
C LEU C 285 -28.41 15.92 4.24
N SER C 286 -29.57 16.53 4.45
CA SER C 286 -30.86 15.96 4.12
C SER C 286 -31.56 16.83 3.10
N ASP C 287 -32.84 16.50 2.82
CA ASP C 287 -33.59 17.20 1.80
C ASP C 287 -34.06 18.59 2.23
N ASP C 288 -33.98 18.91 3.53
CA ASP C 288 -34.37 20.22 4.01
C ASP C 288 -33.19 21.19 4.10
N ASP C 289 -31.98 20.74 3.79
CA ASP C 289 -30.80 21.58 3.77
C ASP C 289 -30.46 21.95 2.33
N PHE C 290 -29.77 23.08 2.16
CA PHE C 290 -29.37 23.55 0.85
C PHE C 290 -27.87 23.80 0.86
N VAL C 291 -27.18 23.26 -0.14
CA VAL C 291 -25.72 23.25 -0.16
C VAL C 291 -25.23 23.63 -1.54
N ASN C 292 -24.00 24.16 -1.58
CA ASN C 292 -23.27 24.39 -2.82
C ASN C 292 -21.78 24.36 -2.47
N VAL C 293 -20.97 23.79 -3.36
CA VAL C 293 -19.55 23.64 -3.12
C VAL C 293 -18.80 24.61 -4.03
N ALA C 294 -18.06 25.53 -3.43
CA ALA C 294 -17.22 26.48 -4.14
C ALA C 294 -15.76 26.11 -3.98
N SER C 295 -14.91 26.76 -4.77
CA SER C 295 -13.49 26.43 -4.80
C SER C 295 -12.71 27.68 -5.17
N PHE C 296 -11.66 27.97 -4.40
CA PHE C 296 -10.89 29.20 -4.61
C PHE C 296 -9.40 28.90 -4.65
N ASN C 297 -8.72 29.45 -5.65
CA ASN C 297 -7.25 29.52 -5.69
C ASN C 297 -6.90 30.77 -6.50
N SER C 298 -6.70 31.89 -5.80
CA SER C 298 -6.47 33.19 -6.40
C SER C 298 -7.67 33.63 -7.25
N ASN C 299 -8.72 32.82 -7.26
CA ASN C 299 -9.95 33.05 -8.01
C ASN C 299 -10.97 32.05 -7.52
N ALA C 300 -12.21 32.51 -7.32
CA ALA C 300 -13.26 31.70 -6.76
C ALA C 300 -14.27 31.31 -7.83
N GLN C 301 -14.68 30.04 -7.82
CA GLN C 301 -15.58 29.50 -8.82
C GLN C 301 -16.40 28.38 -8.21
N ASP C 302 -17.30 27.83 -9.00
CA ASP C 302 -18.12 26.70 -8.59
C ASP C 302 -17.52 25.40 -9.10
N VAL C 303 -17.70 24.33 -8.32
CA VAL C 303 -17.12 23.04 -8.68
C VAL C 303 -17.98 22.29 -9.70
N SER C 304 -19.25 22.67 -9.86
CA SER C 304 -20.17 21.93 -10.71
C SER C 304 -20.99 22.94 -11.52
N CYS C 305 -22.09 22.45 -12.11
CA CYS C 305 -22.94 23.26 -12.98
C CYS C 305 -24.14 23.83 -12.24
N PHE C 306 -23.99 24.15 -10.95
CA PHE C 306 -25.10 24.58 -10.11
C PHE C 306 -25.20 26.09 -9.97
N GLN C 307 -24.10 26.76 -9.60
CA GLN C 307 -23.97 28.21 -9.48
C GLN C 307 -24.82 28.82 -8.38
N HIS C 308 -25.55 28.02 -7.59
CA HIS C 308 -26.28 28.52 -6.44
C HIS C 308 -26.65 27.34 -5.55
N LEU C 309 -27.28 27.63 -4.42
CA LEU C 309 -27.67 26.59 -3.49
C LEU C 309 -28.72 25.68 -4.11
N VAL C 310 -28.60 24.37 -3.83
CA VAL C 310 -29.50 23.36 -4.38
C VAL C 310 -30.03 22.51 -3.23
N GLN C 311 -31.12 21.80 -3.51
CA GLN C 311 -31.90 21.13 -2.48
C GLN C 311 -31.10 20.06 -1.74
N ALA C 312 -29.99 19.59 -2.30
CA ALA C 312 -29.14 18.59 -1.66
C ALA C 312 -29.90 17.29 -1.40
N ASN C 313 -30.56 16.79 -2.44
CA ASN C 313 -31.13 15.47 -2.43
C ASN C 313 -30.09 14.48 -2.95
N VAL C 314 -30.51 13.25 -3.25
CA VAL C 314 -29.56 12.22 -3.64
C VAL C 314 -28.87 12.60 -4.96
N ARG C 315 -29.61 13.13 -5.91
CA ARG C 315 -29.05 13.44 -7.23
C ARG C 315 -28.09 14.62 -7.15
N ASN C 316 -28.50 15.70 -6.46
CA ASN C 316 -27.63 16.87 -6.34
C ASN C 316 -26.38 16.55 -5.55
N LYS C 317 -26.52 15.77 -4.47
CA LYS C 317 -25.35 15.37 -3.70
C LYS C 317 -24.43 14.48 -4.51
N LYS C 318 -25.00 13.61 -5.35
CA LYS C 318 -24.18 12.79 -6.24
C LYS C 318 -23.40 13.66 -7.22
N VAL C 319 -24.05 14.68 -7.78
CA VAL C 319 -23.36 15.59 -8.70
C VAL C 319 -22.24 16.32 -7.99
N LEU C 320 -22.51 16.82 -6.78
CA LEU C 320 -21.49 17.54 -6.03
C LEU C 320 -20.32 16.64 -5.67
N LYS C 321 -20.60 15.39 -5.30
CA LYS C 321 -19.53 14.45 -4.99
C LYS C 321 -18.69 14.15 -6.22
N ASP C 322 -19.33 13.95 -7.37
CA ASP C 322 -18.58 13.70 -8.60
C ASP C 322 -17.73 14.89 -8.98
N ALA C 323 -18.23 16.10 -8.76
CA ALA C 323 -17.45 17.29 -9.07
C ALA C 323 -16.29 17.48 -8.09
N VAL C 324 -16.52 17.16 -6.82
CA VAL C 324 -15.47 17.30 -5.81
C VAL C 324 -14.35 16.29 -6.05
N ASN C 325 -14.70 15.08 -6.47
CA ASN C 325 -13.68 14.07 -6.72
C ASN C 325 -12.88 14.33 -7.99
N ASN C 326 -12.99 15.52 -8.58
CA ASN C 326 -12.42 15.81 -9.89
C ASN C 326 -11.54 17.05 -9.87
N ILE C 327 -11.21 17.57 -8.69
CA ILE C 327 -10.50 18.83 -8.56
C ILE C 327 -9.00 18.55 -8.41
N THR C 328 -8.20 19.56 -8.77
CA THR C 328 -6.75 19.50 -8.65
C THR C 328 -6.25 20.74 -7.94
N ALA C 329 -5.01 20.66 -7.45
CA ALA C 329 -4.40 21.72 -6.67
C ALA C 329 -3.42 22.49 -7.54
N LYS C 330 -3.61 23.81 -7.63
CA LYS C 330 -2.77 24.67 -8.46
C LYS C 330 -3.11 26.12 -8.13
N GLY C 331 -2.07 26.95 -8.02
CA GLY C 331 -2.25 28.38 -7.84
C GLY C 331 -1.82 28.86 -6.48
N ILE C 332 -2.27 30.08 -6.16
CA ILE C 332 -1.91 30.77 -4.93
C ILE C 332 -3.19 31.03 -4.13
N THR C 333 -3.11 30.83 -2.82
CA THR C 333 -4.28 30.99 -1.96
C THR C 333 -4.73 32.44 -1.92
N ASP C 334 -6.04 32.65 -1.87
CA ASP C 334 -6.62 33.99 -1.71
C ASP C 334 -7.92 33.82 -0.95
N TYR C 335 -7.88 34.05 0.36
CA TYR C 335 -9.08 33.85 1.19
C TYR C 335 -10.11 34.93 0.96
N LYS C 336 -9.68 36.15 0.60
CA LYS C 336 -10.62 37.25 0.43
C LYS C 336 -11.61 36.96 -0.69
N LYS C 337 -11.12 36.55 -1.85
CA LYS C 337 -12.00 36.28 -2.99
C LYS C 337 -12.92 35.10 -2.70
N GLY C 338 -12.39 34.04 -2.09
CA GLY C 338 -13.22 32.89 -1.78
C GLY C 338 -14.33 33.21 -0.79
N PHE C 339 -14.01 33.97 0.26
CA PHE C 339 -15.03 34.33 1.24
C PHE C 339 -16.03 35.31 0.65
N SER C 340 -15.59 36.22 -0.22
CA SER C 340 -16.52 37.10 -0.91
C SER C 340 -17.49 36.29 -1.77
N PHE C 341 -16.96 35.30 -2.50
CA PHE C 341 -17.82 34.43 -3.31
C PHE C 341 -18.82 33.70 -2.44
N ALA C 342 -18.37 33.15 -1.30
CA ALA C 342 -19.27 32.43 -0.41
C ALA C 342 -20.38 33.33 0.12
N PHE C 343 -20.03 34.56 0.51
CA PHE C 343 -21.03 35.45 1.07
C PHE C 343 -22.03 35.91 0.02
N GLU C 344 -21.57 36.18 -1.21
CA GLU C 344 -22.51 36.53 -2.28
C GLU C 344 -23.43 35.35 -2.59
N GLN C 345 -22.90 34.12 -2.57
CA GLN C 345 -23.76 32.96 -2.77
C GLN C 345 -24.80 32.84 -1.65
N LEU C 346 -24.40 33.12 -0.41
CA LEU C 346 -25.34 33.06 0.69
C LEU C 346 -26.31 34.24 0.72
N LEU C 347 -26.05 35.29 -0.06
CA LEU C 347 -26.93 36.46 -0.13
C LEU C 347 -27.77 36.49 -1.41
N ASN C 348 -28.16 35.32 -1.93
CA ASN C 348 -28.84 35.28 -3.22
C ASN C 348 -30.32 35.60 -3.09
N TYR C 349 -31.07 34.75 -2.38
CA TYR C 349 -32.50 34.92 -2.14
C TYR C 349 -33.32 34.92 -3.42
N ASN C 350 -32.67 34.70 -4.57
CA ASN C 350 -33.39 34.55 -5.83
C ASN C 350 -33.92 33.14 -6.03
N VAL C 351 -33.44 32.18 -5.25
CA VAL C 351 -33.76 30.77 -5.44
C VAL C 351 -34.33 30.21 -4.14
N SER C 352 -34.87 29.00 -4.23
CA SER C 352 -35.38 28.33 -3.05
C SER C 352 -34.24 27.99 -2.09
N ARG C 353 -34.46 28.26 -0.81
CA ARG C 353 -33.45 28.06 0.22
C ARG C 353 -34.14 27.56 1.48
N ALA C 354 -33.38 27.50 2.57
CA ALA C 354 -33.93 27.20 3.89
C ALA C 354 -34.06 28.43 4.77
N ASN C 355 -33.19 29.42 4.57
CA ASN C 355 -33.22 30.69 5.31
C ASN C 355 -33.09 30.47 6.82
N CYS C 356 -32.40 29.41 7.23
CA CYS C 356 -32.28 29.09 8.65
C CYS C 356 -30.84 29.18 9.16
N ASN C 357 -29.92 28.41 8.59
CA ASN C 357 -28.55 28.32 9.12
C ASN C 357 -27.59 28.63 7.99
N LYS C 358 -27.14 29.88 7.91
CA LYS C 358 -26.15 30.29 6.92
C LYS C 358 -24.77 30.02 7.52
N ILE C 359 -24.11 28.99 7.01
CA ILE C 359 -22.81 28.55 7.52
C ILE C 359 -21.86 28.36 6.35
N ILE C 360 -20.61 28.76 6.53
CA ILE C 360 -19.55 28.55 5.57
C ILE C 360 -18.59 27.54 6.18
N MET C 361 -18.35 26.46 5.44
CA MET C 361 -17.63 25.30 5.97
C MET C 361 -16.32 25.22 5.16
N LEU C 362 -15.27 25.86 5.68
CA LEU C 362 -14.05 26.08 4.91
C LEU C 362 -13.03 24.98 5.20
N PHE C 363 -12.66 24.24 4.16
CA PHE C 363 -11.63 23.21 4.25
C PHE C 363 -10.33 23.76 3.69
N THR C 364 -9.26 23.65 4.47
CA THR C 364 -7.96 24.15 4.04
C THR C 364 -6.87 23.44 4.85
N ASP C 365 -5.64 23.93 4.74
CA ASP C 365 -4.53 23.44 5.53
C ASP C 365 -3.99 24.49 6.49
N GLY C 366 -3.64 25.67 6.00
CA GLY C 366 -3.12 26.72 6.84
C GLY C 366 -2.73 27.91 5.99
N GLY C 367 -2.66 29.06 6.65
CA GLY C 367 -2.33 30.28 5.94
C GLY C 367 -1.86 31.36 6.88
N GLU C 368 -1.75 32.57 6.32
CA GLU C 368 -1.31 33.73 7.08
C GLU C 368 -2.27 34.90 7.02
N GLU C 369 -3.33 34.83 6.21
CA GLU C 369 -4.29 35.90 6.06
C GLU C 369 -5.59 35.52 6.72
N ARG C 370 -6.14 36.41 7.55
CA ARG C 370 -7.39 36.16 8.24
C ARG C 370 -8.57 36.91 7.61
N ALA C 371 -8.31 37.90 6.75
CA ALA C 371 -9.34 38.61 6.00
C ALA C 371 -10.36 39.25 6.94
N GLN C 372 -9.88 40.09 7.84
CA GLN C 372 -10.76 40.77 8.78
C GLN C 372 -11.71 41.72 8.07
N GLU C 373 -11.22 42.41 7.03
CA GLU C 373 -12.06 43.38 6.33
C GLU C 373 -13.21 42.71 5.61
N ILE C 374 -12.99 41.51 5.07
CA ILE C 374 -14.07 40.80 4.39
C ILE C 374 -15.17 40.44 5.38
N PHE C 375 -14.79 39.95 6.57
CA PHE C 375 -15.79 39.62 7.57
C PHE C 375 -16.50 40.86 8.08
N ALA C 376 -15.78 41.98 8.20
CA ALA C 376 -16.41 43.23 8.63
C ALA C 376 -17.41 43.71 7.58
N LYS C 377 -17.08 43.55 6.31
CA LYS C 377 -17.96 44.01 5.23
C LYS C 377 -19.19 43.11 5.09
N TYR C 378 -19.00 41.79 5.20
CA TYR C 378 -20.06 40.85 4.88
C TYR C 378 -20.73 40.23 6.10
N ASN C 379 -20.03 40.10 7.22
CA ASN C 379 -20.55 39.40 8.39
C ASN C 379 -20.41 40.28 9.64
N LYS C 380 -20.79 41.55 9.52
CA LYS C 380 -20.74 42.44 10.67
C LYS C 380 -21.73 42.01 11.74
N ASP C 381 -22.94 41.60 11.34
CA ASP C 381 -23.97 41.19 12.28
C ASP C 381 -23.79 39.77 12.78
N LYS C 382 -22.80 39.05 12.27
CA LYS C 382 -22.53 37.66 12.67
C LYS C 382 -23.75 36.77 12.45
N LYS C 383 -24.44 36.98 11.33
CA LYS C 383 -25.55 36.11 10.95
C LYS C 383 -25.10 34.82 10.28
N VAL C 384 -23.83 34.73 9.89
CA VAL C 384 -23.29 33.57 9.19
C VAL C 384 -22.20 32.97 10.06
N ARG C 385 -22.31 31.67 10.34
CA ARG C 385 -21.28 30.96 11.09
C ARG C 385 -20.17 30.49 10.16
N VAL C 386 -19.00 30.26 10.74
CA VAL C 386 -17.85 29.76 9.99
C VAL C 386 -17.27 28.57 10.75
N PHE C 387 -17.17 27.43 10.07
CA PHE C 387 -16.50 26.24 10.59
C PHE C 387 -15.28 25.96 9.72
N THR C 388 -14.11 26.02 10.32
CA THR C 388 -12.85 25.83 9.60
C THR C 388 -12.26 24.47 9.91
N PHE C 389 -11.68 23.86 8.89
CA PHE C 389 -11.04 22.55 9.00
C PHE C 389 -9.61 22.66 8.49
N SER C 390 -8.66 22.24 9.33
CA SER C 390 -7.27 22.10 8.92
C SER C 390 -7.02 20.62 8.66
N VAL C 391 -6.69 20.28 7.42
CA VAL C 391 -6.68 18.90 6.95
C VAL C 391 -5.25 18.50 6.63
N GLY C 392 -4.86 17.31 7.08
CA GLY C 392 -3.57 16.74 6.75
C GLY C 392 -2.49 17.08 7.74
N GLN C 393 -1.28 16.63 7.42
CA GLN C 393 -0.08 16.92 8.20
C GLN C 393 0.73 17.97 7.44
N HIS C 394 0.93 19.14 8.06
CA HIS C 394 1.61 20.23 7.41
C HIS C 394 2.19 21.15 8.46
N ASN C 395 3.10 22.02 8.02
CA ASN C 395 3.77 22.97 8.90
C ASN C 395 3.18 24.37 8.83
N TYR C 396 2.10 24.56 8.06
CA TYR C 396 1.54 25.89 7.89
C TYR C 396 0.85 26.37 9.17
N ASP C 397 0.78 27.68 9.31
CA ASP C 397 0.18 28.28 10.51
C ASP C 397 -1.31 28.00 10.58
N ARG C 398 -1.77 27.65 11.78
CA ARG C 398 -3.18 27.34 12.00
C ARG C 398 -3.91 28.42 12.78
N GLY C 399 -3.22 29.47 13.21
CA GLY C 399 -3.84 30.53 13.96
C GLY C 399 -4.92 31.31 13.24
N PRO C 400 -4.65 31.75 12.00
CA PRO C 400 -5.66 32.53 11.27
C PRO C 400 -6.98 31.79 11.08
N ILE C 401 -6.94 30.49 10.82
CA ILE C 401 -8.20 29.78 10.60
C ILE C 401 -8.93 29.55 11.92
N GLN C 402 -8.21 29.39 13.03
CA GLN C 402 -8.86 29.34 14.33
C GLN C 402 -9.53 30.67 14.65
N TRP C 403 -8.88 31.78 14.30
CA TRP C 403 -9.48 33.09 14.48
C TRP C 403 -10.74 33.23 13.63
N MET C 404 -10.67 32.80 12.36
CA MET C 404 -11.86 32.80 11.51
C MET C 404 -12.97 31.98 12.16
N ALA C 405 -12.63 30.82 12.72
CA ALA C 405 -13.59 29.93 13.33
C ALA C 405 -14.31 30.58 14.49
N CYS C 406 -13.58 30.90 15.56
CA CYS C 406 -14.23 31.45 16.75
C CYS C 406 -14.13 32.97 16.81
N GLU C 407 -14.21 33.62 15.65
CA GLU C 407 -14.63 35.00 15.55
C GLU C 407 -16.03 35.15 14.96
N ASN C 408 -16.35 34.37 13.93
CA ASN C 408 -17.68 34.35 13.33
C ASN C 408 -18.55 33.23 13.90
N LYS C 409 -18.60 33.12 15.23
CA LYS C 409 -19.48 32.19 15.94
C LYS C 409 -19.41 30.77 15.37
N GLY C 410 -18.26 30.39 14.84
CA GLY C 410 -18.06 29.08 14.23
C GLY C 410 -17.29 28.13 15.12
N TYR C 411 -16.54 27.24 14.50
CA TYR C 411 -15.76 26.25 15.23
C TYR C 411 -14.58 25.82 14.38
N TYR C 412 -13.59 25.20 15.04
CA TYR C 412 -12.34 24.81 14.40
C TYR C 412 -12.11 23.32 14.60
N TYR C 413 -11.74 22.63 13.52
CA TYR C 413 -11.53 21.20 13.54
C TYR C 413 -10.23 20.84 12.83
N GLU C 414 -9.65 19.72 13.22
CA GLU C 414 -8.43 19.20 12.62
C GLU C 414 -8.67 17.78 12.14
N ILE C 415 -8.36 17.53 10.87
CA ILE C 415 -8.51 16.20 10.28
C ILE C 415 -7.15 15.74 9.78
N PRO C 416 -6.39 15.00 10.58
CA PRO C 416 -5.04 14.61 10.16
C PRO C 416 -4.98 13.34 9.32
N SER C 417 -6.03 12.52 9.37
CA SER C 417 -6.00 11.23 8.69
C SER C 417 -7.43 10.84 8.30
N ILE C 418 -7.54 9.71 7.61
CA ILE C 418 -8.86 9.22 7.19
C ILE C 418 -9.71 8.85 8.38
N GLY C 419 -9.14 8.18 9.37
CA GLY C 419 -9.90 7.71 10.52
C GLY C 419 -10.47 8.83 11.36
N ALA C 420 -9.98 10.05 11.19
CA ALA C 420 -10.48 11.22 11.90
C ALA C 420 -11.52 11.99 11.10
N ILE C 421 -11.88 11.52 9.90
CA ILE C 421 -12.82 12.26 9.07
C ILE C 421 -14.22 12.17 9.63
N ARG C 422 -14.72 10.94 9.80
CA ARG C 422 -16.13 10.74 10.15
C ARG C 422 -16.50 11.47 11.44
N ILE C 423 -15.64 11.39 12.45
CA ILE C 423 -15.96 12.04 13.72
C ILE C 423 -15.93 13.55 13.58
N ASN C 424 -15.06 14.09 12.74
CA ASN C 424 -14.88 15.54 12.71
C ASN C 424 -15.82 16.24 11.73
N THR C 425 -16.46 15.50 10.83
CA THR C 425 -17.41 16.09 9.89
C THR C 425 -18.84 16.02 10.40
N GLN C 426 -19.05 15.61 11.65
CA GLN C 426 -20.38 15.52 12.23
C GLN C 426 -20.52 16.31 13.54
N GLU C 427 -19.46 16.94 14.03
CA GLU C 427 -19.54 17.67 15.28
C GLU C 427 -20.06 19.09 15.11
N TYR C 428 -20.16 19.60 13.88
CA TYR C 428 -20.70 20.94 13.70
C TYR C 428 -22.16 21.03 14.11
N LEU C 429 -22.87 19.90 14.17
CA LEU C 429 -24.25 19.90 14.62
C LEU C 429 -24.36 20.17 16.12
N ASP C 430 -23.28 19.99 16.88
CA ASP C 430 -23.28 20.38 18.28
C ASP C 430 -23.35 21.89 18.43
N VAL C 431 -22.61 22.62 17.59
CA VAL C 431 -22.64 24.08 17.63
C VAL C 431 -24.01 24.59 17.17
N LEU C 432 -24.55 23.99 16.11
CA LEU C 432 -25.82 24.45 15.55
C LEU C 432 -26.99 24.24 16.48
N GLY C 433 -26.85 23.36 17.47
CA GLY C 433 -27.92 23.08 18.41
C GLY C 433 -27.98 23.99 19.62
N ARG C 434 -27.04 24.93 19.75
CA ARG C 434 -27.07 25.85 20.90
C ARG C 434 -28.33 26.71 20.93
N PRO C 435 -28.73 27.39 19.85
CA PRO C 435 -30.00 28.14 19.90
C PRO C 435 -31.20 27.26 20.16
N MET C 436 -31.20 26.03 19.66
CA MET C 436 -32.31 25.12 19.92
C MET C 436 -32.39 24.79 21.41
N VAL C 437 -31.25 24.58 22.06
CA VAL C 437 -31.24 24.34 23.50
C VAL C 437 -31.71 25.57 24.25
N LEU C 438 -31.21 26.74 23.86
CA LEU C 438 -31.58 27.97 24.56
C LEU C 438 -33.04 28.35 24.37
N ALA C 439 -33.67 27.86 23.30
CA ALA C 439 -35.10 28.14 23.10
C ALA C 439 -35.95 27.51 24.18
N GLY C 440 -35.51 26.38 24.75
CA GLY C 440 -36.25 25.74 25.82
C GLY C 440 -37.32 24.78 25.35
N ASP C 441 -38.47 24.80 26.04
CA ASP C 441 -39.56 23.88 25.70
C ASP C 441 -40.20 24.18 24.36
N LYS C 442 -39.95 25.37 23.79
CA LYS C 442 -40.46 25.67 22.47
C LYS C 442 -39.80 24.84 21.38
N ALA C 443 -38.62 24.30 21.66
CA ALA C 443 -37.87 23.52 20.68
C ALA C 443 -38.13 22.02 20.77
N LYS C 444 -39.00 21.59 21.67
CA LYS C 444 -39.33 20.17 21.80
C LYS C 444 -40.59 19.86 20.99
N GLN C 445 -40.42 19.87 19.68
CA GLN C 445 -41.47 19.54 18.73
C GLN C 445 -41.11 18.25 18.01
N VAL C 446 -42.05 17.30 17.99
CA VAL C 446 -41.80 16.00 17.39
C VAL C 446 -41.72 16.16 15.88
N GLN C 447 -40.64 15.66 15.29
CA GLN C 447 -40.42 15.70 13.86
C GLN C 447 -40.36 14.27 13.32
N TRP C 448 -40.74 14.12 12.06
CA TRP C 448 -40.74 12.82 11.39
C TRP C 448 -39.83 12.87 10.18
N THR C 449 -39.06 11.80 9.98
CA THR C 449 -38.07 11.74 8.92
C THR C 449 -38.70 11.31 7.60
N ASN C 450 -37.87 11.23 6.57
CA ASN C 450 -38.28 10.63 5.31
C ASN C 450 -38.36 9.11 5.46
N VAL C 451 -38.73 8.44 4.38
CA VAL C 451 -38.78 6.99 4.37
C VAL C 451 -37.37 6.45 4.17
N TYR C 452 -36.96 5.53 5.04
CA TYR C 452 -35.64 4.93 4.93
C TYR C 452 -35.72 3.48 5.41
N LEU C 453 -34.71 2.70 5.04
CA LEU C 453 -34.65 1.30 5.42
C LEU C 453 -34.06 1.17 6.82
N ASP C 454 -34.73 0.40 7.67
CA ASP C 454 -34.28 0.23 9.04
C ASP C 454 -32.92 -0.47 9.08
N ALA C 455 -32.07 -0.05 10.01
CA ALA C 455 -30.77 -0.68 10.18
C ALA C 455 -30.88 -2.10 10.73
N LEU C 456 -31.98 -2.42 11.41
CA LEU C 456 -32.21 -3.76 11.94
C LEU C 456 -33.07 -4.61 11.02
N GLU C 457 -33.04 -4.33 9.72
CA GLU C 457 -33.69 -5.15 8.70
C GLU C 457 -35.19 -5.33 8.96
N LEU C 458 -35.86 -4.21 9.24
CA LEU C 458 -37.29 -4.22 9.49
C LEU C 458 -38.12 -3.73 8.31
N GLY C 459 -37.48 -3.13 7.30
CA GLY C 459 -38.19 -2.64 6.14
C GLY C 459 -38.17 -1.13 6.03
N LEU C 460 -39.21 -0.55 5.47
CA LEU C 460 -39.33 0.90 5.32
C LEU C 460 -40.01 1.47 6.55
N VAL C 461 -39.35 2.43 7.21
CA VAL C 461 -39.85 3.03 8.44
C VAL C 461 -39.66 4.54 8.39
N ILE C 462 -40.44 5.23 9.20
CA ILE C 462 -40.23 6.64 9.52
C ILE C 462 -40.05 6.75 11.03
N THR C 463 -39.15 7.62 11.45
CA THR C 463 -38.81 7.77 12.86
C THR C 463 -39.23 9.15 13.35
N GLY C 464 -39.93 9.19 14.49
CA GLY C 464 -40.23 10.44 15.15
C GLY C 464 -39.16 10.75 16.17
N THR C 465 -38.69 11.99 16.18
CA THR C 465 -37.55 12.39 16.98
C THR C 465 -37.93 13.45 17.99
N LEU C 466 -37.11 13.55 19.04
CA LEU C 466 -37.24 14.58 20.06
C LEU C 466 -35.89 14.79 20.74
N PRO C 467 -35.34 16.00 20.71
CA PRO C 467 -34.06 16.25 21.38
C PRO C 467 -34.21 16.19 22.89
N VAL C 468 -33.11 15.85 23.56
CA VAL C 468 -33.03 15.80 25.01
C VAL C 468 -32.00 16.81 25.46
N PHE C 469 -32.37 17.66 26.42
CA PHE C 469 -31.50 18.75 26.87
C PHE C 469 -30.81 18.38 28.17
N ASN C 470 -29.58 18.86 28.33
CA ASN C 470 -28.82 18.69 29.56
C ASN C 470 -29.22 19.80 30.52
N ILE C 471 -29.89 19.43 31.60
CA ILE C 471 -30.35 20.39 32.61
C ILE C 471 -29.70 20.01 33.94
N THR C 472 -28.53 20.58 34.20
CA THR C 472 -27.82 20.37 35.46
C THR C 472 -27.67 21.73 36.15
N GLY C 473 -28.15 21.81 37.38
CA GLY C 473 -28.23 23.10 38.05
C GLY C 473 -29.16 24.06 37.36
N GLN C 474 -30.23 23.55 36.74
CA GLN C 474 -31.18 24.41 36.05
C GLN C 474 -31.93 25.30 37.03
N PHE C 475 -32.33 24.74 38.18
CA PHE C 475 -33.07 25.50 39.18
C PHE C 475 -32.24 26.63 39.78
N GLU C 476 -30.92 26.53 39.74
CA GLU C 476 -30.04 27.53 40.33
C GLU C 476 -29.24 28.33 39.32
N ASN C 477 -29.15 27.87 38.06
CA ASN C 477 -28.37 28.52 37.02
C ASN C 477 -26.91 28.69 37.47
N LYS C 478 -26.27 27.55 37.74
CA LYS C 478 -24.92 27.53 38.31
C LYS C 478 -23.85 27.44 37.24
N THR C 479 -23.86 26.38 36.43
CA THR C 479 -22.76 26.14 35.50
C THR C 479 -23.02 26.78 34.14
N ASN C 480 -24.07 26.33 33.45
CA ASN C 480 -24.42 26.84 32.12
C ASN C 480 -23.22 26.82 31.17
N LEU C 481 -22.41 25.77 31.26
CA LEU C 481 -21.21 25.64 30.45
C LEU C 481 -21.30 24.50 29.45
N LYS C 482 -21.69 23.31 29.89
CA LYS C 482 -21.96 22.19 29.00
C LYS C 482 -23.45 21.95 28.80
N ASN C 483 -24.29 22.84 29.33
CA ASN C 483 -25.74 22.72 29.22
C ASN C 483 -26.27 23.30 27.93
N GLN C 484 -25.41 23.87 27.08
CA GLN C 484 -25.81 24.36 25.77
C GLN C 484 -25.80 23.28 24.70
N LEU C 485 -25.39 22.06 25.04
CA LEU C 485 -25.38 20.93 24.14
C LEU C 485 -26.44 19.93 24.54
N ILE C 486 -26.93 19.16 23.58
CA ILE C 486 -27.97 18.18 23.83
C ILE C 486 -27.33 16.88 24.32
N LEU C 487 -28.09 16.15 25.16
CA LEU C 487 -27.66 14.82 25.58
C LEU C 487 -27.74 13.82 24.44
N GLY C 488 -28.70 14.01 23.53
CA GLY C 488 -28.90 13.08 22.45
C GLY C 488 -30.28 13.28 21.86
N VAL C 489 -30.71 12.29 21.07
CA VAL C 489 -31.99 12.33 20.39
C VAL C 489 -32.77 11.05 20.71
N MET C 490 -34.03 11.22 21.10
CA MET C 490 -34.93 10.10 21.29
C MET C 490 -35.69 9.83 19.99
N GLY C 491 -35.99 8.56 19.74
CA GLY C 491 -36.64 8.18 18.50
C GLY C 491 -37.52 6.97 18.67
N VAL C 492 -38.61 6.95 17.88
CA VAL C 492 -39.53 5.82 17.82
C VAL C 492 -39.78 5.51 16.35
N ASP C 493 -39.63 4.25 15.97
CA ASP C 493 -39.80 3.84 14.58
C ASP C 493 -41.25 3.47 14.30
N VAL C 494 -41.73 3.89 13.13
CA VAL C 494 -43.07 3.53 12.65
C VAL C 494 -42.90 2.90 11.28
N SER C 495 -43.37 1.67 11.13
CA SER C 495 -43.24 0.96 9.87
C SER C 495 -44.33 1.38 8.89
N LEU C 496 -43.99 1.38 7.61
CA LEU C 496 -44.96 1.72 6.58
C LEU C 496 -46.07 0.69 6.48
N GLU C 497 -45.85 -0.53 6.98
CA GLU C 497 -46.92 -1.51 7.04
C GLU C 497 -47.95 -1.14 8.12
N ASP C 498 -47.50 -0.46 9.18
CA ASP C 498 -48.44 0.05 10.18
C ASP C 498 -49.36 1.10 9.57
N ILE C 499 -48.80 2.01 8.76
CA ILE C 499 -49.62 3.01 8.10
C ILE C 499 -50.54 2.36 7.08
N LYS C 500 -50.03 1.37 6.33
CA LYS C 500 -50.85 0.68 5.34
C LYS C 500 -51.98 -0.11 5.98
N ARG C 501 -51.89 -0.41 7.27
CA ARG C 501 -52.97 -1.10 7.97
C ARG C 501 -54.14 -0.17 8.30
N LEU C 502 -53.91 1.13 8.29
CA LEU C 502 -54.95 2.11 8.56
C LEU C 502 -55.62 2.61 7.29
N THR C 503 -55.22 2.11 6.12
CA THR C 503 -55.80 2.50 4.84
C THR C 503 -56.18 1.22 4.09
N PRO C 504 -57.27 0.57 4.48
CA PRO C 504 -57.67 -0.65 3.79
C PRO C 504 -58.06 -0.36 2.34
N ARG C 505 -57.72 -1.30 1.46
CA ARG C 505 -57.91 -1.11 0.03
C ARG C 505 -58.81 -2.15 -0.61
N PHE C 506 -59.35 -3.09 0.15
CA PHE C 506 -60.14 -4.17 -0.41
C PHE C 506 -61.62 -3.83 -0.56
N THR C 507 -62.02 -2.62 -0.19
CA THR C 507 -63.37 -2.14 -0.47
C THR C 507 -63.43 -1.33 -1.75
N LEU C 508 -62.31 -1.17 -2.44
CA LEU C 508 -62.24 -0.47 -3.71
C LEU C 508 -61.58 -1.38 -4.74
N CYS C 509 -61.84 -1.11 -6.01
CA CYS C 509 -61.35 -1.93 -7.10
C CYS C 509 -59.83 -1.85 -7.18
N PRO C 510 -59.16 -2.82 -7.83
CA PRO C 510 -57.69 -2.82 -7.85
C PRO C 510 -57.05 -1.59 -8.49
N ASN C 511 -57.86 -0.67 -9.00
CA ASN C 511 -57.33 0.54 -9.62
C ASN C 511 -57.22 1.73 -8.67
N GLY C 512 -58.08 1.80 -7.66
CA GLY C 512 -57.97 2.87 -6.67
C GLY C 512 -56.98 2.55 -5.58
N TYR C 513 -56.46 3.60 -4.95
CA TYR C 513 -55.43 3.40 -3.92
C TYR C 513 -55.24 4.68 -3.13
N TYR C 514 -54.64 4.53 -1.95
CA TYR C 514 -54.23 5.67 -1.13
C TYR C 514 -52.79 6.05 -1.43
N PHE C 515 -52.48 7.33 -1.25
CA PHE C 515 -51.09 7.76 -1.29
C PHE C 515 -50.94 9.04 -0.50
N ALA C 516 -49.86 9.13 0.27
CA ALA C 516 -49.60 10.28 1.12
C ALA C 516 -48.24 10.87 0.77
N ILE C 517 -48.15 12.20 0.80
CA ILE C 517 -46.92 12.90 0.43
C ILE C 517 -46.54 13.89 1.54
N ASP C 518 -45.25 14.23 1.54
CA ASP C 518 -44.68 15.20 2.45
C ASP C 518 -45.00 16.61 1.95
N PRO C 519 -44.61 17.65 2.69
CA PRO C 519 -44.53 18.98 2.08
C PRO C 519 -43.22 19.16 1.36
N ASN C 520 -42.80 18.10 0.67
CA ASN C 520 -41.55 18.10 -0.09
C ASN C 520 -41.69 17.36 -1.41
N GLY C 521 -42.84 16.77 -1.69
CA GLY C 521 -43.07 16.01 -2.90
C GLY C 521 -42.85 14.52 -2.77
N TYR C 522 -42.11 14.09 -1.76
CA TYR C 522 -41.83 12.67 -1.58
C TYR C 522 -43.03 11.95 -1.01
N VAL C 523 -43.21 10.70 -1.43
CA VAL C 523 -44.39 9.92 -1.05
C VAL C 523 -44.06 9.13 0.22
N LEU C 524 -44.87 9.34 1.25
CA LEU C 524 -44.87 8.46 2.41
C LEU C 524 -45.57 7.14 2.12
N LEU C 525 -46.53 7.15 1.19
CA LEU C 525 -47.34 5.97 0.88
C LEU C 525 -47.63 5.99 -0.62
N HIS C 526 -47.40 4.86 -1.27
CA HIS C 526 -47.72 4.72 -2.69
C HIS C 526 -47.57 3.27 -3.13
N PRO C 527 -48.41 2.79 -4.05
CA PRO C 527 -48.25 1.42 -4.56
C PRO C 527 -46.94 1.19 -5.28
N ASN C 528 -46.31 2.24 -5.81
CA ASN C 528 -45.08 2.12 -6.59
C ASN C 528 -43.83 2.33 -5.74
N LEU C 529 -43.97 2.49 -4.43
CA LEU C 529 -42.83 2.64 -3.54
C LEU C 529 -42.36 1.26 -3.09
N GLN C 530 -41.07 0.99 -3.25
CA GLN C 530 -40.50 -0.32 -3.01
C GLN C 530 -39.33 -0.22 -2.05
N PRO C 531 -39.04 -1.29 -1.30
CA PRO C 531 -37.94 -1.25 -0.32
C PRO C 531 -36.56 -1.10 -0.94
N LYS C 532 -36.44 -1.03 -2.25
CA LYS C 532 -35.13 -0.86 -2.87
C LYS C 532 -34.65 0.58 -2.72
N PRO C 533 -33.34 0.77 -2.57
CA PRO C 533 -32.80 2.14 -2.50
C PRO C 533 -32.93 2.87 -3.82
N ILE C 534 -32.95 4.20 -3.73
CA ILE C 534 -33.05 5.06 -4.91
C ILE C 534 -31.72 5.07 -5.62
N GLY C 535 -31.72 4.72 -6.91
CA GLY C 535 -30.51 4.70 -7.70
C GLY C 535 -30.22 6.04 -8.35
N VAL C 536 -28.93 6.29 -8.59
CA VAL C 536 -28.48 7.51 -9.23
C VAL C 536 -27.51 7.16 -10.35
N GLY C 537 -27.83 7.59 -11.56
CA GLY C 537 -26.95 7.40 -12.70
C GLY C 537 -26.74 5.95 -13.08
N ILE C 538 -25.68 5.73 -13.88
CA ILE C 538 -25.27 4.40 -14.31
C ILE C 538 -24.31 3.82 -13.29
N PRO C 539 -24.56 2.60 -12.79
CA PRO C 539 -23.68 2.02 -11.77
C PRO C 539 -22.41 1.49 -12.42
N THR C 540 -21.27 2.09 -12.06
CA THR C 540 -19.98 1.68 -12.58
C THR C 540 -19.15 1.10 -11.44
N ILE C 541 -18.66 -0.12 -11.65
CA ILE C 541 -17.83 -0.81 -10.67
C ILE C 541 -16.49 -1.12 -11.31
N ASN C 542 -15.46 -1.22 -10.46
CA ASN C 542 -14.10 -1.54 -10.91
C ASN C 542 -13.62 -2.70 -10.03
N LEU C 543 -13.92 -3.92 -10.47
CA LEU C 543 -13.59 -5.11 -9.69
C LEU C 543 -12.10 -5.43 -9.70
N ARG C 544 -11.31 -4.73 -10.51
CA ARG C 544 -9.87 -4.94 -10.55
C ARG C 544 -9.15 -4.25 -9.39
N LYS C 545 -9.85 -3.48 -8.57
CA LYS C 545 -9.24 -2.84 -7.40
C LYS C 545 -10.03 -3.09 -6.13
N ARG C 546 -10.77 -4.19 -6.05
CA ARG C 546 -11.54 -4.55 -4.86
C ARG C 546 -10.95 -5.82 -4.25
N ARG C 547 -10.40 -5.69 -3.05
CA ARG C 547 -9.91 -6.86 -2.34
C ARG C 547 -11.09 -7.67 -1.80
N PRO C 548 -10.91 -8.99 -1.63
CA PRO C 548 -12.03 -9.83 -1.15
C PRO C 548 -12.39 -9.62 0.31
N ASN C 549 -11.57 -8.92 1.10
CA ASN C 549 -11.75 -8.85 2.55
C ASN C 549 -11.60 -7.41 3.05
N VAL C 550 -12.29 -6.48 2.42
CA VAL C 550 -12.18 -5.07 2.79
C VAL C 550 -13.43 -4.52 3.46
N GLN C 551 -14.60 -5.14 3.27
CA GLN C 551 -15.83 -4.75 3.95
C GLN C 551 -16.20 -3.29 3.65
N ASN C 552 -16.51 -3.05 2.37
CA ASN C 552 -16.92 -1.74 1.94
C ASN C 552 -18.27 -1.36 2.53
N PRO C 553 -18.50 -0.07 2.78
CA PRO C 553 -19.83 0.37 3.24
C PRO C 553 -20.89 0.12 2.20
N LYS C 554 -22.13 -0.08 2.66
CA LYS C 554 -23.23 -0.44 1.76
C LYS C 554 -24.00 0.79 1.29
N SER C 555 -24.65 1.49 2.22
CA SER C 555 -25.46 2.67 1.90
C SER C 555 -26.03 3.23 3.20
N GLN C 556 -26.44 4.51 3.15
CA GLN C 556 -27.14 5.13 4.26
C GLN C 556 -28.24 6.07 3.78
N GLU C 557 -28.50 6.13 2.48
CA GLU C 557 -29.43 7.09 1.91
C GLU C 557 -30.89 6.68 2.17
N PRO C 558 -31.80 7.63 2.24
CA PRO C 558 -33.21 7.32 2.39
C PRO C 558 -33.89 7.08 1.04
N VAL C 559 -35.09 6.49 1.12
CA VAL C 559 -35.89 6.18 -0.06
C VAL C 559 -36.79 7.39 -0.29
N THR C 560 -36.26 8.40 -0.99
CA THR C 560 -37.00 9.63 -1.28
C THR C 560 -37.41 9.58 -2.74
N LEU C 561 -38.64 9.14 -2.98
CA LEU C 561 -39.22 9.06 -4.31
C LEU C 561 -40.30 10.14 -4.43
N ASP C 562 -40.13 11.04 -5.39
CA ASP C 562 -41.09 12.11 -5.59
C ASP C 562 -42.41 11.55 -6.10
N PHE C 563 -43.49 12.29 -5.84
CA PHE C 563 -44.82 11.87 -6.29
C PHE C 563 -44.88 11.81 -7.82
N LEU C 564 -44.28 12.78 -8.49
CA LEU C 564 -44.32 12.81 -9.95
C LEU C 564 -43.46 11.72 -10.57
N ASP C 565 -42.55 11.13 -9.81
CA ASP C 565 -41.72 10.03 -10.29
C ASP C 565 -42.30 8.66 -9.95
N ALA C 566 -43.41 8.61 -9.22
CA ALA C 566 -44.06 7.35 -8.92
C ALA C 566 -45.18 7.02 -9.91
N GLU C 567 -45.64 8.01 -10.68
CA GLU C 567 -46.68 7.81 -11.68
C GLU C 567 -46.28 8.55 -12.95
N LEU C 568 -47.07 8.35 -14.00
CA LEU C 568 -46.94 9.19 -15.19
C LEU C 568 -47.37 10.61 -14.85
N GLU C 569 -46.65 11.58 -15.38
CA GLU C 569 -46.81 12.98 -14.98
C GLU C 569 -47.61 13.74 -16.03
N ASN C 570 -48.68 14.37 -15.59
CA ASN C 570 -49.47 15.31 -16.40
C ASN C 570 -49.28 16.72 -15.85
N ASP C 571 -49.98 17.67 -16.45
CA ASP C 571 -50.00 19.02 -15.89
C ASP C 571 -51.04 19.14 -14.78
N ILE C 572 -52.10 18.33 -14.82
CA ILE C 572 -53.08 18.32 -13.75
C ILE C 572 -52.48 17.74 -12.48
N LYS C 573 -51.63 16.71 -12.62
CA LYS C 573 -51.02 16.11 -11.45
C LYS C 573 -50.07 17.09 -10.75
N VAL C 574 -49.38 17.92 -11.52
CA VAL C 574 -48.46 18.90 -10.92
C VAL C 574 -49.25 19.89 -10.05
N GLU C 575 -50.37 20.39 -10.56
CA GLU C 575 -51.16 21.34 -9.78
C GLU C 575 -51.84 20.66 -8.60
N ILE C 576 -52.25 19.40 -8.76
CA ILE C 576 -52.82 18.68 -7.62
C ILE C 576 -51.77 18.51 -6.52
N ARG C 577 -50.54 18.13 -6.90
CA ARG C 577 -49.48 17.95 -5.93
C ARG C 577 -49.14 19.27 -5.25
N ASN C 578 -49.09 20.37 -6.02
CA ASN C 578 -48.82 21.67 -5.41
C ASN C 578 -49.93 22.08 -4.45
N LYS C 579 -51.19 21.82 -4.81
CA LYS C 579 -52.30 22.19 -3.92
C LYS C 579 -52.31 21.34 -2.65
N MET C 580 -51.92 20.07 -2.74
CA MET C 580 -51.92 19.22 -1.56
C MET C 580 -50.65 19.35 -0.73
N ILE C 581 -49.58 19.92 -1.28
CA ILE C 581 -48.38 20.15 -0.47
C ILE C 581 -48.65 21.22 0.58
N ASP C 582 -49.27 22.32 0.19
CA ASP C 582 -49.50 23.43 1.11
C ASP C 582 -50.85 23.32 1.82
N GLY C 583 -51.10 22.15 2.41
CA GLY C 583 -52.23 21.92 3.30
C GLY C 583 -53.59 22.37 2.81
N GLU C 584 -54.07 21.78 1.72
CA GLU C 584 -55.41 22.06 1.20
C GLU C 584 -56.15 20.76 1.00
N SER C 585 -57.47 20.83 1.04
CA SER C 585 -58.35 19.69 0.85
C SER C 585 -59.27 19.96 -0.33
N GLY C 586 -59.49 18.94 -1.15
CA GLY C 586 -60.34 19.11 -2.31
C GLY C 586 -60.47 17.81 -3.09
N GLU C 587 -61.12 17.92 -4.24
CA GLU C 587 -61.31 16.80 -5.14
C GLU C 587 -61.13 17.26 -6.58
N LYS C 588 -60.82 16.31 -7.46
CA LYS C 588 -60.59 16.63 -8.86
C LYS C 588 -60.82 15.39 -9.70
N THR C 589 -61.77 15.46 -10.63
CA THR C 589 -62.06 14.39 -11.57
C THR C 589 -61.51 14.77 -12.94
N PHE C 590 -60.78 13.85 -13.56
CA PHE C 590 -60.20 14.13 -14.87
C PHE C 590 -59.88 12.82 -15.58
N ARG C 591 -59.18 12.93 -16.71
CA ARG C 591 -58.82 11.79 -17.55
C ARG C 591 -57.31 11.76 -17.66
N THR C 592 -56.70 10.60 -17.38
CA THR C 592 -55.25 10.51 -17.29
C THR C 592 -54.77 9.24 -17.97
N LEU C 593 -53.45 9.09 -18.03
CA LEU C 593 -52.81 7.91 -18.56
C LEU C 593 -52.29 7.07 -17.40
N VAL C 594 -52.59 5.78 -17.41
CA VAL C 594 -52.23 4.86 -16.35
C VAL C 594 -51.34 3.77 -16.92
N LYS C 595 -50.18 3.58 -16.31
CA LYS C 595 -49.27 2.51 -16.70
C LYS C 595 -49.72 1.19 -16.05
N SER C 596 -49.48 0.09 -16.77
CA SER C 596 -49.86 -1.21 -16.27
C SER C 596 -48.87 -1.71 -15.22
N GLN C 597 -49.25 -2.77 -14.52
CA GLN C 597 -48.36 -3.38 -13.54
C GLN C 597 -47.07 -3.85 -14.19
N ASP C 598 -47.18 -4.55 -15.31
CA ASP C 598 -46.03 -4.79 -16.17
C ASP C 598 -45.82 -3.56 -17.05
N GLU C 599 -44.60 -3.05 -17.07
CA GLU C 599 -44.34 -1.79 -17.76
C GLU C 599 -44.34 -1.99 -19.27
N ARG C 600 -45.51 -2.32 -19.82
CA ARG C 600 -45.65 -2.61 -21.24
C ARG C 600 -46.82 -1.91 -21.91
N TYR C 601 -47.86 -1.51 -21.17
CA TYR C 601 -49.05 -0.93 -21.75
C TYR C 601 -49.42 0.34 -21.00
N ILE C 602 -50.16 1.22 -21.69
CA ILE C 602 -50.69 2.44 -21.10
C ILE C 602 -52.17 2.54 -21.49
N ASP C 603 -53.02 2.81 -20.49
CA ASP C 603 -54.45 2.95 -20.70
C ASP C 603 -54.88 4.39 -20.44
N LYS C 604 -56.00 4.77 -21.04
CA LYS C 604 -56.66 6.06 -20.78
C LYS C 604 -57.79 5.82 -19.79
N GLY C 605 -57.74 6.49 -18.66
CA GLY C 605 -58.67 6.19 -17.57
C GLY C 605 -59.26 7.43 -16.93
N ASN C 606 -60.54 7.33 -16.59
CA ASN C 606 -61.18 8.28 -15.69
C ASN C 606 -60.58 8.11 -14.30
N ARG C 607 -60.26 9.23 -13.64
CA ARG C 607 -59.77 9.16 -12.28
C ARG C 607 -60.33 10.33 -11.47
N THR C 608 -60.40 10.11 -10.16
CA THR C 608 -60.81 11.13 -9.21
C THR C 608 -59.81 11.10 -8.05
N TYR C 609 -59.17 12.23 -7.80
CA TYR C 609 -58.28 12.37 -6.65
C TYR C 609 -59.00 13.19 -5.58
N THR C 610 -59.07 12.65 -4.37
CA THR C 610 -59.63 13.36 -3.23
C THR C 610 -58.56 13.46 -2.15
N TRP C 611 -58.13 14.67 -1.83
CA TRP C 611 -57.01 14.87 -0.92
C TRP C 611 -57.41 15.75 0.26
N THR C 612 -56.79 15.47 1.39
CA THR C 612 -56.99 16.19 2.64
C THR C 612 -55.64 16.30 3.35
N PRO C 613 -55.49 17.26 4.25
CA PRO C 613 -54.29 17.30 5.09
C PRO C 613 -54.50 16.57 6.41
N VAL C 614 -53.41 15.97 6.89
CA VAL C 614 -53.40 15.37 8.22
C VAL C 614 -53.15 16.49 9.23
N ASN C 615 -54.06 16.62 10.19
CA ASN C 615 -54.09 17.81 11.04
C ASN C 615 -52.81 17.93 11.88
N GLY C 616 -52.39 16.83 12.51
CA GLY C 616 -51.29 16.90 13.45
C GLY C 616 -49.93 17.07 12.80
N THR C 617 -49.78 16.71 11.53
CA THR C 617 -48.49 16.73 10.86
C THR C 617 -48.53 17.52 9.57
N ASP C 618 -47.45 17.45 8.80
CA ASP C 618 -47.36 18.12 7.51
C ASP C 618 -47.65 17.18 6.34
N TYR C 619 -48.02 15.94 6.61
CA TYR C 619 -48.38 15.01 5.56
C TYR C 619 -49.71 15.38 4.93
N SER C 621 -49.90 14.95 3.68
CA SER C 621 -51.17 15.10 2.99
C SER C 621 -51.56 13.77 2.38
N LEU C 622 -52.81 13.35 2.59
CA LEU C 622 -53.28 12.05 2.17
C LEU C 622 -54.33 12.20 1.07
N ALA C 623 -54.21 11.39 0.02
CA ALA C 623 -55.14 11.43 -1.09
C ALA C 623 -55.57 10.01 -1.45
N LEU C 624 -56.78 9.92 -2.01
CA LEU C 624 -57.35 8.67 -2.48
C LEU C 624 -57.65 8.81 -3.97
N VAL C 625 -57.26 7.81 -4.75
CA VAL C 625 -57.46 7.76 -6.19
C VAL C 625 -58.51 6.72 -6.47
N LEU C 626 -59.61 7.13 -7.10
CA LEU C 626 -60.73 6.25 -7.38
C LEU C 626 -61.15 6.40 -8.84
N PRO C 627 -61.27 5.31 -9.59
CA PRO C 627 -61.91 5.38 -10.91
C PRO C 627 -63.41 5.56 -10.77
N THR C 628 -64.03 5.95 -11.88
CA THR C 628 -65.46 6.24 -11.86
C THR C 628 -66.29 5.01 -11.54
N TYR C 629 -65.89 3.84 -12.02
CA TYR C 629 -66.66 2.62 -11.84
C TYR C 629 -66.50 2.01 -10.45
N SER C 630 -65.62 2.54 -9.60
CA SER C 630 -65.38 2.00 -8.27
C SER C 630 -65.96 2.89 -7.17
N PHE C 631 -67.08 3.56 -7.46
CA PHE C 631 -67.76 4.35 -6.44
C PHE C 631 -68.72 3.51 -5.60
N TYR C 632 -68.88 2.23 -5.93
CA TYR C 632 -69.71 1.32 -5.17
C TYR C 632 -69.01 -0.02 -5.03
N TYR C 633 -69.36 -0.76 -3.99
CA TYR C 633 -68.78 -2.06 -3.74
C TYR C 633 -69.86 -3.01 -3.24
N ILE C 634 -69.50 -4.28 -3.12
CA ILE C 634 -70.42 -5.35 -2.76
C ILE C 634 -70.14 -5.77 -1.33
N LYS C 635 -71.19 -5.78 -0.50
CA LYS C 635 -71.11 -6.29 0.87
C LYS C 635 -72.00 -7.53 0.96
N ALA C 636 -71.40 -8.66 1.32
CA ALA C 636 -72.13 -9.91 1.35
C ALA C 636 -73.15 -9.93 2.49
N LYS C 637 -74.33 -10.46 2.22
CA LYS C 637 -75.38 -10.62 3.21
C LYS C 637 -75.71 -12.08 3.48
N ILE C 638 -74.79 -12.99 3.15
CA ILE C 638 -75.01 -14.41 3.43
C ILE C 638 -74.91 -14.63 4.94
N GLU C 639 -76.02 -15.03 5.54
CA GLU C 639 -76.10 -15.14 6.99
C GLU C 639 -76.44 -16.54 7.47
N GLU C 640 -77.28 -17.28 6.73
CA GLU C 640 -77.68 -18.60 7.18
C GLU C 640 -76.57 -19.62 6.88
N THR C 641 -76.74 -20.82 7.43
CA THR C 641 -75.61 -21.74 7.57
C THR C 641 -75.31 -22.48 6.27
N ILE C 642 -76.30 -23.16 5.69
CA ILE C 642 -76.02 -24.11 4.62
C ILE C 642 -75.46 -23.42 3.38
N THR C 643 -75.92 -22.19 3.09
CA THR C 643 -75.37 -21.47 1.94
C THR C 643 -73.88 -21.23 2.11
N GLN C 644 -73.48 -20.73 3.28
CA GLN C 644 -72.06 -20.51 3.55
C GLN C 644 -71.29 -21.82 3.53
N ALA C 645 -71.88 -22.89 4.06
CA ALA C 645 -71.21 -24.18 4.10
C ALA C 645 -70.94 -24.71 2.69
N ARG C 646 -71.93 -24.60 1.80
CA ARG C 646 -71.72 -25.10 0.46
C ARG C 646 -70.78 -24.20 -0.33
N TYR C 647 -70.90 -22.88 -0.16
CA TYR C 647 -69.96 -21.98 -0.80
C TYR C 647 -68.54 -22.24 -0.31
N SER C 648 -68.40 -22.73 0.93
CA SER C 648 -67.08 -23.04 1.46
C SER C 648 -66.56 -24.36 0.91
N GLU C 649 -67.43 -25.35 0.71
CA GLU C 649 -66.88 -26.62 0.23
C GLU C 649 -66.66 -26.59 -1.28
N THR C 650 -67.19 -25.58 -1.97
CA THR C 650 -66.92 -25.45 -3.40
C THR C 650 -65.43 -25.31 -3.68
N LEU C 651 -64.69 -24.67 -2.78
CA LEU C 651 -63.24 -24.48 -2.95
C LEU C 651 -62.51 -25.47 -2.04
N LYS C 652 -62.30 -26.68 -2.57
CA LYS C 652 -61.52 -27.72 -1.91
C LYS C 652 -60.80 -28.49 -3.00
N PRO C 653 -59.54 -28.85 -2.80
CA PRO C 653 -58.80 -29.53 -3.87
C PRO C 653 -59.44 -30.84 -4.32
N ASP C 654 -60.09 -31.56 -3.41
CA ASP C 654 -60.58 -32.90 -3.71
C ASP C 654 -61.57 -32.92 -4.87
N ASN C 655 -62.24 -31.80 -5.16
CA ASN C 655 -63.15 -31.74 -6.28
C ASN C 655 -62.78 -30.63 -7.26
N PHE C 656 -61.50 -30.28 -7.32
CA PHE C 656 -61.06 -29.30 -8.33
C PHE C 656 -61.40 -29.77 -9.73
N GLU C 657 -61.32 -31.09 -9.99
CA GLU C 657 -61.69 -31.61 -11.30
C GLU C 657 -63.11 -31.24 -11.68
N GLU C 658 -63.99 -31.09 -10.68
CA GLU C 658 -65.36 -30.69 -10.94
C GLU C 658 -65.54 -29.18 -11.05
N SER C 659 -64.63 -28.40 -10.45
CA SER C 659 -64.82 -26.95 -10.38
C SER C 659 -63.56 -26.19 -10.77
N GLY C 660 -62.60 -26.83 -11.43
CA GLY C 660 -61.41 -26.15 -11.90
C GLY C 660 -60.42 -25.81 -10.81
N TYR C 661 -59.16 -25.65 -11.18
CA TYR C 661 -58.13 -25.24 -10.23
C TYR C 661 -58.48 -23.88 -9.63
N THR C 662 -58.38 -23.79 -8.30
CA THR C 662 -58.82 -22.62 -7.56
C THR C 662 -57.64 -21.98 -6.85
N PHE C 663 -57.52 -20.66 -7.00
CA PHE C 663 -56.51 -19.85 -6.33
C PHE C 663 -57.21 -18.87 -5.39
N LEU C 664 -56.64 -18.71 -4.20
CA LEU C 664 -57.17 -17.81 -3.18
C LEU C 664 -56.15 -16.73 -2.86
N ALA C 665 -56.63 -15.50 -2.75
CA ALA C 665 -55.73 -14.38 -2.48
C ALA C 665 -55.26 -14.42 -1.03
N PRO C 666 -53.95 -14.37 -0.78
CA PRO C 666 -53.42 -14.42 0.60
C PRO C 666 -53.61 -13.11 1.35
N ARG C 667 -54.87 -12.81 1.67
CA ARG C 667 -55.18 -11.62 2.44
C ARG C 667 -55.22 -11.93 3.93
N ASP C 668 -55.23 -10.86 4.73
CA ASP C 668 -55.28 -10.99 6.19
C ASP C 668 -56.73 -11.13 6.63
N TYR C 669 -57.27 -12.33 6.42
CA TYR C 669 -58.62 -12.61 6.90
C TYR C 669 -58.69 -12.52 8.41
N CYS C 670 -57.68 -13.05 9.10
CA CYS C 670 -57.41 -12.76 10.51
C CYS C 670 -56.06 -13.34 10.87
N SER C 671 -55.58 -12.95 12.06
CA SER C 671 -54.20 -13.22 12.46
C SER C 671 -53.93 -14.69 12.75
N ASP C 672 -54.96 -15.53 12.88
CA ASP C 672 -54.74 -16.94 13.16
C ASP C 672 -54.00 -17.63 12.01
N LEU C 673 -54.38 -17.33 10.78
CA LEU C 673 -53.76 -17.91 9.60
C LEU C 673 -52.85 -16.87 8.95
N LYS C 674 -51.68 -17.33 8.49
CA LYS C 674 -50.66 -16.46 7.93
C LYS C 674 -50.53 -16.66 6.43
N PRO C 675 -50.29 -15.60 5.67
CA PRO C 675 -49.97 -15.76 4.25
C PRO C 675 -48.70 -16.59 4.09
N SER C 676 -48.72 -17.49 3.10
CA SER C 676 -47.69 -18.50 2.98
C SER C 676 -46.89 -18.42 1.69
N ASP C 677 -47.39 -17.70 0.68
CA ASP C 677 -46.74 -17.54 -0.63
C ASP C 677 -46.81 -18.85 -1.41
N ASN C 678 -47.30 -19.91 -0.78
CA ASN C 678 -47.64 -21.15 -1.46
C ASN C 678 -49.15 -21.27 -1.44
N ASN C 679 -49.76 -21.30 -2.62
CA ASN C 679 -51.21 -21.19 -2.70
C ASN C 679 -51.90 -22.47 -2.23
N THR C 680 -51.29 -23.64 -2.48
CA THR C 680 -51.90 -24.90 -2.06
C THR C 680 -51.98 -24.99 -0.54
N GLU C 681 -50.88 -24.70 0.15
CA GLU C 681 -50.88 -24.80 1.60
C GLU C 681 -51.72 -23.70 2.23
N PHE C 682 -51.71 -22.50 1.65
CA PHE C 682 -52.55 -21.43 2.17
C PHE C 682 -54.03 -21.78 2.00
N LEU C 683 -54.39 -22.33 0.85
CA LEU C 683 -55.78 -22.73 0.63
C LEU C 683 -56.18 -23.85 1.59
N LEU C 684 -55.29 -24.81 1.83
CA LEU C 684 -55.58 -25.87 2.79
C LEU C 684 -55.78 -25.30 4.20
N ASN C 685 -54.92 -24.36 4.60
CA ASN C 685 -55.07 -23.75 5.91
C ASN C 685 -56.38 -22.98 6.01
N PHE C 686 -56.72 -22.23 4.96
CA PHE C 686 -57.98 -21.48 4.96
C PHE C 686 -59.17 -22.41 5.05
N ASN C 687 -59.16 -23.51 4.30
CA ASN C 687 -60.27 -24.45 4.31
C ASN C 687 -60.41 -25.11 5.68
N GLU C 688 -59.30 -25.54 6.27
CA GLU C 688 -59.38 -26.19 7.57
C GLU C 688 -59.78 -25.20 8.66
N PHE C 689 -59.39 -23.93 8.52
CA PHE C 689 -59.81 -22.92 9.48
C PHE C 689 -61.31 -22.64 9.37
N ILE C 690 -61.82 -22.56 8.14
CA ILE C 690 -63.24 -22.32 7.96
C ILE C 690 -64.06 -23.52 8.45
N ASP C 691 -63.54 -24.73 8.25
CA ASP C 691 -64.27 -25.91 8.72
C ASP C 691 -64.21 -26.07 10.23
N ARG C 692 -63.07 -25.73 10.84
CA ARG C 692 -62.88 -25.95 12.27
C ARG C 692 -63.84 -25.11 13.10
N LYS C 693 -64.02 -23.84 12.74
CA LYS C 693 -64.86 -22.94 13.49
C LYS C 693 -65.91 -22.32 12.58
N THR C 694 -67.06 -22.00 13.16
CA THR C 694 -68.18 -21.48 12.39
C THR C 694 -67.83 -20.11 11.80
N PRO C 695 -68.48 -19.73 10.69
CA PRO C 695 -68.16 -18.45 10.05
C PRO C 695 -68.68 -17.24 10.81
N ASN C 696 -69.13 -17.44 12.06
CA ASN C 696 -69.50 -16.30 12.89
C ASN C 696 -68.31 -15.37 13.13
N ASN C 697 -67.09 -15.92 13.12
CA ASN C 697 -65.85 -15.16 13.17
C ASN C 697 -65.81 -14.23 14.38
N PRO C 698 -65.65 -14.76 15.60
CA PRO C 698 -65.57 -13.88 16.77
C PRO C 698 -64.42 -12.89 16.72
N SER C 699 -63.27 -13.27 16.13
CA SER C 699 -62.11 -12.39 16.06
C SER C 699 -61.49 -12.39 14.66
N CYS C 700 -62.28 -12.59 13.62
CA CYS C 700 -61.80 -12.56 12.25
C CYS C 700 -62.65 -11.62 11.40
N ASN C 701 -62.04 -11.08 10.35
CA ASN C 701 -62.72 -10.14 9.48
C ASN C 701 -63.86 -10.84 8.76
N THR C 702 -65.09 -10.55 9.16
CA THR C 702 -66.25 -11.23 8.60
C THR C 702 -66.51 -10.79 7.16
N ASP C 703 -66.25 -9.51 6.86
CA ASP C 703 -66.54 -9.00 5.52
C ASP C 703 -65.72 -9.71 4.46
N LEU C 704 -64.42 -9.86 4.70
CA LEU C 704 -63.55 -10.50 3.71
C LEU C 704 -63.94 -11.95 3.49
N ILE C 705 -64.20 -12.69 4.57
CA ILE C 705 -64.56 -14.10 4.45
C ILE C 705 -65.89 -14.25 3.74
N ASN C 706 -66.88 -13.41 4.08
CA ASN C 706 -68.17 -13.48 3.43
C ASN C 706 -68.07 -13.16 1.95
N ARG C 707 -67.26 -12.14 1.61
CA ARG C 707 -67.08 -11.79 0.20
C ARG C 707 -66.40 -12.93 -0.56
N VAL C 708 -65.41 -13.57 0.06
CA VAL C 708 -64.73 -14.70 -0.58
C VAL C 708 -65.71 -15.85 -0.80
N LEU C 709 -66.56 -16.13 0.19
CA LEU C 709 -67.53 -17.22 0.04
C LEU C 709 -68.54 -16.90 -1.06
N LEU C 710 -69.02 -15.66 -1.12
CA LEU C 710 -69.94 -15.28 -2.18
C LEU C 710 -69.30 -15.40 -3.56
N ASP C 711 -68.04 -14.96 -3.68
CA ASP C 711 -67.33 -15.08 -4.94
C ASP C 711 -67.15 -16.53 -5.33
N ALA C 712 -66.80 -17.38 -4.38
CA ALA C 712 -66.64 -18.80 -4.66
C ALA C 712 -67.94 -19.41 -5.13
N GLY C 713 -69.05 -19.06 -4.48
CA GLY C 713 -70.34 -19.59 -4.90
C GLY C 713 -70.72 -19.16 -6.31
N PHE C 714 -70.57 -17.87 -6.60
CA PHE C 714 -70.92 -17.37 -7.93
C PHE C 714 -70.04 -17.99 -9.01
N THR C 715 -68.74 -18.06 -8.75
CA THR C 715 -67.81 -18.65 -9.72
C THR C 715 -68.10 -20.12 -9.94
N ASN C 716 -68.38 -20.86 -8.86
CA ASN C 716 -68.72 -22.27 -9.00
C ASN C 716 -70.00 -22.45 -9.80
N GLU C 717 -71.00 -21.60 -9.57
CA GLU C 717 -72.21 -21.66 -10.37
C GLU C 717 -71.92 -21.42 -11.84
N LEU C 718 -71.08 -20.43 -12.14
CA LEU C 718 -70.72 -20.17 -13.53
C LEU C 718 -70.01 -21.36 -14.15
N VAL C 719 -69.08 -21.97 -13.42
CA VAL C 719 -68.30 -23.08 -13.97
C VAL C 719 -69.19 -24.30 -14.20
N GLN C 720 -70.05 -24.63 -13.23
CA GLN C 720 -70.87 -25.83 -13.35
C GLN C 720 -71.96 -25.66 -14.41
N ASN C 721 -72.67 -24.54 -14.38
CA ASN C 721 -73.82 -24.38 -15.25
C ASN C 721 -73.44 -24.11 -16.71
N TYR C 722 -72.30 -23.48 -16.95
CA TYR C 722 -71.92 -23.06 -18.29
C TYR C 722 -70.69 -23.77 -18.82
N TRP C 723 -69.57 -23.71 -18.08
CA TRP C 723 -68.31 -24.22 -18.62
C TRP C 723 -68.31 -25.75 -18.71
N SER C 724 -68.89 -26.42 -17.71
CA SER C 724 -68.90 -27.88 -17.71
C SER C 724 -69.78 -28.46 -18.81
N LYS C 725 -70.74 -27.70 -19.33
CA LYS C 725 -71.59 -28.21 -20.40
C LYS C 725 -70.77 -28.51 -21.65
N GLN C 726 -69.84 -27.63 -21.99
CA GLN C 726 -68.91 -27.85 -23.10
C GLN C 726 -67.59 -28.30 -22.48
N LYS C 727 -67.44 -29.63 -22.34
CA LYS C 727 -66.27 -30.18 -21.66
C LYS C 727 -64.99 -29.81 -22.40
N ASN C 728 -65.00 -29.92 -23.73
CA ASN C 728 -63.83 -29.58 -24.54
C ASN C 728 -64.30 -28.93 -25.83
N ILE C 729 -63.74 -27.78 -26.16
CA ILE C 729 -64.05 -27.06 -27.39
C ILE C 729 -62.75 -26.71 -28.07
N LYS C 730 -62.82 -26.53 -29.40
CA LYS C 730 -61.64 -26.60 -30.25
C LYS C 730 -60.65 -25.47 -29.95
N GLY C 731 -61.09 -24.22 -30.10
CA GLY C 731 -60.14 -23.12 -30.19
C GLY C 731 -59.44 -22.76 -28.90
N VAL C 732 -60.03 -23.03 -27.75
CA VAL C 732 -59.52 -22.53 -26.49
C VAL C 732 -58.65 -23.60 -25.83
N LYS C 733 -57.73 -23.15 -24.97
CA LYS C 733 -56.92 -24.02 -24.14
C LYS C 733 -57.29 -23.94 -22.67
N ALA C 734 -57.62 -22.75 -22.17
CA ALA C 734 -57.99 -22.57 -20.78
C ALA C 734 -59.00 -21.43 -20.68
N ARG C 735 -59.97 -21.60 -19.79
CA ARG C 735 -60.95 -20.57 -19.48
C ARG C 735 -60.83 -20.23 -18.01
N PHE C 736 -60.61 -18.95 -17.71
CA PHE C 736 -60.37 -18.54 -16.34
C PHE C 736 -61.28 -17.38 -15.95
N VAL C 737 -61.52 -17.26 -14.65
CA VAL C 737 -62.27 -16.15 -14.09
C VAL C 737 -61.59 -15.70 -12.81
N VAL C 738 -61.30 -14.40 -12.70
CA VAL C 738 -60.69 -13.81 -11.53
C VAL C 738 -61.64 -12.76 -10.99
N THR C 739 -61.99 -12.86 -9.71
CA THR C 739 -63.02 -12.00 -9.17
C THR C 739 -62.46 -11.09 -8.07
N ASP C 740 -63.19 -9.99 -7.84
CA ASP C 740 -62.85 -9.05 -6.78
C ASP C 740 -63.22 -9.68 -5.43
N GLY C 741 -62.21 -10.07 -4.67
CA GLY C 741 -62.45 -10.79 -3.43
C GLY C 741 -61.41 -11.86 -3.21
N GLY C 742 -60.82 -12.36 -4.28
CA GLY C 742 -59.69 -13.27 -4.17
C GLY C 742 -59.96 -14.69 -4.60
N ILE C 743 -60.84 -14.88 -5.59
CA ILE C 743 -61.12 -16.19 -6.14
C ILE C 743 -60.70 -16.19 -7.60
N THR C 744 -59.77 -17.08 -7.95
CA THR C 744 -59.39 -17.35 -9.33
C THR C 744 -59.73 -18.79 -9.64
N ARG C 745 -60.38 -19.03 -10.79
CA ARG C 745 -60.72 -20.39 -11.16
C ARG C 745 -60.40 -20.62 -12.62
N VAL C 746 -59.63 -21.68 -12.88
CA VAL C 746 -59.24 -22.09 -14.22
C VAL C 746 -59.84 -23.45 -14.49
N TYR C 747 -60.66 -23.55 -15.54
CA TYR C 747 -61.45 -24.77 -15.75
C TYR C 747 -60.59 -26.01 -15.97
N PRO C 748 -59.58 -26.01 -16.85
CA PRO C 748 -58.76 -27.23 -16.99
C PRO C 748 -57.69 -27.28 -15.91
N LYS C 749 -57.69 -28.37 -15.14
CA LYS C 749 -56.68 -28.53 -14.10
C LYS C 749 -55.28 -28.61 -14.71
N GLU C 750 -55.15 -29.30 -15.84
CA GLU C 750 -53.86 -29.35 -16.52
C GLU C 750 -53.37 -27.95 -16.90
N ALA C 751 -54.29 -27.04 -17.20
CA ALA C 751 -53.95 -25.65 -17.43
C ALA C 751 -53.64 -24.90 -16.15
N GLY C 752 -54.01 -25.45 -14.99
CA GLY C 752 -53.72 -24.78 -13.73
C GLY C 752 -52.23 -24.64 -13.48
N GLU C 753 -51.44 -25.64 -13.89
CA GLU C 753 -50.00 -25.54 -13.77
C GLU C 753 -49.41 -24.50 -14.70
N ASN C 754 -50.10 -24.16 -15.80
CA ASN C 754 -49.66 -23.11 -16.70
C ASN C 754 -50.05 -21.72 -16.22
N TRP C 755 -50.84 -21.62 -15.15
CA TRP C 755 -51.27 -20.34 -14.61
C TRP C 755 -50.14 -19.73 -13.80
N GLN C 756 -49.50 -18.71 -14.35
CA GLN C 756 -48.38 -18.04 -13.69
C GLN C 756 -48.77 -16.71 -13.06
N GLU C 757 -50.06 -16.41 -13.00
CA GLU C 757 -50.51 -15.13 -12.47
C GLU C 757 -50.45 -15.11 -10.95
N ASN C 758 -50.30 -13.91 -10.40
CA ASN C 758 -50.30 -13.73 -8.96
C ASN C 758 -51.67 -14.11 -8.39
N PRO C 759 -51.74 -14.97 -7.37
CA PRO C 759 -53.05 -15.32 -6.81
C PRO C 759 -53.79 -14.14 -6.21
N GLU C 760 -53.10 -13.05 -5.87
CA GLU C 760 -53.77 -11.85 -5.40
C GLU C 760 -54.38 -11.12 -6.59
N THR C 761 -55.70 -10.92 -6.55
CA THR C 761 -56.40 -10.30 -7.68
C THR C 761 -55.93 -8.87 -7.92
N TYR C 762 -55.65 -8.14 -6.84
CA TYR C 762 -55.27 -6.74 -6.97
C TYR C 762 -53.89 -6.55 -7.60
N GLU C 763 -53.12 -7.62 -7.76
CA GLU C 763 -51.79 -7.54 -8.37
C GLU C 763 -51.74 -8.23 -9.72
N ASP C 764 -52.88 -8.31 -10.41
CA ASP C 764 -52.95 -8.89 -11.74
C ASP C 764 -53.04 -7.77 -12.77
N SER C 765 -52.05 -7.71 -13.66
CA SER C 765 -52.02 -6.63 -14.65
C SER C 765 -53.20 -6.73 -15.62
N PHE C 766 -53.51 -7.94 -16.07
CA PHE C 766 -54.62 -8.11 -17.00
C PHE C 766 -55.96 -7.74 -16.37
N TYR C 767 -56.13 -7.99 -15.07
CA TYR C 767 -57.37 -7.62 -14.40
C TYR C 767 -57.59 -6.12 -14.45
N LYS C 768 -56.57 -5.33 -14.10
CA LYS C 768 -56.71 -3.88 -14.11
C LYS C 768 -56.83 -3.34 -15.53
N ARG C 769 -56.11 -3.95 -16.47
CA ARG C 769 -56.23 -3.52 -17.86
C ARG C 769 -57.63 -3.76 -18.40
N SER C 770 -58.23 -4.91 -18.06
CA SER C 770 -59.61 -5.16 -18.45
C SER C 770 -60.58 -4.23 -17.76
N LEU C 771 -60.30 -3.85 -16.51
CA LEU C 771 -61.14 -2.88 -15.83
C LEU C 771 -61.11 -1.53 -16.53
N ASP C 772 -59.93 -1.07 -16.96
CA ASP C 772 -59.82 0.22 -17.61
C ASP C 772 -60.53 0.24 -18.95
N ASN C 773 -60.24 -0.75 -19.80
CA ASN C 773 -60.80 -0.78 -21.14
C ASN C 773 -62.26 -1.22 -21.12
N ASP C 774 -62.97 -0.93 -22.21
CA ASP C 774 -64.38 -1.28 -22.31
C ASP C 774 -64.51 -2.18 -23.54
N ASN C 775 -63.62 -3.17 -23.65
CA ASN C 775 -63.62 -4.12 -24.75
C ASN C 775 -62.77 -5.31 -24.34
N TYR C 776 -62.48 -6.18 -25.30
CA TYR C 776 -61.64 -7.33 -25.05
C TYR C 776 -60.17 -6.93 -25.13
N VAL C 777 -59.39 -7.36 -24.15
CA VAL C 777 -57.99 -6.98 -24.03
C VAL C 777 -57.13 -8.21 -24.24
N PHE C 778 -56.18 -8.12 -25.16
CA PHE C 778 -55.26 -9.20 -25.46
C PHE C 778 -53.92 -8.93 -24.78
N THR C 779 -53.44 -9.89 -24.00
CA THR C 779 -52.18 -9.77 -23.28
C THR C 779 -51.11 -10.57 -24.02
N ALA C 780 -50.06 -9.90 -24.44
CA ALA C 780 -48.99 -10.57 -25.18
C ALA C 780 -48.17 -11.46 -24.24
N PRO C 781 -47.89 -12.70 -24.62
CA PRO C 781 -47.05 -13.55 -23.78
C PRO C 781 -45.63 -13.02 -23.70
N TYR C 782 -44.99 -13.26 -22.55
CA TYR C 782 -43.59 -12.92 -22.39
C TYR C 782 -42.74 -13.80 -23.31
N PHE C 783 -41.78 -13.18 -23.97
CA PHE C 783 -40.98 -13.86 -25.00
C PHE C 783 -39.58 -14.16 -24.47
N ASN C 784 -39.08 -15.35 -24.83
CA ASN C 784 -37.69 -15.75 -24.56
C ASN C 784 -37.42 -15.81 -23.07
N LYS C 785 -38.33 -16.46 -22.33
CA LYS C 785 -38.20 -16.61 -20.90
C LYS C 785 -38.38 -18.08 -20.54
N SER C 786 -37.77 -18.48 -19.42
CA SER C 786 -37.89 -19.85 -18.95
C SER C 786 -39.32 -20.13 -18.52
N GLY C 787 -39.94 -21.12 -19.14
CA GLY C 787 -41.31 -21.48 -18.85
C GLY C 787 -42.17 -21.54 -20.08
N PRO C 788 -43.18 -22.42 -20.07
CA PRO C 788 -44.09 -22.55 -21.22
C PRO C 788 -45.09 -21.41 -21.25
N GLY C 789 -44.93 -20.51 -22.21
CA GLY C 789 -45.80 -19.36 -22.32
C GLY C 789 -46.22 -19.01 -23.73
N ALA C 790 -45.67 -19.71 -24.72
CA ALA C 790 -45.94 -19.39 -26.13
C ALA C 790 -47.00 -20.30 -26.73
N TYR C 791 -46.79 -21.62 -26.70
CA TYR C 791 -47.71 -22.58 -27.29
C TYR C 791 -48.43 -23.44 -26.27
N GLU C 792 -47.76 -23.80 -25.18
CA GLU C 792 -48.40 -24.64 -24.17
C GLU C 792 -49.49 -23.90 -23.42
N SER C 793 -49.38 -22.57 -23.32
CA SER C 793 -50.37 -21.75 -22.61
C SER C 793 -51.43 -21.19 -23.55
N GLY C 794 -51.01 -20.42 -24.54
CA GLY C 794 -51.92 -19.76 -25.45
C GLY C 794 -51.86 -18.24 -25.31
N ILE C 795 -52.74 -17.58 -26.05
CA ILE C 795 -52.84 -16.12 -26.04
C ILE C 795 -53.98 -15.72 -25.12
N MET C 796 -53.69 -14.85 -24.16
CA MET C 796 -54.68 -14.45 -23.16
C MET C 796 -55.55 -13.32 -23.69
N VAL C 797 -56.86 -13.52 -23.63
CA VAL C 797 -57.83 -12.47 -23.94
C VAL C 797 -58.83 -12.39 -22.79
N SER C 798 -59.03 -11.19 -22.27
CA SER C 798 -59.82 -11.00 -21.06
C SER C 798 -60.82 -9.86 -21.24
N LYS C 799 -61.93 -9.96 -20.51
CA LYS C 799 -62.96 -8.94 -20.52
C LYS C 799 -63.56 -8.82 -19.13
N ALA C 800 -63.87 -7.59 -18.74
CA ALA C 800 -64.41 -7.30 -17.41
C ALA C 800 -65.93 -7.46 -17.41
N VAL C 801 -66.44 -7.96 -16.29
CA VAL C 801 -67.88 -8.16 -16.11
C VAL C 801 -68.48 -6.89 -15.52
N GLU C 802 -69.48 -6.35 -16.21
CA GLU C 802 -70.18 -5.14 -15.77
C GLU C 802 -71.64 -5.47 -15.50
N ILE C 803 -72.14 -5.01 -14.35
CA ILE C 803 -73.51 -5.28 -13.95
C ILE C 803 -74.19 -3.97 -13.56
N TYR C 804 -75.53 -3.99 -13.61
CA TYR C 804 -76.36 -2.87 -13.20
C TYR C 804 -77.42 -3.41 -12.25
N ILE C 805 -77.47 -2.88 -11.04
CA ILE C 805 -78.33 -3.47 -10.01
C ILE C 805 -79.54 -2.57 -9.78
N GLN C 806 -79.33 -1.33 -9.36
CA GLN C 806 -80.36 -0.28 -9.49
C GLN C 806 -79.82 0.86 -10.32
N GLY C 807 -79.20 0.55 -11.45
CA GLY C 807 -78.63 1.59 -12.28
C GLY C 807 -77.28 2.09 -11.84
N LYS C 808 -76.59 1.35 -10.97
CA LYS C 808 -75.26 1.68 -10.52
C LYS C 808 -74.28 0.68 -11.12
N LEU C 809 -73.25 1.20 -11.80
CA LEU C 809 -72.31 0.34 -12.51
C LEU C 809 -71.33 -0.31 -11.53
N LEU C 810 -71.10 -1.61 -11.74
CA LEU C 810 -70.17 -2.37 -10.91
C LEU C 810 -69.38 -3.32 -11.80
N LYS C 811 -68.12 -3.56 -11.44
CA LYS C 811 -67.23 -4.45 -12.17
C LYS C 811 -66.63 -5.45 -11.19
N PRO C 812 -67.38 -6.51 -10.85
CA PRO C 812 -66.91 -7.44 -9.81
C PRO C 812 -65.87 -8.45 -10.27
N ALA C 813 -65.94 -8.89 -11.52
CA ALA C 813 -65.09 -9.98 -11.97
C ALA C 813 -64.58 -9.72 -13.38
N VAL C 814 -63.55 -10.47 -13.76
CA VAL C 814 -62.97 -10.42 -15.10
C VAL C 814 -62.80 -11.86 -15.57
N VAL C 815 -63.36 -12.17 -16.73
CA VAL C 815 -63.23 -13.50 -17.31
C VAL C 815 -62.20 -13.44 -18.42
N GLY C 816 -61.74 -14.61 -18.85
CA GLY C 816 -60.70 -14.65 -19.88
C GLY C 816 -60.50 -16.05 -20.41
N ILE C 817 -59.72 -16.11 -21.49
CA ILE C 817 -59.54 -17.31 -22.29
C ILE C 817 -58.09 -17.35 -22.78
N LYS C 818 -57.52 -18.55 -22.82
CA LYS C 818 -56.23 -18.77 -23.45
C LYS C 818 -56.49 -19.45 -24.80
N ILE C 819 -56.43 -18.66 -25.86
CA ILE C 819 -56.69 -19.16 -27.21
C ILE C 819 -55.49 -19.97 -27.68
N ASP C 820 -55.76 -21.14 -28.27
CA ASP C 820 -54.70 -21.97 -28.84
C ASP C 820 -54.09 -21.29 -30.05
N VAL C 821 -52.76 -21.37 -30.15
CA VAL C 821 -52.05 -20.70 -31.24
C VAL C 821 -52.32 -21.41 -32.57
N ASN C 822 -52.36 -22.75 -32.56
CA ASN C 822 -52.50 -23.49 -33.81
C ASN C 822 -53.86 -23.25 -34.45
N SER C 823 -54.93 -23.28 -33.66
CA SER C 823 -56.25 -23.01 -34.21
C SER C 823 -56.35 -21.59 -34.74
N TRP C 824 -55.73 -20.64 -34.04
CA TRP C 824 -55.72 -19.26 -34.52
C TRP C 824 -54.94 -19.14 -35.82
N ILE C 825 -53.86 -19.90 -35.97
CA ILE C 825 -53.11 -19.93 -37.23
C ILE C 825 -53.99 -20.48 -38.35
N GLU C 826 -54.73 -21.55 -38.06
CA GLU C 826 -55.63 -22.13 -39.06
C GLU C 826 -56.70 -21.12 -39.47
N ASN C 827 -57.23 -20.36 -38.51
CA ASN C 827 -58.09 -19.23 -38.84
C ASN C 827 -57.37 -18.23 -39.75
N PHE C 828 -56.13 -17.92 -39.41
CA PHE C 828 -55.41 -16.82 -40.08
C PHE C 828 -55.14 -17.14 -41.54
N THR C 829 -54.59 -18.32 -41.82
CA THR C 829 -54.22 -18.65 -43.20
C THR C 829 -55.45 -18.91 -44.06
N LYS C 830 -56.46 -19.58 -43.50
CA LYS C 830 -57.68 -19.87 -44.25
C LYS C 830 -58.51 -18.61 -44.46
N ASP C 843 -53.54 -13.74 -50.19
CA ASP C 843 -52.17 -13.24 -50.24
C ASP C 843 -51.43 -13.52 -48.94
N CYS C 844 -52.19 -13.65 -47.85
CA CYS C 844 -51.63 -14.01 -46.55
C CYS C 844 -51.58 -15.53 -46.46
N LYS C 845 -50.48 -16.10 -46.94
CA LYS C 845 -50.28 -17.55 -46.94
C LYS C 845 -48.95 -17.87 -46.26
N ARG C 846 -48.85 -19.10 -45.76
CA ARG C 846 -47.71 -19.50 -44.95
C ARG C 846 -46.40 -19.30 -45.71
N ASN C 847 -45.45 -18.62 -45.08
CA ASN C 847 -44.11 -18.40 -45.61
C ASN C 847 -44.15 -17.75 -46.99
N SER C 848 -45.14 -16.86 -47.19
CA SER C 848 -45.23 -16.12 -48.45
C SER C 848 -44.08 -15.13 -48.57
N ASP C 849 -43.51 -15.05 -49.76
CA ASP C 849 -42.40 -14.14 -50.04
C ASP C 849 -42.86 -12.85 -50.71
N VAL C 850 -44.17 -12.61 -50.77
CA VAL C 850 -44.72 -11.43 -51.42
C VAL C 850 -45.34 -10.48 -50.40
N MET C 851 -45.96 -11.01 -49.35
CA MET C 851 -46.69 -10.19 -48.39
C MET C 851 -46.26 -10.52 -46.97
N ASP C 852 -46.42 -9.54 -46.08
CA ASP C 852 -46.23 -9.70 -44.65
C ASP C 852 -47.56 -9.38 -43.99
N CYS C 853 -48.13 -10.36 -43.27
CA CYS C 853 -49.40 -10.21 -42.60
C CYS C 853 -49.21 -10.50 -41.12
N VAL C 854 -49.32 -9.47 -40.28
CA VAL C 854 -49.10 -9.60 -38.85
C VAL C 854 -50.27 -8.99 -38.10
N ILE C 855 -50.39 -9.39 -36.83
CA ILE C 855 -51.37 -8.85 -35.90
C ILE C 855 -50.64 -8.40 -34.64
N LEU C 856 -50.87 -7.15 -34.24
CA LEU C 856 -50.29 -6.61 -33.02
C LEU C 856 -51.40 -6.18 -32.07
N ASP C 857 -51.02 -5.96 -30.82
CA ASP C 857 -51.90 -5.36 -29.83
C ASP C 857 -51.42 -3.95 -29.52
N ASP C 858 -52.25 -3.20 -28.80
CA ASP C 858 -51.86 -1.86 -28.40
C ASP C 858 -50.62 -1.95 -27.51
N GLY C 859 -49.49 -1.48 -28.03
CA GLY C 859 -48.22 -1.69 -27.37
C GLY C 859 -47.18 -2.23 -28.32
N GLY C 860 -47.63 -2.68 -29.50
CA GLY C 860 -46.72 -3.12 -30.54
C GLY C 860 -46.11 -4.49 -30.36
N PHE C 861 -46.79 -5.39 -29.66
CA PHE C 861 -46.28 -6.74 -29.44
C PHE C 861 -46.90 -7.70 -30.44
N LEU C 862 -46.06 -8.58 -31.00
CA LEU C 862 -46.50 -9.49 -32.04
C LEU C 862 -47.28 -10.66 -31.43
N LEU C 863 -48.50 -10.87 -31.92
CA LEU C 863 -49.31 -12.02 -31.53
C LEU C 863 -49.39 -13.08 -32.62
N MET C 864 -49.49 -12.69 -33.88
CA MET C 864 -49.41 -13.63 -34.99
C MET C 864 -48.79 -12.96 -36.19
N ALA C 865 -47.87 -13.65 -36.84
CA ALA C 865 -47.39 -13.28 -38.16
C ALA C 865 -47.88 -14.32 -39.18
N ASN C 866 -47.39 -14.18 -40.41
CA ASN C 866 -47.77 -15.08 -41.50
C ASN C 866 -46.65 -16.00 -41.96
N HIS C 867 -45.39 -15.68 -41.65
CA HIS C 867 -44.26 -16.47 -42.19
C HIS C 867 -43.76 -17.64 -41.35
N ASP C 868 -44.42 -17.91 -40.24
CA ASP C 868 -44.07 -19.02 -39.34
C ASP C 868 -42.66 -18.82 -38.78
N ASP C 869 -41.89 -17.86 -39.31
CA ASP C 869 -40.60 -17.50 -38.75
C ASP C 869 -40.77 -16.46 -37.65
N TYR C 870 -41.54 -15.41 -37.92
CA TYR C 870 -41.90 -14.46 -36.87
C TYR C 870 -42.81 -15.11 -35.84
N THR C 871 -43.59 -16.13 -36.25
CA THR C 871 -44.48 -16.81 -35.32
C THR C 871 -43.70 -17.52 -34.23
N ASN C 872 -42.45 -17.89 -34.47
CA ASN C 872 -41.62 -18.44 -33.42
C ASN C 872 -41.34 -17.42 -32.32
N GLN C 873 -41.35 -16.13 -32.65
CA GLN C 873 -41.17 -15.06 -31.67
C GLN C 873 -42.51 -14.34 -31.52
N ILE C 874 -43.35 -14.87 -30.65
CA ILE C 874 -44.66 -14.28 -30.34
C ILE C 874 -44.55 -13.59 -29.00
N GLY C 875 -45.05 -12.35 -28.92
CA GLY C 875 -44.87 -11.51 -27.76
C GLY C 875 -43.65 -10.62 -27.82
N ARG C 876 -42.79 -10.79 -28.83
CA ARG C 876 -41.68 -9.88 -29.03
C ARG C 876 -42.19 -8.55 -29.57
N PHE C 877 -41.53 -7.47 -29.17
CA PHE C 877 -41.91 -6.15 -29.68
C PHE C 877 -41.72 -6.11 -31.19
N PHE C 878 -42.75 -5.65 -31.90
CA PHE C 878 -42.70 -5.65 -33.36
C PHE C 878 -41.63 -4.73 -33.89
N GLY C 879 -41.25 -3.69 -33.13
CA GLY C 879 -40.16 -2.83 -33.55
C GLY C 879 -38.80 -3.47 -33.44
N GLU C 880 -38.71 -4.68 -32.91
CA GLU C 880 -37.46 -5.40 -32.81
C GLU C 880 -37.28 -6.45 -33.90
N ILE C 881 -38.30 -6.71 -34.71
CA ILE C 881 -38.19 -7.65 -35.81
C ILE C 881 -38.39 -6.93 -37.13
N ASP C 882 -39.21 -5.87 -37.14
CA ASP C 882 -39.44 -5.06 -38.32
C ASP C 882 -39.39 -3.59 -37.91
N PRO C 883 -38.21 -3.09 -37.55
CA PRO C 883 -38.13 -1.73 -36.99
C PRO C 883 -38.56 -0.62 -37.94
N SER C 884 -38.37 -0.77 -39.25
CA SER C 884 -38.70 0.30 -40.17
C SER C 884 -40.20 0.56 -40.22
N LEU C 885 -40.99 -0.51 -40.35
CA LEU C 885 -42.44 -0.37 -40.38
C LEU C 885 -42.96 0.18 -39.06
N MET C 886 -42.39 -0.27 -37.94
CA MET C 886 -42.81 0.24 -36.64
C MET C 886 -42.50 1.73 -36.50
N ARG C 887 -41.31 2.14 -36.93
CA ARG C 887 -40.95 3.56 -36.87
C ARG C 887 -41.88 4.41 -37.73
N HIS C 888 -42.20 3.92 -38.94
CA HIS C 888 -43.10 4.67 -39.80
C HIS C 888 -44.51 4.73 -39.21
N LEU C 889 -44.95 3.63 -38.57
CA LEU C 889 -46.25 3.63 -37.91
C LEU C 889 -46.30 4.63 -36.78
N VAL C 890 -45.21 4.73 -36.00
CA VAL C 890 -45.14 5.75 -34.96
C VAL C 890 -45.17 7.14 -35.59
N ASN C 891 -44.52 7.31 -36.74
CA ASN C 891 -44.47 8.61 -37.39
C ASN C 891 -45.85 9.06 -37.86
N ILE C 892 -46.65 8.14 -38.39
CA ILE C 892 -47.95 8.49 -38.97
C ILE C 892 -49.01 8.57 -37.87
N SER C 893 -48.57 8.52 -36.62
CA SER C 893 -49.42 8.76 -35.45
C SER C 893 -50.51 7.71 -35.32
N VAL C 894 -50.14 6.44 -35.53
CA VAL C 894 -51.02 5.34 -35.15
C VAL C 894 -50.56 4.71 -33.83
N TYR C 895 -49.31 4.90 -33.44
CA TYR C 895 -48.77 4.42 -32.17
C TYR C 895 -48.10 5.58 -31.46
N ALA C 896 -48.74 6.08 -30.41
CA ALA C 896 -48.11 7.06 -29.55
C ALA C 896 -47.27 6.33 -28.51
N PHE C 897 -46.37 7.08 -27.88
CA PHE C 897 -45.54 6.51 -26.84
C PHE C 897 -45.06 7.64 -25.94
N ASN C 898 -44.84 7.31 -24.68
CA ASN C 898 -44.06 8.18 -23.82
C ASN C 898 -43.14 7.34 -22.93
N LYS C 899 -42.08 7.99 -22.47
CA LYS C 899 -41.04 7.37 -21.66
C LYS C 899 -41.12 7.87 -20.23
N SER C 900 -40.85 6.98 -19.29
CA SER C 900 -40.79 7.28 -17.86
C SER C 900 -39.49 6.75 -17.28
N TYR C 901 -39.18 7.21 -16.08
CA TYR C 901 -37.97 6.83 -15.36
C TYR C 901 -38.34 5.99 -14.15
N ASP C 902 -37.76 4.80 -14.05
CA ASP C 902 -37.87 3.95 -12.86
C ASP C 902 -36.60 4.16 -12.05
N TYR C 903 -36.75 4.72 -10.85
CA TYR C 903 -35.61 5.13 -10.04
C TYR C 903 -35.13 4.04 -9.09
N GLN C 904 -35.82 2.91 -9.02
CA GLN C 904 -35.41 1.78 -8.19
C GLN C 904 -35.35 0.56 -9.10
N SER C 905 -34.21 0.38 -9.77
CA SER C 905 -34.05 -0.73 -10.70
C SER C 905 -32.80 -1.52 -10.36
N VAL C 906 -32.90 -2.85 -10.45
CA VAL C 906 -31.72 -3.70 -10.35
C VAL C 906 -30.93 -3.60 -11.64
N CYS C 907 -29.62 -3.45 -11.52
CA CYS C 907 -28.78 -3.11 -12.65
C CYS C 907 -27.49 -3.92 -12.59
N GLU C 908 -27.08 -4.47 -13.73
CA GLU C 908 -25.78 -5.11 -13.84
C GLU C 908 -24.69 -4.05 -13.92
N PRO C 909 -23.73 -4.03 -12.99
CA PRO C 909 -22.71 -2.97 -13.02
C PRO C 909 -21.88 -3.02 -14.30
N GLY C 910 -21.55 -1.83 -14.80
CA GLY C 910 -20.71 -1.71 -15.97
C GLY C 910 -19.23 -1.70 -15.62
N ALA C 911 -18.42 -1.44 -16.64
CA ALA C 911 -16.97 -1.37 -16.50
C ALA C 911 -16.51 0.05 -16.74
N ALA C 912 -15.75 0.61 -15.80
CA ALA C 912 -15.23 1.96 -15.93
C ALA C 912 -13.98 2.15 -15.08
N SER C 973 -22.94 -8.20 -7.51
CA SER C 973 -23.53 -8.79 -8.70
C SER C 973 -24.57 -7.85 -9.33
N LYS C 974 -25.39 -7.24 -8.48
CA LYS C 974 -26.43 -6.31 -8.91
C LYS C 974 -26.42 -5.09 -8.01
N GLN C 975 -26.61 -3.92 -8.61
CA GLN C 975 -26.70 -2.68 -7.86
C GLN C 975 -28.04 -1.99 -8.18
N SER C 976 -28.22 -0.80 -7.65
CA SER C 976 -29.44 -0.03 -7.84
C SER C 976 -29.15 1.15 -8.76
N CYS C 977 -29.98 1.32 -9.79
CA CYS C 977 -29.82 2.46 -10.68
C CYS C 977 -31.17 2.80 -11.30
N ILE C 978 -31.14 3.76 -12.22
CA ILE C 978 -32.33 4.27 -12.91
C ILE C 978 -32.41 3.62 -14.28
N THR C 979 -33.63 3.28 -14.69
CA THR C 979 -33.89 2.77 -16.02
C THR C 979 -34.94 3.63 -16.69
N GLU C 980 -34.92 3.64 -18.02
CA GLU C 980 -35.93 4.29 -18.82
C GLU C 980 -36.86 3.21 -19.39
N GLN C 981 -38.16 3.46 -19.26
CA GLN C 981 -39.21 2.57 -19.76
C GLN C 981 -40.00 3.31 -20.81
N THR C 982 -40.18 2.67 -21.96
CA THR C 982 -40.99 3.21 -23.04
C THR C 982 -42.30 2.45 -23.11
N GLN C 983 -43.42 3.17 -23.18
CA GLN C 983 -44.71 2.54 -23.40
C GLN C 983 -45.42 3.14 -24.59
N TYR C 984 -45.97 2.25 -25.41
CA TYR C 984 -46.68 2.55 -26.63
C TYR C 984 -48.16 2.25 -26.45
N PHE C 985 -48.99 2.99 -27.18
CA PHE C 985 -50.44 2.83 -27.10
C PHE C 985 -51.06 3.47 -28.33
N PHE C 986 -52.38 3.34 -28.44
CA PHE C 986 -53.13 3.98 -29.52
C PHE C 986 -53.52 5.39 -29.10
N ASP C 987 -53.27 6.35 -29.98
CA ASP C 987 -53.64 7.74 -29.73
C ASP C 987 -54.74 8.22 -30.65
N ASN C 988 -54.62 7.98 -31.95
CA ASN C 988 -55.58 8.48 -32.92
C ASN C 988 -56.67 7.44 -33.14
N ASP C 989 -57.91 7.88 -33.20
CA ASP C 989 -59.06 7.00 -33.18
C ASP C 989 -59.50 6.53 -34.56
N SER C 990 -58.74 6.83 -35.61
CA SER C 990 -59.10 6.35 -36.93
C SER C 990 -58.93 4.84 -37.02
N LYS C 991 -59.62 4.23 -37.97
CA LYS C 991 -59.70 2.78 -38.08
C LYS C 991 -58.76 2.19 -39.12
N SER C 992 -58.60 2.84 -40.26
CA SER C 992 -57.80 2.31 -41.37
C SER C 992 -56.75 3.33 -41.77
N PHE C 993 -55.51 2.87 -41.90
CA PHE C 993 -54.40 3.69 -42.39
C PHE C 993 -53.71 2.97 -43.53
N SER C 994 -53.70 3.59 -44.70
CA SER C 994 -53.02 3.04 -45.88
C SER C 994 -51.91 3.97 -46.31
N GLY C 995 -50.78 3.40 -46.69
CA GLY C 995 -49.67 4.25 -47.09
C GLY C 995 -48.55 3.45 -47.73
N VAL C 996 -47.37 4.05 -47.82
CA VAL C 996 -46.22 3.33 -48.36
C VAL C 996 -44.92 3.80 -47.72
N LEU C 997 -44.21 2.88 -47.07
CA LEU C 997 -42.95 3.23 -46.45
C LEU C 997 -41.85 3.19 -47.49
N ASP C 998 -40.83 4.04 -47.31
CA ASP C 998 -39.72 4.07 -48.25
C ASP C 998 -38.39 3.86 -47.55
N CYS C 999 -37.32 3.69 -48.32
CA CYS C 999 -36.02 3.41 -47.72
C CYS C 999 -34.86 3.95 -48.55
N GLY C 1000 -35.14 4.83 -49.53
CA GLY C 1000 -34.13 5.22 -50.49
C GLY C 1000 -34.21 4.34 -51.72
N ASN C 1001 -34.67 4.92 -52.83
CA ASN C 1001 -35.05 4.24 -54.06
C ASN C 1001 -35.71 2.89 -53.79
N CYS C 1002 -36.63 2.88 -52.82
CA CYS C 1002 -37.40 1.69 -52.47
C CYS C 1002 -38.75 2.15 -51.93
N SER C 1003 -39.75 1.28 -52.04
CA SER C 1003 -41.08 1.60 -51.56
C SER C 1003 -41.80 0.33 -51.18
N ARG C 1004 -42.42 0.33 -49.99
CA ARG C 1004 -43.25 -0.77 -49.55
C ARG C 1004 -44.61 -0.23 -49.16
N ILE C 1005 -45.65 -0.77 -49.79
CA ILE C 1005 -47.03 -0.38 -49.52
C ILE C 1005 -47.53 -1.16 -48.30
N PHE C 1006 -48.29 -0.48 -47.45
CA PHE C 1006 -48.85 -1.06 -46.24
C PHE C 1006 -50.29 -0.61 -46.05
N HIS C 1007 -51.05 -1.45 -45.36
CA HIS C 1007 -52.39 -1.13 -44.90
C HIS C 1007 -52.57 -1.73 -43.52
N VAL C 1008 -53.01 -0.91 -42.56
CA VAL C 1008 -53.27 -1.33 -41.20
C VAL C 1008 -54.72 -1.00 -40.87
N GLU C 1009 -55.36 -1.90 -40.13
CA GLU C 1009 -56.75 -1.73 -39.75
C GLU C 1009 -56.92 -2.14 -38.29
N LYS C 1010 -57.64 -1.32 -37.52
CA LYS C 1010 -57.88 -1.59 -36.11
C LYS C 1010 -59.13 -2.46 -35.97
N LEU C 1011 -58.98 -3.62 -35.35
CA LEU C 1011 -60.10 -4.53 -35.17
C LEU C 1011 -61.10 -3.95 -34.18
N MET C 1012 -62.38 -4.14 -34.48
CA MET C 1012 -63.44 -3.59 -33.64
C MET C 1012 -63.57 -4.36 -32.33
N ASN C 1013 -63.93 -3.63 -31.28
CA ASN C 1013 -64.23 -4.18 -29.95
C ASN C 1013 -63.04 -4.92 -29.34
N THR C 1014 -61.84 -4.69 -29.85
CA THR C 1014 -60.63 -5.28 -29.28
C THR C 1014 -59.56 -4.19 -29.22
N ASN C 1015 -58.35 -4.60 -28.84
CA ASN C 1015 -57.18 -3.72 -28.84
C ASN C 1015 -56.16 -4.16 -29.89
N LEU C 1016 -56.63 -4.76 -30.99
CA LEU C 1016 -55.77 -5.39 -31.97
C LEU C 1016 -55.71 -4.56 -33.25
N ILE C 1017 -54.56 -4.65 -33.92
CA ILE C 1017 -54.35 -4.04 -35.23
C ILE C 1017 -53.82 -5.11 -36.17
N PHE C 1018 -54.28 -5.07 -37.42
CA PHE C 1018 -53.83 -5.99 -38.46
C PHE C 1018 -53.03 -5.19 -39.48
N ILE C 1019 -51.85 -5.67 -39.82
CA ILE C 1019 -50.94 -4.99 -40.74
C ILE C 1019 -50.64 -5.92 -41.90
N MET C 1020 -50.80 -5.42 -43.12
CA MET C 1020 -50.35 -6.14 -44.32
C MET C 1020 -49.44 -5.19 -45.10
N VAL C 1021 -48.24 -5.67 -45.42
CA VAL C 1021 -47.20 -4.84 -46.03
C VAL C 1021 -46.48 -5.65 -47.10
N GLU C 1022 -45.80 -4.94 -48.00
CA GLU C 1022 -44.88 -5.62 -48.90
C GLU C 1022 -43.72 -6.21 -48.11
N SER C 1023 -43.25 -7.38 -48.55
CA SER C 1023 -42.29 -8.15 -47.76
C SER C 1023 -41.00 -7.37 -47.51
N LYS C 1024 -40.44 -7.54 -46.32
CA LYS C 1024 -39.21 -6.85 -45.96
C LYS C 1024 -38.04 -7.28 -46.83
N GLY C 1025 -38.10 -8.50 -47.38
CA GLY C 1025 -37.06 -8.98 -48.27
C GLY C 1025 -37.10 -8.42 -49.67
N THR C 1026 -38.15 -7.67 -50.01
CA THR C 1026 -38.21 -7.03 -51.32
C THR C 1026 -37.10 -6.01 -51.49
N CYS C 1027 -36.86 -5.19 -50.47
CA CYS C 1027 -35.77 -4.23 -50.46
C CYS C 1027 -35.05 -4.31 -49.13
N PRO C 1028 -33.72 -4.47 -49.12
CA PRO C 1028 -32.96 -4.60 -47.86
C PRO C 1028 -32.67 -3.25 -47.20
N CYS C 1029 -33.69 -2.67 -46.58
CA CYS C 1029 -33.55 -1.43 -45.83
C CYS C 1029 -33.78 -1.71 -44.35
N ASP C 1030 -32.81 -1.32 -43.52
CA ASP C 1030 -32.89 -1.54 -42.08
C ASP C 1030 -31.89 -0.61 -41.42
N THR C 1031 -32.38 0.34 -40.62
CA THR C 1031 -31.52 1.36 -40.02
C THR C 1031 -31.08 0.98 -38.60
N ARG C 1032 -32.02 0.86 -37.67
CA ARG C 1032 -31.72 0.47 -36.30
C ARG C 1032 -32.95 -0.22 -35.70
N LEU C 1033 -32.71 -1.01 -34.66
CA LEU C 1033 -33.80 -1.65 -33.94
C LEU C 1033 -34.50 -0.64 -33.05
N LEU C 1034 -35.83 -0.78 -32.95
CA LEU C 1034 -36.65 0.03 -32.05
C LEU C 1034 -36.91 -0.81 -30.81
N ILE C 1035 -36.14 -0.56 -29.75
CA ILE C 1035 -36.19 -1.38 -28.55
C ILE C 1035 -37.22 -0.81 -27.59
N GLN C 1036 -38.12 -1.67 -27.13
CA GLN C 1036 -39.07 -1.35 -26.06
C GLN C 1036 -38.71 -2.27 -24.88
N ALA C 1037 -37.79 -1.82 -24.05
CA ALA C 1037 -37.31 -2.62 -22.94
C ALA C 1037 -36.71 -1.70 -21.88
N GLU C 1038 -36.49 -2.27 -20.70
CA GLU C 1038 -35.88 -1.55 -19.58
C GLU C 1038 -34.46 -1.17 -19.98
N GLN C 1039 -34.24 0.12 -20.25
CA GLN C 1039 -32.93 0.57 -20.73
C GLN C 1039 -32.25 1.37 -19.63
N THR C 1040 -31.17 0.83 -19.06
CA THR C 1040 -30.47 1.53 -17.99
C THR C 1040 -30.03 2.91 -18.46
N SER C 1041 -30.26 3.92 -17.62
CA SER C 1041 -30.04 5.30 -18.01
C SER C 1041 -29.46 6.07 -16.82
N ASP C 1042 -29.18 7.35 -17.05
CA ASP C 1042 -28.69 8.24 -16.01
C ASP C 1042 -29.49 9.53 -15.87
N GLY C 1043 -30.33 9.87 -16.84
CA GLY C 1043 -31.08 11.08 -16.79
C GLY C 1043 -32.20 11.02 -15.78
N PRO C 1044 -32.93 12.14 -15.62
CA PRO C 1044 -32.79 13.42 -16.33
C PRO C 1044 -31.58 14.24 -15.90
N ASP C 1045 -31.24 15.29 -16.62
CA ASP C 1045 -30.07 16.09 -16.28
C ASP C 1045 -30.31 16.84 -14.99
N PRO C 1046 -29.48 16.65 -13.98
CA PRO C 1046 -29.75 17.25 -12.66
C PRO C 1046 -29.60 18.77 -12.62
N CYS C 1047 -28.53 19.31 -13.19
CA CYS C 1047 -28.34 20.76 -13.14
C CYS C 1047 -29.08 21.50 -14.25
N ASP C 1048 -30.09 20.86 -14.85
CA ASP C 1048 -31.11 21.54 -15.62
C ASP C 1048 -32.43 21.65 -14.87
N MET C 1049 -32.67 20.76 -13.91
CA MET C 1049 -33.85 20.82 -13.07
C MET C 1049 -33.71 21.80 -11.91
N VAL C 1050 -32.49 22.25 -11.62
CA VAL C 1050 -32.31 23.23 -10.56
C VAL C 1050 -32.68 24.64 -11.03
N LYS C 1051 -32.64 24.89 -12.34
CA LYS C 1051 -33.05 26.20 -12.84
C LYS C 1051 -34.53 26.44 -12.60
N GLN C 1052 -35.37 25.44 -12.84
CA GLN C 1052 -36.77 25.48 -12.45
C GLN C 1052 -37.08 24.21 -11.65
N PRO C 1053 -37.12 24.30 -10.33
CA PRO C 1053 -37.40 23.13 -9.50
C PRO C 1053 -38.88 22.99 -9.19
N ARG C 1054 -39.22 21.84 -8.60
CA ARG C 1054 -40.60 21.58 -8.22
C ARG C 1054 -40.97 22.41 -7.00
N TYR C 1055 -42.27 22.64 -6.84
CA TYR C 1055 -42.77 23.41 -5.71
C TYR C 1055 -42.45 22.70 -4.41
N ARG C 1056 -42.15 23.47 -3.37
CA ARG C 1056 -41.68 22.92 -2.11
C ARG C 1056 -42.10 23.82 -0.96
N LYS C 1057 -42.23 23.21 0.22
CA LYS C 1057 -42.47 23.94 1.46
C LYS C 1057 -41.42 23.53 2.49
N GLY C 1058 -40.76 24.51 3.10
CA GLY C 1058 -39.80 24.25 4.13
C GLY C 1058 -40.45 24.27 5.50
N PRO C 1059 -39.70 23.85 6.53
CA PRO C 1059 -40.21 23.94 7.90
C PRO C 1059 -40.54 25.38 8.28
N ASP C 1060 -41.64 25.54 9.02
CA ASP C 1060 -42.13 26.87 9.34
C ASP C 1060 -41.27 27.53 10.41
N VAL C 1061 -40.86 26.78 11.43
CA VAL C 1061 -40.16 27.32 12.59
C VAL C 1061 -38.80 26.64 12.70
N CYS C 1062 -37.77 27.45 12.93
CA CYS C 1062 -36.41 26.93 13.15
C CYS C 1062 -35.65 27.91 14.01
N PHE C 1063 -34.62 27.40 14.69
CA PHE C 1063 -33.94 28.13 15.75
C PHE C 1063 -32.53 28.49 15.33
N ASP C 1064 -32.19 29.77 15.46
CA ASP C 1064 -30.85 30.28 15.17
C ASP C 1064 -30.65 31.58 15.92
N ASN C 1065 -29.39 31.95 16.09
CA ASN C 1065 -28.98 33.28 16.56
C ASN C 1065 -29.68 33.65 17.87
N ASN C 1066 -29.33 32.89 18.91
CA ASN C 1066 -29.77 33.22 20.27
C ASN C 1066 -28.72 34.09 20.94
N VAL C 1067 -29.16 35.22 21.50
CA VAL C 1067 -28.23 36.18 22.08
C VAL C 1067 -27.57 35.64 23.35
N LEU C 1068 -28.18 34.65 24.00
CA LEU C 1068 -27.61 34.05 25.20
C LEU C 1068 -26.49 33.06 24.90
N GLU C 1069 -26.23 32.77 23.62
CA GLU C 1069 -25.22 31.78 23.27
C GLU C 1069 -23.83 32.26 23.68
N ASP C 1070 -23.03 31.31 24.18
CA ASP C 1070 -21.68 31.64 24.65
C ASP C 1070 -20.69 31.73 23.49
N TYR C 1071 -20.51 30.62 22.77
CA TYR C 1071 -19.70 30.58 21.54
C TYR C 1071 -18.25 30.97 21.79
N THR C 1072 -17.81 30.85 23.04
CA THR C 1072 -16.41 31.07 23.39
C THR C 1072 -15.57 29.81 23.22
N ASP C 1073 -16.08 28.80 22.53
CA ASP C 1073 -15.35 27.56 22.28
C ASP C 1073 -15.14 27.38 20.78
N CYS C 1074 -13.92 27.06 20.39
CA CYS C 1074 -13.63 26.68 19.01
C CYS C 1074 -12.78 25.41 18.97
#